data_7RKU
#
_entry.id   7RKU
#
_cell.length_a   178.385
_cell.length_b   178.385
_cell.length_c   247.318
_cell.angle_alpha   90.000
_cell.angle_beta   90.000
_cell.angle_gamma   120.000
#
_symmetry.space_group_name_H-M   'P 61'
#
loop_
_entity.id
_entity.type
_entity.pdbx_description
1 polymer 'Spike protein S1'
2 polymer 'C022 Antibody Fab Heavy Chain'
3 polymer 'C022 Antibody Fab Light Chain'
4 branched beta-D-mannopyranose-(1-4)-2-acetamido-2-deoxy-beta-D-glucopyranose-(1-4)-2-acetamido-2-deoxy-beta-D-glucopyranose
5 non-polymer 2-acetamido-2-deoxy-beta-D-glucopyranose
#
loop_
_entity_poly.entity_id
_entity_poly.type
_entity_poly.pdbx_seq_one_letter_code
_entity_poly.pdbx_strand_id
1 'polypeptide(L)'
;RFPNITNLCPFGEVFNATRFASVYAWNRKRISNCVADYSVLYNSASFSTFKCYGVSPTKLNDLCFTNVYADSFVIRGDEV
RQIAPGQTGKIADYNYKLPDDFTGCVIAWNSNNLDSKVGGNYNYLYRLFRKSNLKPFERDISTEIYQAGSTPCNGVEGFN
CYFPLQSYGFQPTNGVGYQPYRVVVLSFELLHAPATVCGPKKSTNLHHHHHH
;
A,B,C,D
2 'polypeptide(L)'
;QVQLQESGPGLVKPSETLSVTCTVSGGSISSSRYYWGWIRQPPGKGLEWIGSIYYSGSTYYNPSLKSRVTISVDTSKNQF
SLKLSSVTAADTAVYYCARHAAAYYDRSGYYFIEYFQHWGQGTLVTVSSASTKGPSVFPLAPSSKSTSGGTAALGCLVKD
YFPEPVTVSWNSGALTSGVHTFPAVLQSSGLYSLSSVVTVPSSSLGTQTYICNVNHKPSNTKVDKRVEPKSCDKHHHHHH
;
E,G,H,J
3 'polypeptide(L)'
;DIQMTQSPSTLSASVGDSVTITCRASQSISSWLAWYQQKPGKAPKLLIYKASSLESGVPSRFSGSGSGTEFTLTISSLQP
DDFATYYCQQYNNYRYTFGQGTKLEIKRTVAAPSVFIFPPSDEQLKSGTASVVCLLNNFYPREAKVQWKVDNALQSGNSQ
ESVTEQDSKDSTYSLSSTLTLSKADYEKHKVYACEVTHQGLSSPVTKSFNRGECS
;
F,I,K,L
#
loop_
_chem_comp.id
_chem_comp.type
_chem_comp.name
_chem_comp.formula
BMA D-saccharide, beta linking beta-D-mannopyranose 'C6 H12 O6'
NAG D-saccharide, beta linking 2-acetamido-2-deoxy-beta-D-glucopyranose 'C8 H15 N O6'
#
# COMPACT_ATOMS: atom_id res chain seq x y z
N THR A 6 45.29 -30.15 19.76
CA THR A 6 45.25 -29.29 20.94
C THR A 6 44.02 -28.34 20.85
N ASN A 7 44.27 -27.03 20.97
CA ASN A 7 43.21 -25.99 21.00
C ASN A 7 43.12 -25.31 19.63
N LEU A 8 42.26 -25.85 18.76
CA LEU A 8 42.14 -25.47 17.35
C LEU A 8 41.23 -24.23 17.20
N CYS A 9 41.32 -23.58 16.04
CA CYS A 9 40.52 -22.35 16.10
C CYS A 9 39.10 -22.63 15.63
N PRO A 10 38.11 -22.05 16.30
CA PRO A 10 36.71 -22.45 16.08
C PRO A 10 36.15 -22.12 14.71
N PHE A 11 36.86 -22.51 13.65
CA PHE A 11 36.38 -22.19 12.31
C PHE A 11 35.11 -22.93 11.98
N GLY A 12 34.99 -24.17 12.47
CA GLY A 12 33.75 -24.88 12.28
C GLY A 12 32.57 -24.11 12.85
N GLU A 13 32.77 -23.48 14.01
CA GLU A 13 31.74 -22.62 14.59
C GLU A 13 31.21 -21.64 13.56
N VAL A 14 32.09 -21.06 12.75
CA VAL A 14 31.69 -19.99 11.84
C VAL A 14 31.08 -20.55 10.57
N PHE A 15 31.85 -21.37 9.84
CA PHE A 15 31.42 -21.83 8.52
C PHE A 15 30.28 -22.82 8.62
N ASN A 16 30.33 -23.67 9.64
CA ASN A 16 29.32 -24.70 9.81
C ASN A 16 28.24 -24.28 10.80
N ALA A 17 28.01 -22.99 10.96
CA ALA A 17 26.97 -22.60 11.90
C ALA A 17 25.61 -22.85 11.25
N THR A 18 24.59 -22.97 12.09
CA THR A 18 23.26 -23.21 11.55
C THR A 18 22.57 -21.92 11.18
N ARG A 19 22.73 -20.89 12.02
CA ARG A 19 22.11 -19.60 11.76
C ARG A 19 23.12 -18.63 11.18
N PHE A 20 22.71 -17.89 10.16
CA PHE A 20 23.52 -16.82 9.60
C PHE A 20 22.78 -15.50 9.71
N ALA A 21 23.51 -14.41 9.94
CA ALA A 21 22.88 -13.10 10.12
C ALA A 21 22.49 -12.49 8.77
N SER A 22 21.63 -11.48 8.82
CA SER A 22 21.36 -10.67 7.62
C SER A 22 22.50 -9.69 7.39
N VAL A 23 22.73 -9.36 6.12
CA VAL A 23 23.93 -8.62 5.77
C VAL A 23 23.99 -7.28 6.49
N TYR A 24 22.86 -6.58 6.62
CA TYR A 24 22.88 -5.26 7.24
C TYR A 24 23.25 -5.34 8.72
N ALA A 25 22.94 -6.45 9.37
CA ALA A 25 23.30 -6.64 10.78
C ALA A 25 24.30 -7.78 10.99
N TRP A 26 25.37 -7.78 10.20
CA TRP A 26 26.30 -8.88 10.13
C TRP A 26 26.92 -9.20 11.48
N ASN A 27 27.39 -10.44 11.61
CA ASN A 27 27.84 -10.96 12.89
C ASN A 27 29.35 -11.11 12.86
N ARG A 28 30.06 -10.54 13.85
CA ARG A 28 31.51 -10.62 13.91
C ARG A 28 31.95 -11.52 15.06
N LYS A 29 32.71 -12.56 14.74
CA LYS A 29 33.27 -13.49 15.71
C LYS A 29 34.76 -13.19 15.84
N ARG A 30 35.21 -12.99 17.06
CA ARG A 30 36.62 -12.76 17.34
C ARG A 30 37.28 -14.11 17.50
N ILE A 31 38.46 -14.25 16.94
CA ILE A 31 39.23 -15.49 17.05
C ILE A 31 40.62 -15.13 17.56
N SER A 32 41.02 -15.70 18.70
CA SER A 32 42.34 -15.44 19.27
C SER A 32 42.77 -16.61 20.14
N ASN A 33 44.07 -16.61 20.49
CA ASN A 33 44.67 -17.54 21.44
C ASN A 33 44.43 -18.99 21.04
N CYS A 34 44.73 -19.31 19.79
CA CYS A 34 44.57 -20.67 19.30
C CYS A 34 45.49 -20.86 18.11
N VAL A 35 45.41 -22.06 17.51
CA VAL A 35 46.16 -22.36 16.30
C VAL A 35 45.18 -22.81 15.23
N ALA A 36 45.29 -22.20 14.06
CA ALA A 36 44.31 -22.32 12.99
C ALA A 36 44.91 -23.08 11.82
N ASP A 37 44.21 -24.11 11.37
CA ASP A 37 44.60 -24.80 10.15
C ASP A 37 43.87 -24.17 8.97
N TYR A 38 44.59 -23.34 8.20
CA TYR A 38 43.96 -22.74 7.03
C TYR A 38 43.80 -23.74 5.90
N SER A 39 44.60 -24.80 5.89
CA SER A 39 44.54 -25.75 4.77
C SER A 39 43.17 -26.41 4.67
N VAL A 40 42.43 -26.51 5.79
CA VAL A 40 41.07 -27.06 5.73
C VAL A 40 40.18 -26.19 4.86
N LEU A 41 40.44 -24.88 4.81
CA LEU A 41 39.61 -23.99 4.00
C LEU A 41 39.96 -24.09 2.52
N TYR A 42 41.16 -23.64 2.13
CA TYR A 42 41.45 -23.54 0.70
C TYR A 42 41.51 -24.91 0.02
N ASN A 43 42.03 -25.93 0.69
CA ASN A 43 41.91 -27.25 0.08
C ASN A 43 40.47 -27.70 0.28
N SER A 44 39.61 -27.12 -0.56
CA SER A 44 38.21 -27.46 -0.67
C SER A 44 37.59 -26.72 -1.84
N ALA A 45 36.90 -27.45 -2.72
CA ALA A 45 36.12 -26.82 -3.77
C ALA A 45 34.65 -26.72 -3.39
N SER A 46 34.31 -27.00 -2.12
CA SER A 46 32.93 -26.81 -1.66
C SER A 46 32.49 -25.34 -1.67
N PHE A 47 33.41 -24.39 -1.91
CA PHE A 47 33.19 -22.95 -1.93
C PHE A 47 33.04 -22.46 -3.35
N SER A 48 32.19 -21.42 -3.52
CA SER A 48 31.94 -20.82 -4.83
C SER A 48 32.78 -19.58 -5.10
N THR A 49 33.17 -18.83 -4.06
CA THR A 49 34.09 -17.70 -4.19
C THR A 49 35.15 -17.85 -3.11
N PHE A 50 36.40 -17.56 -3.45
CA PHE A 50 37.49 -17.69 -2.48
C PHE A 50 38.60 -16.77 -2.98
N LYS A 51 38.56 -15.53 -2.49
CA LYS A 51 39.53 -14.50 -2.85
C LYS A 51 40.09 -13.94 -1.55
N CYS A 52 41.42 -13.88 -1.46
CA CYS A 52 42.12 -13.26 -0.34
C CYS A 52 42.82 -12.02 -0.87
N TYR A 53 42.83 -10.98 -0.03
CA TYR A 53 43.32 -9.65 -0.40
C TYR A 53 44.51 -9.32 0.50
N GLY A 54 45.64 -8.98 -0.08
CA GLY A 54 46.74 -8.55 0.74
C GLY A 54 47.63 -9.63 1.31
N VAL A 55 47.19 -10.91 1.36
CA VAL A 55 48.10 -12.03 1.65
C VAL A 55 47.69 -13.20 0.78
N SER A 56 48.65 -14.12 0.54
CA SER A 56 48.28 -15.31 -0.24
C SER A 56 47.92 -16.45 0.72
N PRO A 57 46.87 -17.21 0.45
CA PRO A 57 46.45 -18.25 1.40
C PRO A 57 47.51 -19.29 1.61
N THR A 58 48.28 -19.59 0.55
CA THR A 58 49.43 -20.46 0.70
C THR A 58 50.36 -19.97 1.80
N LYS A 59 50.69 -18.67 1.81
CA LYS A 59 51.56 -18.09 2.84
C LYS A 59 50.84 -17.88 4.18
N LEU A 60 49.64 -18.40 4.37
CA LEU A 60 48.94 -18.09 5.62
C LEU A 60 49.52 -18.87 6.78
N ASN A 61 49.80 -20.17 6.59
CA ASN A 61 50.30 -20.98 7.68
C ASN A 61 51.65 -20.50 8.21
N ASP A 62 52.35 -19.62 7.50
CA ASP A 62 53.65 -19.13 7.94
C ASP A 62 53.57 -17.86 8.75
N LEU A 63 52.39 -17.31 8.93
CA LEU A 63 52.26 -16.01 9.56
C LEU A 63 51.51 -16.19 10.86
N CYS A 64 51.64 -15.21 11.73
CA CYS A 64 50.95 -15.19 13.00
C CYS A 64 50.24 -13.86 13.13
N PHE A 65 49.04 -13.87 13.72
CA PHE A 65 48.25 -12.66 13.89
C PHE A 65 47.77 -12.54 15.32
N THR A 66 47.41 -11.31 15.69
CA THR A 66 46.91 -11.05 17.04
C THR A 66 45.42 -11.32 17.17
N ASN A 67 44.67 -11.07 16.09
CA ASN A 67 43.25 -11.34 15.99
C ASN A 67 42.93 -11.84 14.60
N VAL A 68 41.94 -12.72 14.51
CA VAL A 68 41.26 -12.96 13.25
C VAL A 68 39.80 -12.67 13.49
N TYR A 69 39.21 -11.80 12.68
CA TYR A 69 37.79 -11.51 12.78
C TYR A 69 37.08 -12.25 11.66
N ALA A 70 35.98 -12.92 12.01
CA ALA A 70 35.21 -13.73 11.07
C ALA A 70 33.82 -13.11 10.99
N ASP A 71 33.61 -12.23 10.02
CA ASP A 71 32.30 -11.61 9.78
C ASP A 71 31.56 -12.51 8.81
N SER A 72 30.28 -12.76 9.10
CA SER A 72 29.48 -13.70 8.31
C SER A 72 28.05 -13.20 8.18
N PHE A 73 27.49 -13.35 6.99
CA PHE A 73 26.17 -12.82 6.66
C PHE A 73 25.70 -13.56 5.42
N VAL A 74 24.50 -13.20 4.95
CA VAL A 74 23.92 -13.84 3.78
C VAL A 74 23.39 -12.80 2.82
N ILE A 75 23.80 -12.92 1.55
CA ILE A 75 23.30 -12.09 0.46
C ILE A 75 23.03 -12.99 -0.73
N ARG A 76 22.39 -12.41 -1.74
CA ARG A 76 22.16 -13.20 -2.95
C ARG A 76 23.40 -13.19 -3.81
N GLY A 77 23.50 -14.19 -4.68
CA GLY A 77 24.76 -14.48 -5.35
C GLY A 77 25.25 -13.35 -6.23
N ASP A 78 24.33 -12.62 -6.87
CA ASP A 78 24.80 -11.54 -7.74
C ASP A 78 25.45 -10.40 -6.95
N GLU A 79 25.38 -10.43 -5.63
CA GLU A 79 26.00 -9.43 -4.80
C GLU A 79 27.33 -9.87 -4.18
N VAL A 80 27.72 -11.14 -4.29
CA VAL A 80 28.99 -11.52 -3.66
C VAL A 80 30.10 -10.71 -4.28
N ARG A 81 29.95 -10.33 -5.55
CA ARG A 81 30.98 -9.53 -6.19
C ARG A 81 31.14 -8.15 -5.59
N GLN A 82 30.26 -7.74 -4.66
CA GLN A 82 30.38 -6.47 -3.96
C GLN A 82 31.18 -6.56 -2.65
N ILE A 83 31.51 -7.77 -2.20
CA ILE A 83 32.27 -8.00 -0.98
C ILE A 83 33.76 -7.97 -1.30
N ALA A 84 34.25 -6.80 -1.72
CA ALA A 84 35.63 -6.58 -2.11
C ALA A 84 36.00 -5.14 -1.84
N PRO A 85 37.28 -4.84 -1.65
CA PRO A 85 37.71 -3.44 -1.51
C PRO A 85 37.34 -2.58 -2.71
N GLY A 86 36.74 -1.44 -2.45
CA GLY A 86 36.48 -0.49 -3.49
C GLY A 86 35.27 -0.77 -4.34
N GLN A 87 34.48 -1.80 -4.02
CA GLN A 87 33.28 -2.03 -4.80
C GLN A 87 32.20 -1.00 -4.45
N THR A 88 31.20 -0.92 -5.31
CA THR A 88 30.06 -0.06 -5.12
C THR A 88 28.76 -0.85 -5.35
N GLY A 89 27.64 -0.27 -4.92
CA GLY A 89 26.37 -0.96 -4.90
C GLY A 89 25.78 -1.02 -3.50
N LYS A 90 24.50 -1.41 -3.46
CA LYS A 90 23.76 -1.38 -2.20
C LYS A 90 24.47 -2.17 -1.11
N ILE A 91 25.00 -3.35 -1.44
CA ILE A 91 25.67 -4.13 -0.40
C ILE A 91 26.94 -3.45 0.03
N ALA A 92 27.73 -2.99 -0.94
CA ALA A 92 29.03 -2.40 -0.60
C ALA A 92 28.88 -1.07 0.12
N ASP A 93 27.91 -0.25 -0.25
CA ASP A 93 27.84 1.08 0.34
C ASP A 93 26.94 1.17 1.56
N TYR A 94 25.93 0.32 1.68
CA TYR A 94 24.94 0.44 2.73
C TYR A 94 24.94 -0.72 3.71
N ASN A 95 25.77 -1.75 3.53
CA ASN A 95 25.65 -2.91 4.41
C ASN A 95 26.96 -3.47 4.93
N TYR A 96 27.98 -3.54 4.08
CA TYR A 96 29.25 -4.14 4.48
C TYR A 96 30.33 -3.57 3.57
N LYS A 97 31.14 -2.65 4.10
CA LYS A 97 32.15 -1.96 3.31
C LYS A 97 33.51 -2.57 3.62
N LEU A 98 34.26 -2.90 2.60
CA LEU A 98 35.59 -3.26 3.07
C LEU A 98 36.58 -2.12 2.82
N PRO A 99 37.64 -2.02 3.61
CA PRO A 99 38.57 -0.89 3.45
C PRO A 99 39.53 -1.06 2.28
N ASP A 100 40.02 0.09 1.79
CA ASP A 100 40.93 0.09 0.64
C ASP A 100 42.17 -0.79 0.84
N ASP A 101 42.60 -1.01 2.08
CA ASP A 101 43.84 -1.72 2.39
C ASP A 101 43.61 -3.04 3.11
N PHE A 102 42.49 -3.70 2.81
CA PHE A 102 42.03 -4.85 3.57
C PHE A 102 43.01 -6.00 3.49
N THR A 103 43.34 -6.56 4.63
CA THR A 103 44.13 -7.80 4.66
C THR A 103 43.27 -8.95 5.18
N GLY A 104 42.78 -9.79 4.28
CA GLY A 104 41.95 -10.91 4.69
C GLY A 104 41.43 -11.67 3.50
N CYS A 105 40.45 -12.54 3.77
CA CYS A 105 39.86 -13.39 2.75
C CYS A 105 38.35 -13.25 2.73
N VAL A 106 37.77 -13.63 1.60
CA VAL A 106 36.34 -13.56 1.41
C VAL A 106 35.92 -14.90 0.82
N ILE A 107 35.17 -15.67 1.59
CA ILE A 107 34.80 -17.02 1.21
C ILE A 107 33.28 -17.10 1.20
N ALA A 108 32.71 -17.66 0.13
CA ALA A 108 31.27 -17.72 -0.04
C ALA A 108 30.88 -19.04 -0.69
N TRP A 109 29.68 -19.53 -0.36
CA TRP A 109 29.23 -20.75 -1.00
C TRP A 109 27.73 -20.68 -1.13
N ASN A 110 27.19 -21.36 -2.14
CA ASN A 110 25.75 -21.34 -2.34
C ASN A 110 25.04 -22.16 -1.27
N SER A 111 23.91 -21.62 -0.79
CA SER A 111 23.09 -22.24 0.24
C SER A 111 21.62 -22.15 -0.13
N ASN A 112 21.28 -22.47 -1.39
CA ASN A 112 19.88 -22.50 -1.79
C ASN A 112 19.13 -23.57 -0.99
N ASN A 113 19.77 -24.73 -0.79
CA ASN A 113 19.17 -25.85 -0.07
C ASN A 113 19.05 -25.61 1.43
N LEU A 114 19.56 -24.48 1.94
CA LEU A 114 19.42 -24.15 3.35
C LEU A 114 18.56 -22.91 3.60
N ASP A 115 18.66 -21.88 2.76
CA ASP A 115 18.02 -20.61 3.04
C ASP A 115 16.85 -20.28 2.11
N SER A 116 16.46 -21.19 1.22
CA SER A 116 15.22 -21.04 0.47
C SER A 116 14.09 -21.89 1.03
N LYS A 117 12.89 -21.31 1.05
CA LYS A 117 11.67 -21.96 1.50
C LYS A 117 10.62 -21.68 0.46
N VAL A 118 9.76 -22.67 0.21
CA VAL A 118 8.74 -22.51 -0.79
C VAL A 118 7.86 -21.32 -0.40
N GLY A 119 7.62 -20.44 -1.36
CA GLY A 119 6.96 -19.18 -1.11
C GLY A 119 7.87 -18.05 -0.68
N GLY A 120 9.12 -18.34 -0.35
CA GLY A 120 10.07 -17.29 -0.05
C GLY A 120 10.54 -17.24 1.39
N ASN A 121 11.85 -17.16 1.61
CA ASN A 121 12.39 -16.85 2.93
C ASN A 121 12.53 -15.34 2.98
N TYR A 122 11.61 -14.69 3.69
CA TYR A 122 11.61 -13.25 3.80
C TYR A 122 12.24 -12.77 5.10
N ASN A 123 12.96 -13.67 5.79
CA ASN A 123 13.66 -13.39 7.04
C ASN A 123 15.04 -12.79 6.83
N TYR A 124 15.56 -12.79 5.61
CA TYR A 124 16.83 -12.16 5.34
C TYR A 124 16.57 -10.76 4.82
N LEU A 125 17.21 -9.78 5.45
CA LEU A 125 17.01 -8.38 5.11
C LEU A 125 18.31 -7.77 4.64
N TYR A 126 18.17 -6.62 3.98
CA TYR A 126 19.31 -5.82 3.56
C TYR A 126 18.92 -4.36 3.62
N ARG A 127 19.87 -3.51 3.95
CA ARG A 127 19.55 -2.09 3.97
C ARG A 127 19.50 -1.59 2.53
N LEU A 128 18.50 -0.80 2.23
CA LEU A 128 18.28 -0.29 0.89
C LEU A 128 18.53 1.20 0.77
N PHE A 129 18.27 1.96 1.84
CA PHE A 129 18.46 3.40 1.87
C PHE A 129 19.35 3.79 3.02
N ARG A 130 20.15 4.83 2.78
CA ARG A 130 20.98 5.46 3.79
C ARG A 130 21.31 6.85 3.27
N LYS A 131 21.50 7.80 4.19
CA LYS A 131 21.84 9.11 3.65
C LYS A 131 23.33 9.26 3.31
N SER A 132 24.17 8.32 3.73
CA SER A 132 25.60 8.38 3.46
C SER A 132 26.12 6.97 3.33
N ASN A 133 27.27 6.83 2.68
CA ASN A 133 27.90 5.52 2.60
C ASN A 133 28.39 5.08 3.98
N LEU A 134 28.51 3.76 4.16
CA LEU A 134 29.11 3.22 5.38
C LEU A 134 30.61 3.47 5.38
N LYS A 135 31.15 3.58 6.56
CA LYS A 135 32.59 3.50 6.67
C LYS A 135 33.02 2.04 6.72
N PRO A 136 34.28 1.77 6.42
CA PRO A 136 34.74 0.37 6.41
C PRO A 136 34.52 -0.26 7.76
N PHE A 137 33.90 -1.43 7.71
CA PHE A 137 33.53 -2.21 8.88
C PHE A 137 32.46 -1.53 9.72
N GLU A 138 31.76 -0.55 9.20
CA GLU A 138 30.58 -0.09 9.91
C GLU A 138 29.46 -1.13 9.82
N ARG A 139 28.57 -1.06 10.80
CA ARG A 139 27.44 -1.98 10.96
C ARG A 139 26.28 -1.14 11.46
N ASP A 140 25.30 -0.92 10.60
CA ASP A 140 24.25 0.06 10.85
C ASP A 140 22.92 -0.69 10.87
N ILE A 141 22.29 -0.72 12.05
CA ILE A 141 21.05 -1.45 12.25
C ILE A 141 19.90 -0.50 12.56
N SER A 142 20.09 0.80 12.37
CA SER A 142 19.02 1.76 12.66
C SER A 142 17.85 1.54 11.71
N THR A 143 16.64 1.56 12.27
CA THR A 143 15.42 1.35 11.49
C THR A 143 14.66 2.66 11.35
N GLU A 144 15.39 3.76 11.29
CA GLU A 144 14.77 5.06 11.23
C GLU A 144 14.27 5.30 9.82
N ILE A 145 13.05 5.81 9.70
CA ILE A 145 12.47 6.03 8.38
C ILE A 145 13.31 7.00 7.58
N TYR A 146 13.50 6.68 6.31
CA TYR A 146 14.40 7.43 5.43
C TYR A 146 13.62 8.50 4.69
N GLN A 147 14.10 9.74 4.79
CA GLN A 147 13.47 10.89 4.15
C GLN A 147 14.01 10.99 2.73
N ALA A 148 13.21 10.55 1.76
CA ALA A 148 13.58 10.63 0.37
C ALA A 148 13.10 11.91 -0.31
N GLY A 149 12.27 12.70 0.37
CA GLY A 149 11.74 13.95 -0.16
C GLY A 149 12.05 15.11 0.78
N SER A 150 11.08 16.03 0.89
CA SER A 150 11.16 17.15 1.82
C SER A 150 10.30 16.95 3.06
N THR A 151 9.39 15.97 3.05
CA THR A 151 8.50 15.75 4.18
C THR A 151 9.28 15.05 5.29
N PRO A 152 9.35 15.62 6.50
CA PRO A 152 9.83 14.83 7.63
C PRO A 152 8.88 13.68 7.88
N CYS A 153 9.45 12.51 8.20
CA CYS A 153 8.64 11.29 8.17
C CYS A 153 8.15 10.84 9.54
N ASN A 154 8.89 11.20 10.61
CA ASN A 154 8.46 11.03 12.00
C ASN A 154 7.95 9.62 12.31
N GLY A 155 8.75 8.63 11.94
CA GLY A 155 8.40 7.25 12.22
C GLY A 155 7.15 6.76 11.54
N VAL A 156 6.67 7.45 10.52
CA VAL A 156 5.49 7.01 9.76
C VAL A 156 5.90 6.89 8.30
N GLU A 157 5.75 5.68 7.76
CA GLU A 157 5.94 5.41 6.35
C GLU A 157 4.88 6.12 5.50
N GLY A 158 5.21 6.35 4.23
CA GLY A 158 4.25 6.97 3.34
C GLY A 158 4.84 7.35 2.01
N PHE A 159 4.37 8.47 1.46
CA PHE A 159 4.96 9.02 0.24
C PHE A 159 6.30 9.64 0.56
N ASN A 160 7.34 9.22 -0.17
CA ASN A 160 8.73 9.64 0.03
C ASN A 160 9.29 9.25 1.40
N CYS A 161 8.63 8.32 2.11
CA CYS A 161 8.99 7.93 3.47
C CYS A 161 9.12 6.40 3.54
N TYR A 162 10.30 5.90 3.23
CA TYR A 162 10.51 4.47 3.14
C TYR A 162 11.24 3.94 4.37
N PHE A 163 10.76 2.81 4.85
CA PHE A 163 11.45 1.99 5.84
C PHE A 163 12.69 1.37 5.20
N PRO A 164 13.88 1.51 5.82
CA PRO A 164 15.12 1.36 5.06
C PRO A 164 15.55 -0.07 4.81
N LEU A 165 14.90 -1.07 5.40
CA LEU A 165 15.25 -2.46 5.14
C LEU A 165 14.19 -3.13 4.26
N GLN A 166 14.66 -3.90 3.29
CA GLN A 166 13.80 -4.65 2.41
C GLN A 166 14.12 -6.12 2.59
N SER A 167 13.20 -6.96 2.20
CA SER A 167 13.43 -8.37 2.43
C SER A 167 14.00 -9.01 1.17
N TYR A 168 14.65 -10.14 1.35
CA TYR A 168 15.22 -10.81 0.20
C TYR A 168 14.20 -11.69 -0.50
N GLY A 169 13.53 -12.56 0.24
CA GLY A 169 12.56 -13.44 -0.39
C GLY A 169 13.19 -14.49 -1.30
N PHE A 170 13.99 -15.37 -0.69
CA PHE A 170 14.70 -16.43 -1.41
C PHE A 170 13.76 -17.60 -1.68
N GLN A 171 13.45 -17.84 -2.96
CA GLN A 171 12.66 -18.99 -3.41
C GLN A 171 13.55 -20.04 -4.07
N PRO A 172 13.34 -21.34 -3.78
CA PRO A 172 14.26 -22.37 -4.32
C PRO A 172 14.28 -22.42 -5.84
N THR A 173 13.31 -21.80 -6.47
CA THR A 173 13.17 -21.76 -7.91
C THR A 173 13.96 -20.63 -8.58
N ASN A 174 14.48 -19.67 -7.81
CA ASN A 174 15.09 -18.48 -8.42
C ASN A 174 16.32 -18.87 -9.24
N GLY A 175 16.61 -18.04 -10.26
CA GLY A 175 17.89 -18.17 -10.94
C GLY A 175 19.05 -17.98 -9.97
N VAL A 176 20.24 -18.44 -10.37
CA VAL A 176 21.32 -18.48 -9.38
C VAL A 176 21.69 -17.08 -8.93
N GLY A 177 21.56 -16.09 -9.80
CA GLY A 177 21.84 -14.73 -9.39
C GLY A 177 21.04 -14.27 -8.19
N TYR A 178 19.93 -14.93 -7.89
CA TYR A 178 19.06 -14.51 -6.79
C TYR A 178 18.94 -15.57 -5.70
N GLN A 179 19.81 -16.51 -5.69
CA GLN A 179 19.76 -17.47 -4.60
C GLN A 179 20.60 -17.00 -3.42
N PRO A 180 20.28 -17.47 -2.23
CA PRO A 180 21.03 -17.01 -1.06
C PRO A 180 22.41 -17.63 -1.05
N TYR A 181 23.43 -16.80 -0.81
CA TYR A 181 24.79 -17.28 -0.55
C TYR A 181 25.23 -16.90 0.86
N ARG A 182 25.93 -17.81 1.51
CA ARG A 182 26.53 -17.50 2.79
C ARG A 182 27.95 -17.03 2.54
N VAL A 183 28.37 -16.00 3.28
CA VAL A 183 29.68 -15.39 3.13
C VAL A 183 30.36 -15.36 4.49
N VAL A 184 31.66 -15.66 4.52
CA VAL A 184 32.51 -15.41 5.68
C VAL A 184 33.65 -14.51 5.21
N VAL A 185 34.03 -13.54 6.03
CA VAL A 185 35.11 -12.62 5.69
C VAL A 185 36.11 -12.65 6.83
N LEU A 186 37.25 -13.29 6.60
CA LEU A 186 38.30 -13.37 7.61
C LEU A 186 39.23 -12.16 7.48
N SER A 187 39.33 -11.36 8.55
CA SER A 187 40.30 -10.27 8.64
C SER A 187 41.51 -10.76 9.44
N PHE A 188 42.72 -10.50 8.92
CA PHE A 188 43.98 -10.93 9.56
C PHE A 188 44.64 -9.67 10.06
N GLU A 189 44.29 -9.30 11.28
CA GLU A 189 44.79 -8.09 11.90
C GLU A 189 45.95 -8.50 12.81
N LEU A 190 47.02 -7.72 12.78
CA LEU A 190 48.03 -7.82 13.82
C LEU A 190 48.32 -6.38 14.23
N LEU A 191 47.87 -6.07 15.44
CA LEU A 191 47.97 -4.76 16.03
C LEU A 191 49.25 -4.67 16.84
N HIS A 192 49.24 -3.83 17.86
CA HIS A 192 50.33 -3.74 18.82
C HIS A 192 50.18 -4.73 19.96
N ALA A 193 49.63 -5.90 19.70
CA ALA A 193 49.61 -7.01 20.63
C ALA A 193 50.63 -8.06 20.22
N PRO A 194 50.85 -9.07 21.06
CA PRO A 194 51.71 -10.18 20.66
C PRO A 194 50.93 -11.16 19.80
N ALA A 195 51.62 -11.75 18.81
CA ALA A 195 50.97 -12.68 17.90
C ALA A 195 50.47 -13.93 18.63
N THR A 196 49.16 -14.17 18.57
CA THR A 196 48.53 -15.27 19.30
C THR A 196 47.67 -16.21 18.44
N VAL A 197 47.67 -16.07 17.12
CA VAL A 197 46.89 -16.95 16.24
C VAL A 197 47.82 -17.45 15.16
N CYS A 198 48.40 -18.62 15.36
CA CYS A 198 49.43 -19.11 14.46
C CYS A 198 48.92 -20.32 13.69
N GLY A 199 49.81 -20.89 12.89
CA GLY A 199 49.47 -22.10 12.19
C GLY A 199 50.15 -23.27 12.86
N PRO A 200 50.10 -24.39 12.21
CA PRO A 200 50.65 -25.63 12.80
C PRO A 200 52.18 -25.72 12.89
N LYS A 201 52.70 -26.92 13.20
CA LYS A 201 54.14 -27.26 13.21
C LYS A 201 54.85 -26.88 11.90
N THR B 6 -21.82 -53.17 4.77
CA THR B 6 -22.04 -53.32 3.33
C THR B 6 -21.44 -52.09 2.57
N ASN B 7 -22.28 -51.10 2.24
CA ASN B 7 -21.87 -49.90 1.50
C ASN B 7 -22.30 -48.65 2.27
N LEU B 8 -21.40 -48.14 3.13
CA LEU B 8 -21.66 -47.07 4.08
C LEU B 8 -21.52 -45.69 3.44
N CYS B 9 -22.05 -44.69 4.14
CA CYS B 9 -21.92 -43.47 3.36
C CYS B 9 -20.60 -42.81 3.71
N PRO B 10 -19.91 -42.27 2.72
CA PRO B 10 -18.52 -41.81 2.94
C PRO B 10 -18.40 -40.61 3.88
N PHE B 11 -18.98 -40.70 5.08
CA PHE B 11 -18.93 -39.54 5.98
C PHE B 11 -17.52 -39.29 6.46
N GLY B 12 -16.73 -40.36 6.66
CA GLY B 12 -15.33 -40.15 6.96
C GLY B 12 -14.65 -39.32 5.89
N GLU B 13 -14.99 -39.59 4.61
CA GLU B 13 -14.45 -38.77 3.53
C GLU B 13 -14.63 -37.29 3.81
N VAL B 14 -15.79 -36.93 4.34
CA VAL B 14 -16.13 -35.51 4.50
C VAL B 14 -15.48 -34.95 5.76
N PHE B 15 -15.80 -35.54 6.92
CA PHE B 15 -15.34 -34.97 8.19
C PHE B 15 -13.85 -35.19 8.40
N ASN B 16 -13.36 -36.35 8.00
CA ASN B 16 -11.98 -36.73 8.25
C ASN B 16 -11.10 -36.42 7.05
N ALA B 17 -11.47 -35.44 6.22
CA ALA B 17 -10.62 -35.14 5.08
C ALA B 17 -9.42 -34.33 5.54
N THR B 18 -8.35 -34.39 4.75
CA THR B 18 -7.15 -33.66 5.13
C THR B 18 -7.23 -32.22 4.67
N ARG B 19 -7.70 -31.99 3.45
CA ARG B 19 -7.81 -30.64 2.91
C ARG B 19 -9.25 -30.18 3.06
N PHE B 20 -9.45 -28.95 3.52
CA PHE B 20 -10.78 -28.37 3.57
C PHE B 20 -10.82 -27.13 2.71
N ALA B 21 -11.95 -26.89 2.05
CA ALA B 21 -12.00 -25.76 1.15
C ALA B 21 -12.11 -24.45 1.91
N SER B 22 -11.83 -23.34 1.22
CA SER B 22 -12.06 -22.01 1.78
C SER B 22 -13.53 -21.65 1.65
N VAL B 23 -14.05 -20.87 2.61
CA VAL B 23 -15.50 -20.71 2.72
C VAL B 23 -16.11 -20.12 1.46
N TYR B 24 -15.46 -19.15 0.85
CA TYR B 24 -16.05 -18.51 -0.34
C TYR B 24 -16.17 -19.49 -1.49
N ALA B 25 -15.28 -20.49 -1.52
CA ALA B 25 -15.32 -21.52 -2.55
C ALA B 25 -15.64 -22.89 -1.95
N TRP B 26 -16.71 -22.95 -1.15
CA TRP B 26 -16.99 -24.14 -0.38
C TRP B 26 -17.17 -25.34 -1.28
N ASN B 27 -16.97 -26.52 -0.70
CA ASN B 27 -16.89 -27.75 -1.44
C ASN B 27 -18.12 -28.59 -1.14
N ARG B 28 -18.86 -29.00 -2.19
CA ARG B 28 -20.08 -29.80 -2.01
C ARG B 28 -19.86 -31.25 -2.48
N LYS B 29 -20.07 -32.19 -1.58
CA LYS B 29 -19.99 -33.61 -1.88
C LYS B 29 -21.41 -34.16 -1.95
N ARG B 30 -21.74 -34.83 -3.03
CA ARG B 30 -23.05 -35.46 -3.14
C ARG B 30 -22.92 -36.87 -2.57
N ILE B 31 -23.93 -37.28 -1.80
CA ILE B 31 -23.97 -38.59 -1.15
C ILE B 31 -25.27 -39.28 -1.54
N SER B 32 -25.19 -40.47 -2.13
CA SER B 32 -26.39 -41.21 -2.53
C SER B 32 -26.08 -42.70 -2.62
N ASN B 33 -27.15 -43.50 -2.77
CA ASN B 33 -27.06 -44.94 -3.00
C ASN B 33 -26.22 -45.63 -1.95
N CYS B 34 -26.55 -45.38 -0.69
CA CYS B 34 -25.80 -45.96 0.41
C CYS B 34 -26.68 -46.00 1.65
N VAL B 35 -26.09 -46.46 2.76
CA VAL B 35 -26.76 -46.47 4.05
C VAL B 35 -25.89 -45.69 5.01
N ALA B 36 -26.48 -44.71 5.70
CA ALA B 36 -25.77 -43.73 6.51
C ALA B 36 -26.09 -43.99 7.97
N ASP B 37 -25.06 -44.19 8.78
CA ASP B 37 -25.27 -44.28 10.21
C ASP B 37 -25.05 -42.91 10.80
N TYR B 38 -26.14 -42.22 11.11
CA TYR B 38 -26.05 -40.91 11.70
C TYR B 38 -25.56 -40.98 13.15
N SER B 39 -25.70 -42.13 13.79
CA SER B 39 -25.30 -42.27 15.19
C SER B 39 -23.83 -41.96 15.40
N VAL B 40 -23.00 -42.19 14.39
CA VAL B 40 -21.58 -41.85 14.52
C VAL B 40 -21.42 -40.36 14.74
N LEU B 41 -22.29 -39.55 14.16
CA LEU B 41 -22.11 -38.10 14.28
C LEU B 41 -22.57 -37.58 15.64
N TYR B 42 -23.88 -37.64 15.91
CA TYR B 42 -24.40 -36.98 17.12
C TYR B 42 -23.86 -37.59 18.41
N ASN B 43 -23.66 -38.91 18.44
CA ASN B 43 -22.98 -39.51 19.60
C ASN B 43 -21.51 -39.19 19.48
N SER B 44 -21.19 -37.95 19.83
CA SER B 44 -19.82 -37.48 19.93
C SER B 44 -19.87 -36.07 20.48
N ALA B 45 -19.08 -35.81 21.52
CA ALA B 45 -18.84 -34.44 21.97
C ALA B 45 -17.54 -33.93 21.39
N SER B 46 -16.99 -34.66 20.39
CA SER B 46 -15.85 -34.16 19.63
C SER B 46 -16.20 -32.90 18.85
N PHE B 47 -17.48 -32.56 18.75
CA PHE B 47 -17.97 -31.41 17.98
C PHE B 47 -18.28 -30.26 18.92
N SER B 48 -17.99 -29.04 18.45
CA SER B 48 -18.20 -27.82 19.21
C SER B 48 -19.54 -27.14 18.91
N THR B 49 -20.10 -27.32 17.69
CA THR B 49 -21.46 -26.88 17.34
C THR B 49 -22.13 -28.05 16.61
N PHE B 50 -23.41 -28.28 16.91
CA PHE B 50 -24.14 -29.39 16.30
C PHE B 50 -25.61 -29.06 16.41
N LYS B 51 -26.15 -28.40 15.39
CA LYS B 51 -27.54 -27.97 15.35
C LYS B 51 -28.18 -28.50 14.08
N CYS B 52 -29.36 -29.12 14.20
CA CYS B 52 -30.13 -29.57 13.06
C CYS B 52 -31.41 -28.76 12.98
N TYR B 53 -31.80 -28.44 11.74
CA TYR B 53 -32.90 -27.56 11.41
C TYR B 53 -33.93 -28.36 10.63
N GLY B 54 -35.17 -28.35 11.08
CA GLY B 54 -36.21 -28.98 10.31
C GLY B 54 -36.38 -30.46 10.51
N VAL B 55 -35.38 -31.19 11.00
CA VAL B 55 -35.57 -32.57 11.44
C VAL B 55 -34.73 -32.75 12.69
N SER B 56 -35.11 -33.74 13.50
CA SER B 56 -34.33 -34.04 14.71
C SER B 56 -33.32 -35.15 14.39
N PRO B 57 -32.07 -35.07 14.84
CA PRO B 57 -31.09 -36.12 14.47
C PRO B 57 -31.45 -37.47 15.05
N THR B 58 -32.04 -37.50 16.24
CA THR B 58 -32.58 -38.74 16.76
C THR B 58 -33.51 -39.41 15.75
N LYS B 59 -34.41 -38.64 15.12
CA LYS B 59 -35.29 -39.17 14.07
C LYS B 59 -34.61 -39.33 12.71
N LEU B 60 -33.29 -39.21 12.58
CA LEU B 60 -32.73 -39.29 11.24
C LEU B 60 -32.72 -40.72 10.73
N ASN B 61 -32.34 -41.67 11.58
CA ASN B 61 -32.25 -43.07 11.16
C ASN B 61 -33.58 -43.67 10.71
N ASP B 62 -34.71 -43.01 11.00
CA ASP B 62 -36.00 -43.54 10.55
C ASP B 62 -36.42 -42.98 9.20
N LEU B 63 -35.63 -42.11 8.62
CA LEU B 63 -36.01 -41.42 7.42
C LEU B 63 -35.11 -41.82 6.26
N CYS B 64 -35.61 -41.57 5.05
CA CYS B 64 -34.87 -41.85 3.84
C CYS B 64 -34.88 -40.62 2.96
N PHE B 65 -33.74 -40.35 2.31
CA PHE B 65 -33.63 -39.17 1.45
C PHE B 65 -33.05 -39.61 0.12
N THR B 66 -33.27 -38.76 -0.90
CA THR B 66 -32.77 -39.06 -2.24
C THR B 66 -31.33 -38.61 -2.45
N ASN B 67 -30.93 -37.51 -1.80
CA ASN B 67 -29.59 -36.94 -1.82
C ASN B 67 -29.25 -36.45 -0.43
N VAL B 68 -27.98 -36.53 -0.06
CA VAL B 68 -27.46 -35.75 1.04
C VAL B 68 -26.30 -34.94 0.49
N TYR B 69 -26.34 -33.63 0.65
CA TYR B 69 -25.23 -32.80 0.22
C TYR B 69 -24.45 -32.44 1.48
N ALA B 70 -23.14 -32.55 1.39
CA ALA B 70 -22.24 -32.33 2.52
C ALA B 70 -21.32 -31.18 2.11
N ASP B 71 -21.70 -29.95 2.45
CA ASP B 71 -20.88 -28.79 2.16
C ASP B 71 -19.92 -28.59 3.33
N SER B 72 -18.66 -28.33 3.02
CA SER B 72 -17.61 -28.25 4.03
C SER B 72 -16.64 -27.12 3.70
N PHE B 73 -16.22 -26.39 4.72
CA PHE B 73 -15.37 -25.21 4.56
C PHE B 73 -14.78 -24.86 5.92
N VAL B 74 -14.02 -23.77 5.95
CA VAL B 74 -13.35 -23.33 7.18
C VAL B 74 -13.54 -21.85 7.35
N ILE B 75 -14.00 -21.47 8.54
CA ILE B 75 -14.16 -20.08 8.95
C ILE B 75 -13.64 -19.97 10.38
N ARG B 76 -13.55 -18.74 10.86
CA ARG B 76 -13.16 -18.60 12.26
C ARG B 76 -14.37 -18.81 13.16
N GLY B 77 -14.09 -19.14 14.42
CA GLY B 77 -15.13 -19.62 15.31
C GLY B 77 -16.23 -18.62 15.57
N ASP B 78 -15.88 -17.34 15.64
CA ASP B 78 -16.93 -16.36 15.92
C ASP B 78 -17.94 -16.25 14.79
N GLU B 79 -17.65 -16.85 13.64
CA GLU B 79 -18.56 -16.83 12.50
C GLU B 79 -19.38 -18.10 12.37
N VAL B 80 -19.12 -19.15 13.17
CA VAL B 80 -19.89 -20.37 13.01
C VAL B 80 -21.35 -20.06 13.26
N ARG B 81 -21.62 -19.11 14.14
CA ARG B 81 -22.99 -18.77 14.49
C ARG B 81 -23.75 -18.10 13.35
N GLN B 82 -23.07 -17.80 12.23
CA GLN B 82 -23.69 -17.26 11.03
C GLN B 82 -24.13 -18.35 10.04
N ILE B 83 -23.78 -19.61 10.29
CA ILE B 83 -24.14 -20.72 9.42
C ILE B 83 -25.50 -21.26 9.85
N ALA B 84 -26.54 -20.43 9.71
CA ALA B 84 -27.90 -20.75 10.15
C ALA B 84 -28.88 -20.01 9.26
N PRO B 85 -30.11 -20.50 9.15
CA PRO B 85 -31.15 -19.78 8.41
C PRO B 85 -31.37 -18.38 8.92
N GLY B 86 -31.37 -17.42 8.02
CA GLY B 86 -31.74 -16.09 8.40
C GLY B 86 -30.66 -15.29 9.09
N GLN B 87 -29.45 -15.82 9.20
CA GLN B 87 -28.40 -15.02 9.83
C GLN B 87 -27.89 -13.94 8.86
N THR B 88 -27.17 -12.99 9.44
CA THR B 88 -26.54 -11.91 8.70
C THR B 88 -25.07 -11.73 9.12
N GLY B 89 -24.35 -10.96 8.34
CA GLY B 89 -22.91 -10.84 8.48
C GLY B 89 -22.20 -11.27 7.22
N LYS B 90 -20.89 -10.96 7.18
CA LYS B 90 -20.13 -11.18 5.95
C LYS B 90 -20.19 -12.64 5.53
N ILE B 91 -20.14 -13.57 6.46
CA ILE B 91 -20.20 -14.97 6.05
C ILE B 91 -21.58 -15.34 5.54
N ALA B 92 -22.62 -14.94 6.25
CA ALA B 92 -23.95 -15.36 5.83
C ALA B 92 -24.38 -14.71 4.52
N ASP B 93 -24.02 -13.45 4.30
CA ASP B 93 -24.54 -12.75 3.13
C ASP B 93 -23.65 -12.86 1.89
N TYR B 94 -22.34 -13.05 2.07
CA TYR B 94 -21.38 -13.01 0.98
C TYR B 94 -20.66 -14.34 0.73
N ASN B 95 -20.90 -15.40 1.53
CA ASN B 95 -20.11 -16.62 1.36
C ASN B 95 -20.88 -17.94 1.40
N TYR B 96 -21.86 -18.07 2.31
CA TYR B 96 -22.61 -19.32 2.46
C TYR B 96 -23.94 -18.98 3.11
N LYS B 97 -25.01 -18.97 2.31
CA LYS B 97 -26.33 -18.54 2.76
C LYS B 97 -27.18 -19.78 3.01
N LEU B 98 -27.82 -19.86 4.17
CA LEU B 98 -28.71 -21.00 4.12
C LEU B 98 -30.14 -20.56 3.88
N PRO B 99 -31.00 -21.39 3.29
CA PRO B 99 -32.36 -20.96 2.97
C PRO B 99 -33.29 -20.94 4.17
N ASP B 100 -34.34 -20.09 4.08
CA ASP B 100 -35.28 -19.93 5.19
C ASP B 100 -35.88 -21.26 5.64
N ASP B 101 -36.00 -22.26 4.75
CA ASP B 101 -36.66 -23.54 5.02
C ASP B 101 -35.70 -24.72 5.04
N PHE B 102 -34.46 -24.47 5.46
CA PHE B 102 -33.40 -25.45 5.34
C PHE B 102 -33.71 -26.71 6.12
N THR B 103 -33.54 -27.85 5.52
CA THR B 103 -33.61 -29.10 6.27
C THR B 103 -32.25 -29.81 6.29
N GLY B 104 -31.54 -29.68 7.40
CA GLY B 104 -30.24 -30.30 7.48
C GLY B 104 -29.58 -30.00 8.81
N CYS B 105 -28.28 -30.30 8.87
CA CYS B 105 -27.53 -30.11 10.10
C CYS B 105 -26.29 -29.29 9.83
N VAL B 106 -25.74 -28.75 10.89
CA VAL B 106 -24.59 -27.88 10.79
C VAL B 106 -23.65 -28.33 11.89
N ILE B 107 -22.54 -28.91 11.52
CA ILE B 107 -21.62 -29.51 12.47
C ILE B 107 -20.27 -28.83 12.28
N ALA B 108 -19.66 -28.41 13.39
CA ALA B 108 -18.39 -27.70 13.35
C ALA B 108 -17.55 -28.11 14.53
N TRP B 109 -16.23 -28.09 14.36
CA TRP B 109 -15.34 -28.42 15.45
C TRP B 109 -14.10 -27.56 15.33
N ASN B 110 -13.44 -27.30 16.46
CA ASN B 110 -12.23 -26.50 16.42
C ASN B 110 -11.09 -27.29 15.78
N SER B 111 -10.29 -26.60 14.96
CA SER B 111 -9.15 -27.16 14.24
C SER B 111 -7.95 -26.23 14.34
N ASN B 112 -7.68 -25.71 15.54
CA ASN B 112 -6.52 -24.81 15.67
C ASN B 112 -5.23 -25.55 15.36
N ASN B 113 -5.10 -26.78 15.86
CA ASN B 113 -3.88 -27.55 15.67
C ASN B 113 -3.72 -28.08 14.24
N LEU B 114 -4.68 -27.87 13.36
CA LEU B 114 -4.54 -28.29 11.98
C LEU B 114 -4.43 -27.12 11.00
N ASP B 115 -5.15 -26.03 11.21
CA ASP B 115 -5.20 -24.98 10.22
C ASP B 115 -4.54 -23.67 10.66
N SER B 116 -3.98 -23.59 11.86
CA SER B 116 -3.14 -22.46 12.21
C SER B 116 -1.67 -22.87 12.19
N LYS B 117 -0.83 -21.96 11.70
CA LYS B 117 0.61 -22.14 11.57
C LYS B 117 1.26 -20.92 12.19
N VAL B 118 2.37 -21.15 12.87
CA VAL B 118 3.04 -20.06 13.53
C VAL B 118 3.44 -19.05 12.47
N GLY B 119 3.15 -17.78 12.75
CA GLY B 119 3.28 -16.72 11.77
C GLY B 119 2.05 -16.52 10.92
N GLY B 120 1.09 -17.45 10.97
CA GLY B 120 -0.17 -17.25 10.27
C GLY B 120 -0.42 -18.17 9.09
N ASN B 121 -1.60 -18.79 9.03
CA ASN B 121 -2.05 -19.46 7.81
C ASN B 121 -2.89 -18.47 7.03
N TYR B 122 -2.32 -17.95 5.95
CA TYR B 122 -2.98 -16.95 5.13
C TYR B 122 -3.58 -17.57 3.86
N ASN B 123 -3.71 -18.90 3.83
CA ASN B 123 -4.27 -19.64 2.69
C ASN B 123 -5.78 -19.78 2.73
N TYR B 124 -6.43 -19.47 3.84
CA TYR B 124 -7.88 -19.51 3.90
C TYR B 124 -8.40 -18.12 3.62
N LEU B 125 -9.32 -18.02 2.68
CA LEU B 125 -9.85 -16.73 2.26
C LEU B 125 -11.34 -16.66 2.53
N TYR B 126 -11.87 -15.45 2.53
CA TYR B 126 -13.29 -15.23 2.64
C TYR B 126 -13.65 -14.01 1.81
N ARG B 127 -14.82 -14.02 1.22
CA ARG B 127 -15.22 -12.85 0.48
C ARG B 127 -15.62 -11.75 1.44
N LEU B 128 -15.18 -10.54 1.14
CA LEU B 128 -15.46 -9.40 2.00
C LEU B 128 -16.40 -8.40 1.37
N PHE B 129 -16.37 -8.26 0.05
CA PHE B 129 -17.21 -7.31 -0.67
C PHE B 129 -18.02 -8.02 -1.73
N ARG B 130 -19.24 -7.50 -1.94
CA ARG B 130 -20.12 -7.95 -3.00
C ARG B 130 -21.17 -6.88 -3.20
N LYS B 131 -21.68 -6.76 -4.43
CA LYS B 131 -22.72 -5.76 -4.62
C LYS B 131 -24.12 -6.22 -4.19
N SER B 132 -24.33 -7.51 -3.97
CA SER B 132 -25.63 -8.00 -3.53
C SER B 132 -25.41 -9.22 -2.66
N ASN B 133 -26.43 -9.55 -1.87
CA ASN B 133 -26.34 -10.75 -1.05
C ASN B 133 -26.40 -12.02 -1.90
N LEU B 134 -25.82 -13.10 -1.37
CA LEU B 134 -25.90 -14.38 -2.06
C LEU B 134 -27.30 -14.94 -1.99
N LYS B 135 -27.64 -15.70 -2.99
CA LYS B 135 -28.81 -16.53 -2.86
C LYS B 135 -28.47 -17.81 -2.11
N PRO B 136 -29.46 -18.47 -1.53
CA PRO B 136 -29.18 -19.66 -0.72
C PRO B 136 -28.47 -20.72 -1.55
N PHE B 137 -27.38 -21.20 -0.99
CA PHE B 137 -26.55 -22.20 -1.65
C PHE B 137 -25.88 -21.65 -2.90
N GLU B 138 -25.79 -20.32 -3.05
CA GLU B 138 -24.92 -19.78 -4.08
C GLU B 138 -23.47 -19.96 -3.64
N ARG B 139 -22.58 -19.96 -4.63
CA ARG B 139 -21.14 -20.17 -4.48
C ARG B 139 -20.46 -19.25 -5.47
N ASP B 140 -19.80 -18.21 -4.98
CA ASP B 140 -19.33 -17.13 -5.84
C ASP B 140 -17.82 -17.01 -5.67
N ILE B 141 -17.09 -17.31 -6.75
CA ILE B 141 -15.64 -17.30 -6.74
C ILE B 141 -15.05 -16.24 -7.65
N SER B 142 -15.86 -15.31 -8.16
CA SER B 142 -15.34 -14.26 -9.03
C SER B 142 -14.40 -13.31 -8.26
N THR B 143 -13.26 -12.98 -8.87
CA THR B 143 -12.24 -12.12 -8.28
C THR B 143 -12.25 -10.75 -8.94
N GLU B 144 -13.41 -10.28 -9.34
CA GLU B 144 -13.49 -9.03 -10.05
C GLU B 144 -13.41 -7.90 -9.03
N ILE B 145 -12.60 -6.89 -9.35
CA ILE B 145 -12.40 -5.78 -8.41
C ILE B 145 -13.72 -5.10 -8.08
N TYR B 146 -13.92 -4.82 -6.80
CA TYR B 146 -15.18 -4.27 -6.32
C TYR B 146 -15.10 -2.75 -6.33
N GLN B 147 -16.06 -2.13 -7.00
CA GLN B 147 -16.10 -0.67 -7.11
C GLN B 147 -16.85 -0.14 -5.89
N ALA B 148 -16.10 0.36 -4.91
CA ALA B 148 -16.71 0.94 -3.73
C ALA B 148 -16.98 2.43 -3.89
N GLY B 149 -16.48 3.04 -4.96
CA GLY B 149 -16.68 4.47 -5.24
C GLY B 149 -17.32 4.67 -6.58
N SER B 150 -16.94 5.72 -7.32
CA SER B 150 -17.46 5.94 -8.66
C SER B 150 -16.47 5.62 -9.78
N THR B 151 -15.20 5.50 -9.49
CA THR B 151 -14.23 5.23 -10.55
C THR B 151 -14.31 3.75 -10.92
N PRO B 152 -14.54 3.39 -12.18
CA PRO B 152 -14.41 1.99 -12.58
C PRO B 152 -12.98 1.50 -12.36
N CYS B 153 -12.86 0.26 -11.90
CA CYS B 153 -11.59 -0.21 -11.35
C CYS B 153 -10.75 -1.00 -12.35
N ASN B 154 -11.41 -1.64 -13.32
CA ASN B 154 -10.78 -2.25 -14.50
C ASN B 154 -9.62 -3.19 -14.14
N GLY B 155 -9.90 -4.10 -13.21
CA GLY B 155 -8.89 -5.08 -12.81
C GLY B 155 -7.67 -4.49 -12.14
N VAL B 156 -7.73 -3.23 -11.69
CA VAL B 156 -6.62 -2.62 -10.97
C VAL B 156 -7.10 -2.17 -9.60
N GLU B 157 -6.45 -2.69 -8.56
CA GLU B 157 -6.69 -2.23 -7.20
C GLU B 157 -6.22 -0.77 -7.04
N GLY B 158 -6.81 -0.08 -6.07
CA GLY B 158 -6.45 1.29 -5.80
C GLY B 158 -7.35 1.97 -4.79
N PHE B 159 -7.61 3.25 -5.00
CA PHE B 159 -8.57 3.97 -4.17
C PHE B 159 -9.99 3.59 -4.57
N ASN B 160 -10.78 3.16 -3.59
CA ASN B 160 -12.16 2.69 -3.80
C ASN B 160 -12.22 1.45 -4.68
N CYS B 161 -11.08 0.77 -4.85
CA CYS B 161 -10.93 -0.37 -5.75
C CYS B 161 -10.31 -1.52 -4.98
N TYR B 162 -11.14 -2.32 -4.32
CA TYR B 162 -10.66 -3.37 -3.44
C TYR B 162 -10.83 -4.71 -4.12
N PHE B 163 -9.78 -5.51 -4.02
CA PHE B 163 -9.84 -6.93 -4.36
C PHE B 163 -10.71 -7.65 -3.35
N PRO B 164 -11.72 -8.41 -3.78
CA PRO B 164 -12.83 -8.74 -2.88
C PRO B 164 -12.53 -9.83 -1.88
N LEU B 165 -11.41 -10.54 -1.97
CA LEU B 165 -11.10 -11.59 -1.02
C LEU B 165 -10.02 -11.12 -0.04
N GLN B 166 -10.20 -11.44 1.22
CA GLN B 166 -9.22 -11.13 2.24
C GLN B 166 -8.75 -12.43 2.88
N SER B 167 -7.63 -12.39 3.54
CA SER B 167 -7.16 -13.65 4.10
C SER B 167 -7.55 -13.74 5.57
N TYR B 168 -7.52 -14.96 6.10
CA TYR B 168 -7.87 -15.16 7.49
C TYR B 168 -6.68 -14.96 8.43
N GLY B 169 -5.53 -15.57 8.13
CA GLY B 169 -4.38 -15.39 9.00
C GLY B 169 -4.50 -16.01 10.38
N PHE B 170 -4.63 -17.35 10.40
CA PHE B 170 -4.82 -18.11 11.62
C PHE B 170 -3.50 -18.34 12.34
N GLN B 171 -3.34 -17.73 13.51
CA GLN B 171 -2.18 -18.01 14.34
C GLN B 171 -2.54 -18.90 15.53
N PRO B 172 -1.71 -19.88 15.91
CA PRO B 172 -2.10 -20.78 17.03
C PRO B 172 -2.30 -20.04 18.34
N THR B 173 -1.84 -18.81 18.42
CA THR B 173 -1.92 -17.98 19.62
C THR B 173 -3.24 -17.22 19.74
N ASN B 174 -4.04 -17.13 18.66
CA ASN B 174 -5.20 -16.27 18.66
C ASN B 174 -6.21 -16.72 19.71
N GLY B 175 -6.99 -15.76 20.20
CA GLY B 175 -8.13 -16.11 21.03
C GLY B 175 -9.09 -17.03 20.31
N VAL B 176 -9.96 -17.71 21.06
CA VAL B 176 -10.74 -18.77 20.42
C VAL B 176 -11.68 -18.19 19.37
N GLY B 177 -12.16 -16.97 19.59
CA GLY B 177 -13.01 -16.32 18.60
C GLY B 177 -12.37 -16.19 17.24
N TYR B 178 -11.05 -16.31 17.15
CA TYR B 178 -10.33 -16.15 15.89
C TYR B 178 -9.58 -17.39 15.47
N GLN B 179 -9.90 -18.51 16.04
CA GLN B 179 -9.24 -19.71 15.58
C GLN B 179 -10.00 -20.37 14.44
N PRO B 180 -9.34 -21.16 13.62
CA PRO B 180 -10.02 -21.77 12.49
C PRO B 180 -10.94 -22.89 12.95
N TYR B 181 -12.18 -22.89 12.46
CA TYR B 181 -13.10 -24.01 12.65
C TYR B 181 -13.46 -24.65 11.32
N ARG B 182 -13.53 -25.97 11.32
CA ARG B 182 -14.02 -26.71 10.19
C ARG B 182 -15.50 -26.95 10.37
N VAL B 183 -16.25 -26.79 9.28
CA VAL B 183 -17.69 -26.89 9.28
C VAL B 183 -18.11 -27.89 8.21
N VAL B 184 -19.08 -28.73 8.53
CA VAL B 184 -19.79 -29.55 7.55
C VAL B 184 -21.25 -29.18 7.65
N VAL B 185 -21.94 -29.09 6.52
CA VAL B 185 -23.36 -28.78 6.51
C VAL B 185 -24.06 -29.87 5.69
N LEU B 186 -24.76 -30.77 6.37
CA LEU B 186 -25.49 -31.83 5.70
C LEU B 186 -26.89 -31.32 5.33
N SER B 187 -27.20 -31.32 4.03
CA SER B 187 -28.55 -31.04 3.54
C SER B 187 -29.25 -32.35 3.24
N PHE B 188 -30.51 -32.49 3.70
CA PHE B 188 -31.30 -33.73 3.56
C PHE B 188 -32.45 -33.47 2.60
N GLU B 189 -32.16 -33.67 1.32
CA GLU B 189 -33.14 -33.41 0.28
C GLU B 189 -33.82 -34.70 -0.11
N LEU B 190 -35.14 -34.64 -0.28
CA LEU B 190 -35.86 -35.73 -0.92
C LEU B 190 -36.71 -35.03 -1.96
N LEU B 191 -36.30 -35.24 -3.20
CA LEU B 191 -36.86 -34.60 -4.36
C LEU B 191 -37.91 -35.51 -4.93
N HIS B 192 -38.16 -35.38 -6.23
CA HIS B 192 -39.02 -36.31 -6.94
C HIS B 192 -38.27 -37.53 -7.46
N ALA B 193 -37.26 -37.99 -6.75
CA ALA B 193 -36.61 -39.26 -7.01
C ALA B 193 -36.99 -40.29 -5.94
N PRO B 194 -36.61 -41.54 -6.14
CA PRO B 194 -36.86 -42.54 -5.09
C PRO B 194 -35.83 -42.45 -3.99
N ALA B 195 -36.29 -42.68 -2.77
CA ALA B 195 -35.43 -42.59 -1.60
C ALA B 195 -34.29 -43.60 -1.67
N THR B 196 -33.05 -43.10 -1.69
CA THR B 196 -31.87 -43.98 -1.83
C THR B 196 -30.80 -43.80 -0.77
N VAL B 197 -31.04 -43.04 0.31
CA VAL B 197 -30.04 -42.86 1.36
C VAL B 197 -30.76 -43.13 2.67
N CYS B 198 -30.66 -44.35 3.17
CA CYS B 198 -31.44 -44.71 4.34
C CYS B 198 -30.53 -44.98 5.52
N GLY B 199 -31.14 -45.41 6.63
CA GLY B 199 -30.36 -45.78 7.78
C GLY B 199 -30.28 -47.28 7.90
N PRO B 200 -29.81 -47.73 9.02
CA PRO B 200 -29.64 -49.18 9.24
C PRO B 200 -30.92 -50.02 9.42
N LYS B 201 -30.76 -51.31 9.77
CA LYS B 201 -31.86 -52.25 10.12
C LYS B 201 -32.90 -51.66 11.08
N ASN C 7 -39.29 -42.13 -32.22
CA ASN C 7 -39.01 -41.37 -30.99
C ASN C 7 -39.94 -41.80 -29.84
N LEU C 8 -39.50 -42.78 -29.06
CA LEU C 8 -40.35 -43.48 -28.09
C LEU C 8 -40.46 -42.73 -26.75
N CYS C 9 -41.52 -43.06 -25.96
CA CYS C 9 -41.76 -42.48 -24.64
C CYS C 9 -41.28 -43.39 -23.51
N PRO C 10 -40.66 -42.76 -22.49
CA PRO C 10 -39.95 -43.52 -21.45
C PRO C 10 -40.84 -44.28 -20.49
N PHE C 11 -41.80 -45.06 -20.98
CA PHE C 11 -42.68 -45.76 -20.03
C PHE C 11 -41.94 -46.87 -19.31
N GLY C 12 -41.04 -47.58 -19.99
CA GLY C 12 -40.22 -48.57 -19.31
C GLY C 12 -39.43 -47.99 -18.14
N GLU C 13 -38.95 -46.75 -18.28
CA GLU C 13 -38.28 -46.04 -17.20
C GLU C 13 -39.09 -46.03 -15.90
N VAL C 14 -40.40 -45.81 -16.00
CA VAL C 14 -41.22 -45.63 -14.80
C VAL C 14 -41.63 -46.99 -14.22
N PHE C 15 -42.30 -47.82 -15.03
CA PHE C 15 -42.88 -49.06 -14.51
C PHE C 15 -41.83 -50.10 -14.17
N ASN C 16 -40.80 -50.26 -15.01
CA ASN C 16 -39.83 -51.32 -14.80
C ASN C 16 -38.60 -50.84 -14.02
N ALA C 17 -38.71 -49.73 -13.27
CA ALA C 17 -37.57 -49.20 -12.53
C ALA C 17 -37.32 -49.99 -11.26
N THR C 18 -36.10 -49.86 -10.73
CA THR C 18 -35.69 -50.66 -9.59
C THR C 18 -36.16 -50.07 -8.26
N ARG C 19 -35.98 -48.76 -8.07
CA ARG C 19 -36.35 -48.10 -6.82
C ARG C 19 -37.64 -47.27 -6.96
N PHE C 20 -38.54 -47.38 -5.98
CA PHE C 20 -39.80 -46.64 -5.94
C PHE C 20 -39.88 -45.74 -4.71
N ALA C 21 -40.56 -44.61 -4.88
CA ALA C 21 -40.64 -43.65 -3.79
C ALA C 21 -41.68 -44.06 -2.76
N SER C 22 -41.54 -43.49 -1.55
CA SER C 22 -42.58 -43.63 -0.52
C SER C 22 -43.71 -42.69 -0.85
N VAL C 23 -44.94 -43.11 -0.51
CA VAL C 23 -46.12 -42.40 -1.02
C VAL C 23 -46.14 -40.94 -0.55
N TYR C 24 -45.70 -40.68 0.68
CA TYR C 24 -45.80 -39.29 1.16
C TYR C 24 -44.89 -38.38 0.36
N ALA C 25 -43.80 -38.94 -0.18
CA ALA C 25 -42.85 -38.21 -1.00
C ALA C 25 -42.91 -38.74 -2.43
N TRP C 26 -44.12 -38.84 -2.96
CA TRP C 26 -44.39 -39.50 -4.22
C TRP C 26 -43.60 -38.89 -5.34
N ASN C 27 -43.45 -39.65 -6.41
CA ASN C 27 -42.53 -39.35 -7.50
C ASN C 27 -43.25 -39.02 -8.81
N ARG C 28 -42.98 -37.84 -9.34
CA ARG C 28 -43.56 -37.42 -10.61
C ARG C 28 -42.49 -37.28 -11.67
N LYS C 29 -42.65 -37.99 -12.77
CA LYS C 29 -41.81 -37.87 -13.94
C LYS C 29 -42.61 -37.16 -15.04
N ARG C 30 -42.01 -36.14 -15.65
CA ARG C 30 -42.64 -35.50 -16.80
C ARG C 30 -42.35 -36.29 -18.06
N ILE C 31 -43.37 -36.47 -18.91
CA ILE C 31 -43.23 -37.11 -20.21
C ILE C 31 -43.72 -36.14 -21.27
N SER C 32 -42.83 -35.79 -22.20
CA SER C 32 -43.16 -34.82 -23.22
C SER C 32 -42.31 -35.09 -24.45
N ASN C 33 -42.70 -34.46 -25.56
CA ASN C 33 -41.93 -34.43 -26.81
C ASN C 33 -41.58 -35.84 -27.29
N CYS C 34 -42.58 -36.72 -27.27
CA CYS C 34 -42.34 -38.10 -27.70
C CYS C 34 -43.65 -38.70 -28.15
N VAL C 35 -43.60 -39.98 -28.55
CA VAL C 35 -44.77 -40.76 -28.94
C VAL C 35 -44.80 -42.04 -28.12
N ALA C 36 -45.94 -42.31 -27.49
CA ALA C 36 -46.07 -43.35 -26.48
C ALA C 36 -46.93 -44.49 -27.00
N ASP C 37 -46.46 -45.71 -26.82
CA ASP C 37 -47.32 -46.86 -27.07
C ASP C 37 -47.98 -47.28 -25.78
N TYR C 38 -49.24 -46.88 -25.60
CA TYR C 38 -50.00 -47.31 -24.44
C TYR C 38 -50.37 -48.80 -24.54
N SER C 39 -50.31 -49.37 -25.75
CA SER C 39 -50.76 -50.75 -25.96
C SER C 39 -49.97 -51.74 -25.14
N VAL C 40 -48.68 -51.45 -24.87
CA VAL C 40 -47.89 -52.33 -24.03
C VAL C 40 -48.51 -52.42 -22.65
N LEU C 41 -49.20 -51.36 -22.25
CA LEU C 41 -49.90 -51.36 -20.98
C LEU C 41 -51.22 -52.14 -21.06
N TYR C 42 -52.18 -51.70 -21.89
CA TYR C 42 -53.50 -52.35 -21.78
C TYR C 42 -53.45 -53.83 -22.09
N ASN C 43 -52.64 -54.25 -23.06
CA ASN C 43 -52.41 -55.69 -23.20
C ASN C 43 -51.37 -56.11 -22.17
N SER C 44 -51.81 -56.39 -20.94
CA SER C 44 -50.93 -56.92 -19.89
C SER C 44 -51.73 -57.46 -18.73
N ALA C 45 -51.50 -58.72 -18.34
CA ALA C 45 -52.15 -59.24 -17.15
C ALA C 45 -51.22 -59.27 -15.95
N SER C 46 -50.02 -58.69 -16.08
CA SER C 46 -49.12 -58.53 -14.96
C SER C 46 -49.64 -57.54 -13.91
N PHE C 47 -50.70 -56.79 -14.23
CA PHE C 47 -51.25 -55.75 -13.37
C PHE C 47 -52.44 -56.24 -12.56
N SER C 48 -52.52 -55.76 -11.32
CA SER C 48 -53.55 -56.15 -10.37
C SER C 48 -54.76 -55.22 -10.33
N THR C 49 -54.54 -53.95 -10.63
CA THR C 49 -55.61 -52.96 -10.76
C THR C 49 -55.27 -52.12 -11.98
N PHE C 50 -56.30 -51.74 -12.74
CA PHE C 50 -56.10 -50.97 -13.97
C PHE C 50 -57.44 -50.28 -14.26
N LYS C 51 -57.59 -49.06 -13.76
CA LYS C 51 -58.82 -48.29 -13.91
C LYS C 51 -58.39 -46.94 -14.51
N CYS C 52 -59.06 -46.51 -15.58
CA CYS C 52 -58.77 -45.23 -16.22
C CYS C 52 -59.95 -44.28 -16.11
N TYR C 53 -59.65 -43.00 -15.89
CA TYR C 53 -60.67 -42.00 -15.60
C TYR C 53 -60.65 -40.93 -16.68
N GLY C 54 -61.79 -40.70 -17.32
CA GLY C 54 -61.93 -39.62 -18.29
C GLY C 54 -61.51 -39.93 -19.71
N VAL C 55 -60.78 -41.02 -19.94
CA VAL C 55 -60.48 -41.54 -21.27
C VAL C 55 -60.52 -43.05 -21.17
N SER C 56 -60.79 -43.71 -22.28
CA SER C 56 -60.89 -45.17 -22.29
C SER C 56 -59.54 -45.80 -22.67
N PRO C 57 -59.10 -46.91 -22.10
CA PRO C 57 -57.79 -47.47 -22.53
C PRO C 57 -57.83 -47.88 -23.99
N THR C 58 -58.91 -48.55 -24.42
CA THR C 58 -59.27 -48.61 -25.82
C THR C 58 -59.39 -47.18 -26.31
N LYS C 59 -58.61 -46.80 -27.32
CA LYS C 59 -58.65 -45.45 -27.93
C LYS C 59 -57.65 -44.52 -27.24
N LEU C 60 -56.75 -45.06 -26.43
CA LEU C 60 -55.75 -44.18 -25.85
C LEU C 60 -54.67 -43.82 -26.86
N ASN C 61 -54.20 -44.82 -27.64
CA ASN C 61 -53.13 -44.58 -28.60
C ASN C 61 -53.52 -43.56 -29.65
N ASP C 62 -54.80 -43.26 -29.79
CA ASP C 62 -55.27 -42.31 -30.79
C ASP C 62 -55.35 -40.89 -30.26
N LEU C 63 -54.85 -40.63 -29.07
CA LEU C 63 -55.01 -39.32 -28.48
C LEU C 63 -53.66 -38.60 -28.39
N CYS C 64 -53.75 -37.28 -28.29
CA CYS C 64 -52.58 -36.43 -28.14
C CYS C 64 -52.79 -35.47 -26.97
N PHE C 65 -51.73 -35.28 -26.18
CA PHE C 65 -51.79 -34.41 -25.02
C PHE C 65 -50.56 -33.52 -25.00
N THR C 66 -50.64 -32.41 -24.25
CA THR C 66 -49.49 -31.51 -24.17
C THR C 66 -48.44 -32.05 -23.20
N ASN C 67 -48.86 -32.78 -22.16
CA ASN C 67 -47.92 -33.48 -21.28
C ASN C 67 -48.55 -34.76 -20.77
N VAL C 68 -47.71 -35.73 -20.47
CA VAL C 68 -48.11 -36.88 -19.68
C VAL C 68 -47.21 -36.89 -18.44
N TYR C 69 -47.83 -36.95 -17.28
CA TYR C 69 -47.14 -37.07 -16.02
C TYR C 69 -47.28 -38.47 -15.47
N ALA C 70 -46.19 -39.00 -14.92
CA ALA C 70 -46.12 -40.36 -14.38
C ALA C 70 -45.76 -40.32 -12.89
N ASP C 71 -46.79 -40.35 -12.04
CA ASP C 71 -46.60 -40.39 -10.60
C ASP C 71 -46.49 -41.85 -10.14
N SER C 72 -45.50 -42.15 -9.30
CA SER C 72 -45.23 -43.52 -8.90
C SER C 72 -44.80 -43.58 -7.45
N PHE C 73 -45.27 -44.59 -6.75
CA PHE C 73 -45.00 -44.73 -5.31
C PHE C 73 -45.41 -46.14 -4.87
N VAL C 74 -45.28 -46.39 -3.57
CA VAL C 74 -45.60 -47.69 -3.00
C VAL C 74 -46.52 -47.51 -1.80
N ILE C 75 -47.66 -48.22 -1.82
CA ILE C 75 -48.57 -48.33 -0.70
C ILE C 75 -48.97 -49.79 -0.58
N ARG C 76 -49.62 -50.16 0.53
CA ARG C 76 -50.03 -51.55 0.70
C ARG C 76 -51.33 -51.79 -0.05
N GLY C 77 -51.59 -53.06 -0.33
CA GLY C 77 -52.62 -53.39 -1.30
C GLY C 77 -54.03 -52.94 -0.92
N ASP C 78 -54.35 -53.02 0.36
CA ASP C 78 -55.70 -52.64 0.73
C ASP C 78 -55.94 -51.14 0.59
N GLU C 79 -54.89 -50.33 0.42
CA GLU C 79 -55.01 -48.89 0.23
C GLU C 79 -55.01 -48.52 -1.26
N VAL C 80 -54.76 -49.48 -2.14
CA VAL C 80 -54.72 -49.18 -3.58
C VAL C 80 -56.06 -48.66 -4.09
N ARG C 81 -57.15 -49.04 -3.42
CA ARG C 81 -58.48 -48.57 -3.83
C ARG C 81 -58.71 -47.11 -3.51
N GLN C 82 -57.77 -46.45 -2.82
CA GLN C 82 -57.86 -45.04 -2.49
C GLN C 82 -57.27 -44.14 -3.54
N ILE C 83 -56.58 -44.70 -4.52
CA ILE C 83 -56.04 -43.86 -5.58
C ILE C 83 -57.09 -43.69 -6.66
N ALA C 84 -58.12 -42.91 -6.36
CA ALA C 84 -59.20 -42.60 -7.27
C ALA C 84 -59.71 -41.22 -6.94
N PRO C 85 -60.35 -40.55 -7.88
CA PRO C 85 -61.02 -39.30 -7.53
C PRO C 85 -62.07 -39.53 -6.46
N GLY C 86 -62.05 -38.69 -5.44
CA GLY C 86 -63.09 -38.69 -4.43
C GLY C 86 -63.00 -39.75 -3.37
N GLN C 87 -61.95 -40.57 -3.37
CA GLN C 87 -61.80 -41.49 -2.26
C GLN C 87 -61.28 -40.75 -1.03
N THR C 88 -61.48 -41.39 0.12
CA THR C 88 -61.07 -40.89 1.43
C THR C 88 -60.30 -41.98 2.16
N GLY C 89 -59.67 -41.59 3.26
CA GLY C 89 -58.70 -42.45 3.93
C GLY C 89 -57.35 -41.77 4.07
N LYS C 90 -56.48 -42.43 4.82
CA LYS C 90 -55.18 -41.84 5.15
C LYS C 90 -54.38 -41.53 3.88
N ILE C 91 -54.40 -42.41 2.90
CA ILE C 91 -53.60 -42.14 1.71
C ILE C 91 -54.22 -41.03 0.88
N ALA C 92 -55.52 -41.13 0.63
CA ALA C 92 -56.17 -40.17 -0.24
C ALA C 92 -56.19 -38.78 0.38
N ASP C 93 -56.28 -38.68 1.69
CA ASP C 93 -56.39 -37.36 2.27
C ASP C 93 -55.05 -36.77 2.69
N TYR C 94 -54.06 -37.57 3.06
CA TYR C 94 -52.83 -37.01 3.61
C TYR C 94 -51.57 -37.30 2.80
N ASN C 95 -51.65 -37.98 1.65
CA ASN C 95 -50.44 -38.38 0.92
C ASN C 95 -50.54 -38.13 -0.59
N TYR C 96 -51.69 -38.45 -1.19
CA TYR C 96 -51.84 -38.35 -2.65
C TYR C 96 -53.32 -38.21 -3.00
N LYS C 97 -53.75 -37.00 -3.36
CA LYS C 97 -55.15 -36.74 -3.65
C LYS C 97 -55.33 -36.63 -5.16
N LEU C 98 -56.22 -37.30 -5.67
CA LEU C 98 -56.46 -37.03 -7.07
C LEU C 98 -57.65 -36.09 -7.22
N PRO C 99 -57.65 -35.29 -8.28
CA PRO C 99 -58.72 -34.30 -8.46
C PRO C 99 -59.99 -34.88 -9.06
N ASP C 100 -61.09 -34.13 -8.87
CA ASP C 100 -62.39 -34.54 -9.39
C ASP C 100 -62.38 -34.71 -10.91
N ASP C 101 -61.57 -33.93 -11.62
CA ASP C 101 -61.59 -33.91 -13.08
C ASP C 101 -60.34 -34.59 -13.66
N PHE C 102 -59.83 -35.56 -12.93
CA PHE C 102 -58.61 -36.27 -13.29
C PHE C 102 -58.88 -37.05 -14.57
N THR C 103 -58.11 -36.77 -15.61
CA THR C 103 -58.16 -37.59 -16.83
C THR C 103 -56.82 -38.32 -16.81
N GLY C 104 -56.87 -39.60 -16.47
CA GLY C 104 -55.67 -40.38 -16.42
C GLY C 104 -55.97 -41.81 -16.00
N CYS C 105 -54.91 -42.56 -15.76
CA CYS C 105 -55.05 -43.97 -15.42
C CYS C 105 -54.25 -44.29 -14.18
N VAL C 106 -54.65 -45.39 -13.54
CA VAL C 106 -54.06 -45.82 -12.29
C VAL C 106 -53.78 -47.30 -12.41
N ILE C 107 -52.50 -47.65 -12.39
CA ILE C 107 -52.03 -49.00 -12.63
C ILE C 107 -51.21 -49.42 -11.45
N ALA C 108 -51.50 -50.60 -10.91
CA ALA C 108 -50.77 -51.11 -9.76
C ALA C 108 -50.61 -52.60 -9.89
N TRP C 109 -49.54 -53.11 -9.29
CA TRP C 109 -49.27 -54.53 -9.29
C TRP C 109 -48.64 -54.90 -7.97
N ASN C 110 -48.81 -56.15 -7.58
CA ASN C 110 -48.17 -56.59 -6.35
C ASN C 110 -46.67 -56.64 -6.56
N SER C 111 -45.92 -56.24 -5.54
CA SER C 111 -44.47 -56.26 -5.57
C SER C 111 -43.91 -56.81 -4.26
N ASN C 112 -44.55 -57.86 -3.73
CA ASN C 112 -44.10 -58.48 -2.49
C ASN C 112 -42.66 -58.96 -2.60
N ASN C 113 -42.29 -59.53 -3.74
CA ASN C 113 -40.96 -60.09 -3.95
C ASN C 113 -39.85 -59.04 -4.07
N LEU C 114 -40.18 -57.75 -4.15
CA LEU C 114 -39.17 -56.69 -4.29
C LEU C 114 -39.09 -55.79 -3.09
N ASP C 115 -40.23 -55.43 -2.53
CA ASP C 115 -40.33 -54.38 -1.55
C ASP C 115 -40.61 -54.96 -0.17
N SER C 116 -40.60 -56.28 -0.05
CA SER C 116 -40.53 -56.98 1.23
C SER C 116 -39.12 -57.49 1.47
N LYS C 117 -38.70 -57.46 2.73
CA LYS C 117 -37.49 -58.11 3.18
C LYS C 117 -37.83 -58.78 4.50
N VAL C 118 -37.34 -60.02 4.70
CA VAL C 118 -37.73 -60.79 5.87
C VAL C 118 -37.33 -60.05 7.14
N GLY C 119 -38.25 -60.01 8.11
CA GLY C 119 -38.04 -59.22 9.31
C GLY C 119 -38.50 -57.79 9.21
N GLY C 120 -38.89 -57.34 8.02
CA GLY C 120 -39.50 -56.05 7.79
C GLY C 120 -38.68 -55.07 6.96
N ASN C 121 -39.30 -54.57 5.88
CA ASN C 121 -38.75 -53.46 5.10
C ASN C 121 -39.38 -52.19 5.65
N TYR C 122 -38.60 -51.42 6.41
CA TYR C 122 -39.12 -50.21 7.03
C TYR C 122 -38.73 -48.93 6.26
N ASN C 123 -38.27 -49.04 5.03
CA ASN C 123 -37.87 -47.86 4.29
C ASN C 123 -39.04 -47.16 3.63
N TYR C 124 -40.20 -47.80 3.57
CA TYR C 124 -41.38 -47.21 2.97
C TYR C 124 -42.28 -46.60 4.02
N LEU C 125 -42.59 -45.32 3.86
CA LEU C 125 -43.37 -44.58 4.84
C LEU C 125 -44.63 -44.01 4.19
N TYR C 126 -45.60 -43.64 5.05
CA TYR C 126 -46.85 -43.00 4.67
C TYR C 126 -47.16 -41.99 5.74
N ARG C 127 -47.74 -40.86 5.35
CA ARG C 127 -48.12 -39.85 6.33
C ARG C 127 -49.41 -40.27 7.00
N LEU C 128 -49.42 -40.19 8.33
CA LEU C 128 -50.54 -40.66 9.13
C LEU C 128 -51.36 -39.54 9.75
N PHE C 129 -50.72 -38.43 10.06
CA PHE C 129 -51.42 -37.28 10.60
C PHE C 129 -51.12 -36.05 9.79
N ARG C 130 -52.15 -35.23 9.67
CA ARG C 130 -52.05 -33.93 9.05
C ARG C 130 -53.20 -33.16 9.62
N LYS C 131 -53.01 -31.86 9.83
CA LYS C 131 -54.08 -31.05 10.38
C LYS C 131 -55.10 -30.66 9.31
N SER C 132 -54.78 -30.88 8.03
CA SER C 132 -55.69 -30.54 6.94
C SER C 132 -55.48 -31.52 5.80
N ASN C 133 -56.53 -31.72 4.99
CA ASN C 133 -56.43 -32.57 3.80
C ASN C 133 -55.52 -31.95 2.74
N LEU C 134 -54.97 -32.81 1.90
CA LEU C 134 -54.21 -32.33 0.77
C LEU C 134 -55.16 -31.83 -0.30
N LYS C 135 -54.73 -30.81 -1.03
CA LYS C 135 -55.36 -30.43 -2.27
C LYS C 135 -54.81 -31.36 -3.33
N PRO C 136 -55.53 -31.58 -4.42
CA PRO C 136 -55.09 -32.59 -5.40
C PRO C 136 -53.69 -32.34 -5.92
N PHE C 137 -52.88 -33.38 -5.91
CA PHE C 137 -51.49 -33.36 -6.34
C PHE C 137 -50.61 -32.53 -5.43
N GLU C 138 -51.10 -32.15 -4.25
CA GLU C 138 -50.26 -31.52 -3.25
C GLU C 138 -49.26 -32.57 -2.75
N ARG C 139 -48.17 -32.11 -2.15
CA ARG C 139 -47.14 -33.06 -1.71
C ARG C 139 -46.49 -32.55 -0.44
N ASP C 140 -46.55 -33.33 0.64
CA ASP C 140 -46.10 -32.87 1.94
C ASP C 140 -45.01 -33.80 2.44
N ILE C 141 -43.81 -33.23 2.65
CA ILE C 141 -42.66 -33.98 3.14
C ILE C 141 -42.17 -33.45 4.49
N SER C 142 -42.96 -32.61 5.15
CA SER C 142 -42.58 -32.05 6.44
C SER C 142 -42.51 -33.14 7.51
N THR C 143 -41.47 -33.08 8.32
CA THR C 143 -41.23 -34.08 9.35
C THR C 143 -41.36 -33.50 10.77
N GLU C 144 -42.33 -32.61 10.93
CA GLU C 144 -42.57 -31.91 12.19
C GLU C 144 -43.57 -32.63 13.09
N ILE C 145 -43.28 -32.62 14.39
CA ILE C 145 -44.16 -33.27 15.35
C ILE C 145 -45.56 -32.66 15.28
N TYR C 146 -46.57 -33.52 15.18
CA TYR C 146 -47.96 -33.12 14.98
C TYR C 146 -48.65 -33.01 16.33
N GLN C 147 -49.20 -31.84 16.61
CA GLN C 147 -49.85 -31.58 17.89
C GLN C 147 -51.30 -31.98 17.76
N ALA C 148 -51.65 -33.11 18.35
CA ALA C 148 -53.00 -33.64 18.28
C ALA C 148 -53.86 -33.15 19.43
N GLY C 149 -53.28 -32.45 20.38
CA GLY C 149 -54.05 -31.93 21.50
C GLY C 149 -53.98 -30.42 21.65
N SER C 150 -53.92 -29.99 22.91
CA SER C 150 -53.78 -28.59 23.25
C SER C 150 -52.41 -28.25 23.79
N THR C 151 -51.68 -29.24 24.25
CA THR C 151 -50.37 -29.09 24.84
C THR C 151 -49.31 -28.93 23.76
N PRO C 152 -48.50 -27.89 23.82
CA PRO C 152 -47.39 -27.74 22.87
C PRO C 152 -46.43 -28.92 22.95
N CYS C 153 -45.88 -29.27 21.79
CA CYS C 153 -45.14 -30.53 21.63
C CYS C 153 -43.65 -30.37 21.81
N ASN C 154 -43.15 -29.16 21.64
CA ASN C 154 -41.73 -28.88 21.82
C ASN C 154 -40.91 -29.83 20.95
N GLY C 155 -41.40 -30.02 19.72
CA GLY C 155 -40.70 -30.79 18.70
C GLY C 155 -40.31 -32.19 19.12
N VAL C 156 -40.88 -32.66 20.22
CA VAL C 156 -40.56 -33.98 20.76
C VAL C 156 -41.85 -34.79 20.91
N GLU C 157 -41.82 -36.05 20.44
CA GLU C 157 -42.94 -36.96 20.58
C GLU C 157 -43.30 -37.15 22.05
N GLY C 158 -44.57 -37.47 22.30
CA GLY C 158 -45.05 -37.68 23.65
C GLY C 158 -46.55 -37.86 23.71
N PHE C 159 -47.18 -37.34 24.77
CA PHE C 159 -48.63 -37.41 24.85
C PHE C 159 -49.25 -36.43 23.86
N ASN C 160 -50.12 -36.92 22.98
CA ASN C 160 -50.75 -36.12 21.92
C ASN C 160 -49.74 -35.53 20.95
N CYS C 161 -48.52 -36.06 20.92
CA CYS C 161 -47.43 -35.51 20.13
C CYS C 161 -46.86 -36.64 19.30
N TYR C 162 -47.38 -36.82 18.10
CA TYR C 162 -47.00 -37.93 17.26
C TYR C 162 -46.10 -37.43 16.14
N PHE C 163 -45.01 -38.15 15.91
CA PHE C 163 -44.23 -37.95 14.71
C PHE C 163 -45.05 -38.42 13.52
N PRO C 164 -45.33 -37.56 12.53
CA PRO C 164 -46.45 -37.80 11.60
C PRO C 164 -46.19 -38.82 10.51
N LEU C 165 -44.99 -39.37 10.39
CA LEU C 165 -44.70 -40.38 9.38
C LEU C 165 -44.60 -41.73 10.05
N GLN C 166 -45.26 -42.73 9.46
CA GLN C 166 -45.23 -44.08 9.97
C GLN C 166 -44.67 -45.04 8.92
N SER C 167 -44.18 -46.17 9.40
CA SER C 167 -43.55 -47.12 8.50
C SER C 167 -44.53 -48.18 8.05
N TYR C 168 -44.20 -48.80 6.92
CA TYR C 168 -45.12 -49.81 6.45
C TYR C 168 -44.79 -51.17 7.06
N GLY C 169 -43.51 -51.54 7.04
CA GLY C 169 -43.07 -52.83 7.56
C GLY C 169 -43.53 -53.99 6.71
N PHE C 170 -43.10 -54.02 5.46
CA PHE C 170 -43.55 -55.09 4.57
C PHE C 170 -42.74 -56.36 4.86
N GLN C 171 -43.41 -57.37 5.43
CA GLN C 171 -42.82 -58.71 5.48
C GLN C 171 -43.48 -59.60 4.45
N PRO C 172 -42.74 -60.51 3.82
CA PRO C 172 -43.33 -61.37 2.79
C PRO C 172 -44.43 -62.29 3.34
N THR C 173 -44.54 -62.43 4.68
CA THR C 173 -45.53 -63.31 5.30
C THR C 173 -46.89 -62.64 5.44
N ASN C 174 -46.99 -61.33 5.22
CA ASN C 174 -48.22 -60.59 5.47
C ASN C 174 -49.33 -61.04 4.53
N GLY C 175 -50.58 -60.87 5.00
CA GLY C 175 -51.72 -60.99 4.12
C GLY C 175 -51.65 -60.00 2.97
N VAL C 176 -52.42 -60.27 1.92
CA VAL C 176 -52.25 -59.50 0.69
C VAL C 176 -52.66 -58.04 0.86
N GLY C 177 -53.66 -57.77 1.71
CA GLY C 177 -54.03 -56.39 1.99
C GLY C 177 -52.89 -55.58 2.59
N TYR C 178 -51.85 -56.25 3.11
CA TYR C 178 -50.73 -55.62 3.77
C TYR C 178 -49.42 -55.86 3.04
N GLN C 179 -49.46 -56.35 1.76
CA GLN C 179 -48.26 -56.52 0.95
C GLN C 179 -47.99 -55.30 0.08
N PRO C 180 -46.74 -55.04 -0.27
CA PRO C 180 -46.44 -53.81 -1.02
C PRO C 180 -46.89 -53.92 -2.45
N TYR C 181 -47.58 -52.90 -2.91
CA TYR C 181 -47.93 -52.71 -4.31
C TYR C 181 -47.25 -51.44 -4.81
N ARG C 182 -46.71 -51.51 -6.01
CA ARG C 182 -46.20 -50.33 -6.68
C ARG C 182 -47.32 -49.78 -7.55
N VAL C 183 -47.43 -48.46 -7.57
CA VAL C 183 -48.53 -47.80 -8.27
C VAL C 183 -47.95 -46.80 -9.25
N VAL C 184 -48.54 -46.70 -10.43
CA VAL C 184 -48.22 -45.62 -11.34
C VAL C 184 -49.50 -44.91 -11.70
N VAL C 185 -49.48 -43.58 -11.76
CA VAL C 185 -50.65 -42.78 -12.08
C VAL C 185 -50.31 -41.81 -13.20
N LEU C 186 -50.83 -42.10 -14.40
CA LEU C 186 -50.59 -41.29 -15.60
C LEU C 186 -51.64 -40.20 -15.69
N SER C 187 -51.19 -38.94 -15.69
CA SER C 187 -52.06 -37.79 -15.95
C SER C 187 -51.95 -37.38 -17.41
N PHE C 188 -53.08 -37.14 -18.04
CA PHE C 188 -53.13 -36.74 -19.44
C PHE C 188 -53.62 -35.30 -19.53
N GLU C 189 -52.69 -34.37 -19.47
CA GLU C 189 -53.05 -32.96 -19.49
C GLU C 189 -52.98 -32.46 -20.92
N LEU C 190 -53.92 -31.61 -21.30
CA LEU C 190 -53.85 -30.91 -22.58
C LEU C 190 -54.28 -29.46 -22.43
N LEU C 191 -53.35 -28.55 -22.63
CA LEU C 191 -53.70 -27.13 -22.62
C LEU C 191 -54.11 -26.73 -24.03
N HIS C 192 -54.11 -25.41 -24.31
CA HIS C 192 -54.24 -24.87 -25.66
C HIS C 192 -52.86 -24.67 -26.28
N ALA C 193 -51.90 -25.49 -25.88
CA ALA C 193 -50.53 -25.53 -26.37
C ALA C 193 -50.42 -26.68 -27.36
N PRO C 194 -49.28 -26.87 -28.02
CA PRO C 194 -49.19 -27.97 -28.99
C PRO C 194 -49.05 -29.33 -28.33
N ALA C 195 -49.81 -30.29 -28.87
CA ALA C 195 -49.76 -31.66 -28.37
C ALA C 195 -48.38 -32.27 -28.64
N THR C 196 -47.72 -32.77 -27.59
CA THR C 196 -46.37 -33.30 -27.76
C THR C 196 -46.20 -34.76 -27.35
N VAL C 197 -47.27 -35.45 -26.96
CA VAL C 197 -47.21 -36.87 -26.61
C VAL C 197 -48.37 -37.58 -27.29
N CYS C 198 -48.10 -38.22 -28.42
CA CYS C 198 -49.14 -38.88 -29.21
C CYS C 198 -48.90 -40.39 -29.21
N GLY C 199 -49.75 -41.09 -29.96
CA GLY C 199 -49.59 -42.50 -30.19
C GLY C 199 -49.40 -42.88 -31.64
N PRO C 200 -49.60 -44.19 -31.96
CA PRO C 200 -49.65 -44.63 -33.36
C PRO C 200 -50.88 -44.10 -34.09
N LYS C 201 -50.87 -42.80 -34.36
CA LYS C 201 -51.97 -42.12 -35.03
C LYS C 201 -51.55 -40.71 -35.42
N ASN D 7 49.72 4.89 43.09
CA ASN D 7 49.30 4.65 41.71
C ASN D 7 50.48 4.21 40.85
N LEU D 8 50.74 2.89 40.81
CA LEU D 8 51.98 2.33 40.29
C LEU D 8 51.97 2.22 38.76
N CYS D 9 53.20 2.15 38.16
CA CYS D 9 53.27 2.04 36.69
C CYS D 9 53.45 0.61 36.23
N PRO D 10 52.71 0.26 35.13
CA PRO D 10 52.60 -1.14 34.70
C PRO D 10 53.87 -1.72 34.12
N PHE D 11 55.02 -1.58 34.78
CA PHE D 11 56.24 -2.07 34.16
C PHE D 11 56.30 -3.59 34.13
N GLY D 12 55.98 -4.24 35.24
CA GLY D 12 55.95 -5.70 35.24
C GLY D 12 55.01 -6.27 34.17
N GLU D 13 53.92 -5.54 33.87
CA GLU D 13 53.02 -5.89 32.76
C GLU D 13 53.79 -6.12 31.45
N VAL D 14 54.81 -5.28 31.20
CA VAL D 14 55.56 -5.36 29.94
C VAL D 14 56.62 -6.44 30.02
N PHE D 15 57.53 -6.35 31.01
CA PHE D 15 58.71 -7.20 31.06
C PHE D 15 58.37 -8.65 31.38
N ASN D 16 57.44 -8.91 32.29
CA ASN D 16 57.18 -10.28 32.72
C ASN D 16 56.00 -10.90 31.96
N ALA D 17 55.63 -10.39 30.80
CA ALA D 17 54.45 -10.89 30.09
C ALA D 17 54.74 -12.24 29.42
N THR D 18 53.67 -12.95 29.06
CA THR D 18 53.85 -14.30 28.55
C THR D 18 54.24 -14.33 27.07
N ARG D 19 53.54 -13.56 26.23
CA ARG D 19 53.81 -13.52 24.80
C ARG D 19 54.49 -12.21 24.40
N PHE D 20 55.51 -12.31 23.52
CA PHE D 20 56.22 -11.16 22.98
C PHE D 20 56.03 -11.11 21.47
N ALA D 21 56.04 -9.90 20.94
CA ALA D 21 55.78 -9.70 19.53
C ALA D 21 56.99 -10.06 18.69
N SER D 22 56.76 -10.31 17.39
CA SER D 22 57.86 -10.45 16.44
C SER D 22 58.36 -9.06 16.10
N VAL D 23 59.67 -8.95 15.86
CA VAL D 23 60.28 -7.63 15.77
C VAL D 23 59.69 -6.82 14.63
N TYR D 24 59.37 -7.46 13.51
CA TYR D 24 58.85 -6.67 12.38
C TYR D 24 57.52 -6.05 12.72
N ALA D 25 56.75 -6.69 13.60
CA ALA D 25 55.45 -6.23 14.04
C ALA D 25 55.51 -5.88 15.52
N TRP D 26 56.52 -5.09 15.87
CA TRP D 26 56.86 -4.82 17.26
C TRP D 26 55.70 -4.22 18.02
N ASN D 27 55.79 -4.29 19.34
CA ASN D 27 54.70 -3.99 20.25
C ASN D 27 54.99 -2.75 21.08
N ARG D 28 54.14 -1.74 20.97
CA ARG D 28 54.28 -0.51 21.75
C ARG D 28 53.14 -0.37 22.73
N LYS D 29 53.48 -0.25 24.02
CA LYS D 29 52.52 0.02 25.07
C LYS D 29 52.72 1.44 25.56
N ARG D 30 51.64 2.21 25.64
CA ARG D 30 51.69 3.54 26.21
C ARG D 30 51.60 3.50 27.73
N ILE D 31 52.47 4.27 28.39
CA ILE D 31 52.48 4.41 29.85
C ILE D 31 52.27 5.88 30.18
N SER D 32 51.22 6.16 30.93
CA SER D 32 50.87 7.53 31.27
C SER D 32 50.11 7.53 32.57
N ASN D 33 49.98 8.72 33.15
CA ASN D 33 49.11 8.97 34.31
C ASN D 33 49.44 8.02 35.46
N CYS D 34 50.72 7.88 35.78
CA CYS D 34 51.13 7.02 36.87
C CYS D 34 52.51 7.47 37.36
N VAL D 35 53.03 6.74 38.35
CA VAL D 35 54.38 6.94 38.88
C VAL D 35 55.13 5.61 38.87
N ALA D 36 56.35 5.62 38.35
CA ALA D 36 57.11 4.42 38.06
C ALA D 36 58.32 4.33 38.96
N ASP D 37 58.57 3.14 39.52
CA ASP D 37 59.85 2.88 40.16
C ASP D 37 60.79 2.23 39.16
N TYR D 38 61.71 3.02 38.61
CA TYR D 38 62.70 2.46 37.71
C TYR D 38 63.71 1.59 38.45
N SER D 39 63.88 1.78 39.77
CA SER D 39 64.89 1.04 40.51
C SER D 39 64.66 -0.46 40.52
N VAL D 40 63.41 -0.92 40.33
CA VAL D 40 63.16 -2.37 40.22
C VAL D 40 63.91 -2.93 39.02
N LEU D 41 64.05 -2.13 37.97
CA LEU D 41 64.88 -2.44 36.81
C LEU D 41 66.34 -2.16 37.13
N TYR D 42 66.61 -0.93 37.55
CA TYR D 42 67.96 -0.39 37.65
C TYR D 42 68.84 -1.29 38.53
N ASN D 43 68.31 -1.74 39.67
CA ASN D 43 68.92 -2.79 40.50
C ASN D 43 68.45 -4.17 40.02
N SER D 44 69.13 -4.75 39.03
CA SER D 44 68.77 -6.11 38.64
C SER D 44 69.82 -6.73 37.74
N ALA D 45 70.26 -7.94 38.07
CA ALA D 45 71.17 -8.66 37.18
C ALA D 45 70.46 -9.69 36.34
N SER D 46 69.11 -9.67 36.30
CA SER D 46 68.39 -10.54 35.38
C SER D 46 68.64 -10.20 33.92
N PHE D 47 69.21 -9.02 33.65
CA PHE D 47 69.36 -8.48 32.32
C PHE D 47 70.75 -8.70 31.77
N SER D 48 70.80 -8.96 30.46
CA SER D 48 72.02 -9.25 29.70
C SER D 48 72.60 -8.02 29.02
N THR D 49 71.76 -7.05 28.66
CA THR D 49 72.17 -5.77 28.10
C THR D 49 71.34 -4.70 28.76
N PHE D 50 71.94 -3.55 29.04
CA PHE D 50 71.19 -2.48 29.70
C PHE D 50 71.95 -1.18 29.42
N LYS D 51 71.57 -0.47 28.36
CA LYS D 51 72.25 0.75 27.93
C LYS D 51 71.17 1.84 27.85
N CYS D 52 71.42 3.01 28.44
CA CYS D 52 70.47 4.13 28.38
C CYS D 52 71.04 5.30 27.62
N TYR D 53 70.19 5.95 26.81
CA TYR D 53 70.62 7.00 25.90
C TYR D 53 69.91 8.29 26.28
N GLY D 54 70.68 9.36 26.51
CA GLY D 54 70.14 10.67 26.76
C GLY D 54 69.75 10.97 28.19
N VAL D 55 69.60 9.95 29.05
CA VAL D 55 69.41 10.11 30.48
C VAL D 55 70.20 9.02 31.18
N SER D 56 70.53 9.26 32.44
CA SER D 56 71.35 8.29 33.17
C SER D 56 70.45 7.31 33.94
N PRO D 57 70.75 5.99 34.07
CA PRO D 57 69.82 5.13 34.83
C PRO D 57 69.78 5.51 36.31
N THR D 58 70.93 5.72 36.96
CA THR D 58 70.92 6.49 38.20
C THR D 58 70.36 7.87 37.86
N LYS D 59 69.52 8.40 38.73
CA LYS D 59 68.89 9.72 38.54
C LYS D 59 67.69 9.60 37.60
N LEU D 60 67.23 8.40 37.30
CA LEU D 60 65.99 8.27 36.54
C LEU D 60 64.78 8.47 37.43
N ASN D 61 64.78 7.87 38.62
CA ASN D 61 63.62 7.98 39.50
C ASN D 61 63.31 9.43 39.85
N ASP D 62 64.24 10.36 39.59
CA ASP D 62 64.05 11.77 39.88
C ASP D 62 63.46 12.54 38.71
N LEU D 63 63.07 11.87 37.63
CA LEU D 63 62.62 12.56 36.45
C LEU D 63 61.14 12.30 36.18
N CYS D 64 60.52 13.23 35.46
CA CYS D 64 59.13 13.10 35.04
C CYS D 64 59.01 13.45 33.56
N PHE D 65 58.16 12.70 32.84
CA PHE D 65 57.97 12.88 31.41
C PHE D 65 56.48 12.94 31.11
N THR D 66 56.14 13.45 29.92
CA THR D 66 54.71 13.54 29.56
C THR D 66 54.16 12.18 29.12
N ASN D 67 54.99 11.32 28.52
CA ASN D 67 54.60 9.94 28.24
C ASN D 67 55.83 9.04 28.33
N VAL D 68 55.59 7.79 28.67
CA VAL D 68 56.60 6.75 28.50
C VAL D 68 56.01 5.67 27.61
N TYR D 69 56.75 5.31 26.58
CA TYR D 69 56.39 4.21 25.69
C TYR D 69 57.30 3.01 25.92
N ALA D 70 56.72 1.82 25.87
CA ALA D 70 57.42 0.54 26.09
C ALA D 70 57.29 -0.34 24.84
N ASP D 71 58.30 -0.30 23.98
CA ASP D 71 58.35 -1.12 22.78
C ASP D 71 59.03 -2.46 23.11
N SER D 72 58.42 -3.56 22.67
CA SER D 72 58.86 -4.90 23.07
C SER D 72 58.75 -5.88 21.91
N PHE D 73 59.74 -6.75 21.79
CA PHE D 73 59.81 -7.70 20.68
C PHE D 73 60.90 -8.73 20.99
N VAL D 74 61.11 -9.63 20.04
CA VAL D 74 62.08 -10.71 20.18
C VAL D 74 62.99 -10.72 18.95
N ILE D 75 64.30 -10.71 19.19
CA ILE D 75 65.31 -10.93 18.17
C ILE D 75 66.36 -11.87 18.74
N ARG D 76 67.25 -12.37 17.88
CA ARG D 76 68.33 -13.23 18.37
C ARG D 76 69.45 -12.38 18.94
N GLY D 77 70.25 -13.03 19.78
CA GLY D 77 71.16 -12.29 20.64
C GLY D 77 72.21 -11.49 19.89
N ASP D 78 72.71 -12.03 18.78
CA ASP D 78 73.73 -11.29 18.06
C ASP D 78 73.18 -10.01 17.43
N GLU D 79 71.86 -9.83 17.37
CA GLU D 79 71.23 -8.65 16.83
C GLU D 79 70.85 -7.62 17.90
N VAL D 80 71.01 -7.92 19.19
CA VAL D 80 70.66 -6.90 20.17
C VAL D 80 71.56 -5.66 20.00
N ARG D 81 72.77 -5.84 19.51
CA ARG D 81 73.65 -4.68 19.42
C ARG D 81 73.20 -3.66 18.37
N GLN D 82 72.14 -3.99 17.62
CA GLN D 82 71.55 -3.12 16.61
C GLN D 82 70.44 -2.24 17.13
N ILE D 83 69.96 -2.47 18.35
CA ILE D 83 68.90 -1.65 18.93
C ILE D 83 69.54 -0.45 19.62
N ALA D 84 70.08 0.47 18.83
CA ALA D 84 70.72 1.67 19.34
C ALA D 84 70.54 2.77 18.32
N PRO D 85 70.66 4.02 18.74
CA PRO D 85 70.72 5.10 17.75
C PRO D 85 71.90 4.88 16.80
N GLY D 86 71.62 5.00 15.50
CA GLY D 86 72.64 5.01 14.48
C GLY D 86 73.17 3.66 14.04
N GLN D 87 72.64 2.57 14.55
CA GLN D 87 73.13 1.30 14.08
C GLN D 87 72.55 0.98 12.70
N THR D 88 73.22 0.03 12.03
CA THR D 88 72.85 -0.48 10.71
C THR D 88 72.81 -2.00 10.78
N GLY D 89 72.25 -2.61 9.75
CA GLY D 89 71.92 -4.02 9.76
C GLY D 89 70.45 -4.27 9.47
N LYS D 90 70.12 -5.55 9.28
CA LYS D 90 68.78 -5.93 8.88
C LYS D 90 67.74 -5.53 9.92
N ILE D 91 68.05 -5.65 11.21
CA ILE D 91 67.05 -5.28 12.21
C ILE D 91 66.91 -3.77 12.27
N ALA D 92 68.03 -3.06 12.39
CA ALA D 92 67.98 -1.62 12.57
C ALA D 92 67.43 -0.91 11.32
N ASP D 93 67.67 -1.46 10.14
CA ASP D 93 67.21 -0.75 8.96
C ASP D 93 65.84 -1.20 8.48
N TYR D 94 65.42 -2.43 8.74
CA TYR D 94 64.18 -2.92 8.15
C TYR D 94 63.10 -3.31 9.17
N ASN D 95 63.34 -3.18 10.47
CA ASN D 95 62.36 -3.67 11.47
C ASN D 95 62.10 -2.68 12.60
N TYR D 96 63.15 -2.04 13.12
CA TYR D 96 63.05 -1.15 14.29
C TYR D 96 64.23 -0.18 14.31
N LYS D 97 63.98 1.09 13.95
CA LYS D 97 65.03 2.10 13.89
C LYS D 97 64.90 3.04 15.09
N LEU D 98 65.94 3.26 15.76
CA LEU D 98 65.81 4.29 16.77
C LEU D 98 66.36 5.60 16.25
N PRO D 99 65.85 6.72 16.75
CA PRO D 99 66.27 8.04 16.25
C PRO D 99 67.57 8.55 16.86
N ASP D 100 68.18 9.50 16.14
CA ASP D 100 69.44 10.10 16.59
C ASP D 100 69.31 10.71 17.98
N ASP D 101 68.14 11.24 18.34
CA ASP D 101 67.95 11.98 19.57
C ASP D 101 67.12 11.21 20.59
N PHE D 102 67.22 9.89 20.54
CA PHE D 102 66.42 9.01 21.36
C PHE D 102 66.82 9.21 22.81
N THR D 103 65.85 9.55 23.66
CA THR D 103 66.09 9.60 25.10
C THR D 103 65.30 8.42 25.64
N GLY D 104 66.01 7.37 26.00
CA GLY D 104 65.36 6.18 26.50
C GLY D 104 66.36 5.10 26.81
N CYS D 105 65.85 3.91 27.11
CA CYS D 105 66.68 2.81 27.53
C CYS D 105 66.35 1.54 26.73
N VAL D 106 67.31 0.63 26.72
CA VAL D 106 67.23 -0.60 25.96
C VAL D 106 67.65 -1.74 26.88
N ILE D 107 66.72 -2.63 27.17
CA ILE D 107 66.92 -3.68 28.14
C ILE D 107 66.65 -5.00 27.44
N ALA D 108 67.55 -5.95 27.62
CA ALA D 108 67.37 -7.25 26.98
C ALA D 108 67.85 -8.34 27.90
N TRP D 109 67.25 -9.51 27.73
CA TRP D 109 67.65 -10.67 28.50
C TRP D 109 67.45 -11.90 27.63
N ASN D 110 68.23 -12.92 27.90
CA ASN D 110 68.05 -14.15 27.16
C ASN D 110 66.74 -14.79 27.59
N SER D 111 66.04 -15.38 26.63
CA SER D 111 64.78 -16.07 26.89
C SER D 111 64.75 -17.39 26.13
N ASN D 112 65.89 -18.10 26.15
CA ASN D 112 66.01 -19.40 25.49
C ASN D 112 64.99 -20.40 26.00
N ASN D 113 64.74 -20.38 27.31
CA ASN D 113 63.83 -21.33 27.95
C ASN D 113 62.36 -21.05 27.66
N LEU D 114 62.02 -19.93 27.04
CA LEU D 114 60.64 -19.59 26.74
C LEU D 114 60.32 -19.61 25.26
N ASP D 115 61.21 -19.05 24.46
CA ASP D 115 60.93 -18.79 23.07
C ASP D 115 61.70 -19.72 22.15
N SER D 116 62.40 -20.70 22.72
CA SER D 116 62.90 -21.83 21.99
C SER D 116 61.96 -23.00 22.21
N LYS D 117 61.76 -23.78 21.16
CA LYS D 117 61.01 -25.03 21.26
C LYS D 117 61.78 -26.06 20.43
N VAL D 118 61.87 -27.28 20.94
CA VAL D 118 62.68 -28.32 20.29
C VAL D 118 62.18 -28.57 18.87
N GLY D 119 63.10 -28.63 17.91
CA GLY D 119 62.72 -28.74 16.52
C GLY D 119 62.45 -27.43 15.84
N GLY D 120 62.43 -26.34 16.59
CA GLY D 120 62.32 -24.99 16.08
C GLY D 120 61.04 -24.26 16.45
N ASN D 121 61.18 -23.06 17.02
CA ASN D 121 60.06 -22.14 17.19
C ASN D 121 60.08 -21.22 15.97
N TYR D 122 59.14 -21.40 15.06
CA TYR D 122 59.09 -20.59 13.85
C TYR D 122 58.03 -19.47 13.91
N ASN D 123 57.48 -19.18 15.08
CA ASN D 123 56.45 -18.16 15.18
C ASN D 123 57.05 -16.77 15.22
N TYR D 124 58.34 -16.64 15.49
CA TYR D 124 59.01 -15.35 15.57
C TYR D 124 59.66 -15.03 14.23
N LEU D 125 59.27 -13.90 13.65
CA LEU D 125 59.71 -13.47 12.33
C LEU D 125 60.44 -12.15 12.40
N TYR D 126 61.22 -11.87 11.34
CA TYR D 126 61.95 -10.62 11.16
C TYR D 126 61.89 -10.28 9.68
N ARG D 127 61.77 -9.00 9.37
CA ARG D 127 61.75 -8.59 7.97
C ARG D 127 63.16 -8.55 7.45
N LEU D 128 63.36 -9.16 6.29
CA LEU D 128 64.70 -9.34 5.73
C LEU D 128 64.95 -8.51 4.47
N PHE D 129 63.89 -8.22 3.70
CA PHE D 129 64.03 -7.35 2.55
C PHE D 129 63.04 -6.19 2.63
N ARG D 130 63.52 -5.04 2.20
CA ARG D 130 62.73 -3.83 2.10
C ARG D 130 63.42 -3.00 1.07
N LYS D 131 62.64 -2.23 0.32
CA LYS D 131 63.28 -1.40 -0.70
C LYS D 131 63.84 -0.12 -0.11
N SER D 132 63.51 0.23 1.13
CA SER D 132 64.03 1.46 1.72
C SER D 132 64.20 1.26 3.22
N ASN D 133 65.11 2.03 3.82
CA ASN D 133 65.29 1.97 5.27
C ASN D 133 64.06 2.50 5.99
N LEU D 134 63.87 2.03 7.21
CA LEU D 134 62.79 2.58 8.01
C LEU D 134 63.18 3.94 8.54
N LYS D 135 62.19 4.83 8.65
CA LYS D 135 62.35 6.04 9.41
C LYS D 135 62.14 5.66 10.87
N PRO D 136 62.73 6.39 11.83
CA PRO D 136 62.69 5.94 13.23
C PRO D 136 61.27 5.74 13.77
N PHE D 137 61.07 4.59 14.40
CA PHE D 137 59.81 4.17 14.97
C PHE D 137 58.75 3.87 13.93
N GLU D 138 59.12 3.76 12.65
CA GLU D 138 58.22 3.26 11.60
C GLU D 138 57.94 1.79 11.87
N ARG D 139 56.85 1.28 11.30
CA ARG D 139 56.48 -0.12 11.54
C ARG D 139 55.80 -0.72 10.32
N ASP D 140 56.39 -1.77 9.78
CA ASP D 140 55.98 -2.33 8.49
C ASP D 140 55.55 -3.79 8.68
N ILE D 141 54.28 -4.08 8.35
CA ILE D 141 53.70 -5.42 8.45
C ILE D 141 53.25 -5.95 7.10
N SER D 142 53.64 -5.31 6.00
CA SER D 142 53.25 -5.74 4.68
C SER D 142 53.86 -7.10 4.35
N THR D 143 53.07 -7.98 3.76
CA THR D 143 53.52 -9.32 3.41
C THR D 143 53.57 -9.53 1.89
N GLU D 144 53.97 -8.50 1.19
CA GLU D 144 54.04 -8.51 -0.27
C GLU D 144 55.40 -8.98 -0.80
N ILE D 145 55.34 -9.80 -1.86
CA ILE D 145 56.55 -10.35 -2.44
C ILE D 145 57.46 -9.22 -2.88
N TYR D 146 58.73 -9.31 -2.51
CA TYR D 146 59.71 -8.26 -2.74
C TYR D 146 60.43 -8.52 -4.05
N GLN D 147 60.37 -7.56 -4.96
CA GLN D 147 60.96 -7.69 -6.30
C GLN D 147 62.40 -7.20 -6.20
N ALA D 148 63.33 -8.15 -6.18
CA ALA D 148 64.75 -7.85 -6.10
C ALA D 148 65.39 -7.70 -7.46
N GLY D 149 64.66 -7.91 -8.53
CA GLY D 149 65.22 -7.71 -9.83
C GLY D 149 64.46 -6.72 -10.68
N SER D 150 64.40 -7.03 -11.98
CA SER D 150 63.66 -6.25 -12.94
C SER D 150 62.39 -6.94 -13.43
N THR D 151 62.33 -8.25 -13.33
CA THR D 151 61.18 -9.01 -13.81
C THR D 151 60.08 -8.96 -12.76
N PRO D 152 58.85 -8.62 -13.14
CA PRO D 152 57.74 -8.60 -12.18
C PRO D 152 57.50 -9.93 -11.50
N CYS D 153 57.04 -9.86 -10.25
CA CYS D 153 56.97 -11.04 -9.40
C CYS D 153 55.64 -11.74 -9.42
N ASN D 154 54.59 -11.04 -9.83
CA ASN D 154 53.27 -11.64 -9.91
C ASN D 154 52.91 -12.26 -8.56
N GLY D 155 53.25 -11.54 -7.49
CA GLY D 155 52.86 -11.88 -6.14
C GLY D 155 53.23 -13.29 -5.72
N VAL D 156 54.09 -13.94 -6.50
CA VAL D 156 54.52 -15.31 -6.23
C VAL D 156 56.04 -15.33 -6.18
N GLU D 157 56.56 -15.99 -5.15
CA GLU D 157 58.01 -16.17 -4.96
C GLU D 157 58.65 -16.92 -6.13
N GLY D 158 59.93 -16.63 -6.35
CA GLY D 158 60.69 -17.27 -7.41
C GLY D 158 62.07 -16.68 -7.56
N PHE D 159 62.57 -16.59 -8.78
CA PHE D 159 63.88 -15.97 -9.00
C PHE D 159 63.77 -14.47 -8.83
N ASN D 160 64.58 -13.90 -7.94
CA ASN D 160 64.55 -12.48 -7.60
C ASN D 160 63.24 -12.05 -6.97
N CYS D 161 62.45 -13.01 -6.49
CA CYS D 161 61.10 -12.77 -5.96
C CYS D 161 61.03 -13.45 -4.61
N TYR D 162 61.41 -12.72 -3.56
CA TYR D 162 61.47 -13.31 -2.23
C TYR D 162 60.31 -12.81 -1.40
N PHE D 163 59.67 -13.73 -0.68
CA PHE D 163 58.72 -13.36 0.34
C PHE D 163 59.50 -12.68 1.47
N PRO D 164 59.16 -11.45 1.85
CA PRO D 164 60.08 -10.60 2.61
C PRO D 164 60.20 -10.90 4.09
N LEU D 165 59.43 -11.83 4.64
CA LEU D 165 59.54 -12.18 6.05
C LEU D 165 60.23 -13.52 6.18
N GLN D 166 61.20 -13.60 7.08
CA GLN D 166 61.89 -14.85 7.36
C GLN D 166 61.71 -15.22 8.82
N SER D 167 61.86 -16.51 9.09
CA SER D 167 61.66 -17.03 10.43
C SER D 167 62.98 -17.10 11.19
N TYR D 168 62.84 -17.13 12.51
CA TYR D 168 64.05 -17.20 13.32
C TYR D 168 64.49 -18.64 13.53
N GLY D 169 63.54 -19.51 13.86
CA GLY D 169 63.84 -20.91 14.09
C GLY D 169 64.70 -21.09 15.32
N PHE D 170 64.17 -20.70 16.47
CA PHE D 170 64.93 -20.80 17.70
C PHE D 170 64.86 -22.24 18.19
N GLN D 171 66.01 -22.95 18.13
CA GLN D 171 66.14 -24.23 18.84
C GLN D 171 66.95 -24.02 20.10
N PRO D 172 66.60 -24.70 21.20
CA PRO D 172 67.35 -24.49 22.45
C PRO D 172 68.81 -24.87 22.35
N THR D 173 69.23 -25.59 21.30
CA THR D 173 70.60 -26.07 21.15
C THR D 173 71.52 -25.03 20.52
N ASN D 174 70.97 -23.95 19.99
CA ASN D 174 71.73 -22.98 19.22
C ASN D 174 72.77 -22.27 20.07
N GLY D 175 73.83 -21.82 19.41
CA GLY D 175 74.77 -20.91 20.04
C GLY D 175 74.08 -19.64 20.53
N VAL D 176 74.76 -18.93 21.43
CA VAL D 176 74.13 -17.79 22.11
C VAL D 176 73.80 -16.66 21.15
N GLY D 177 74.63 -16.44 20.12
CA GLY D 177 74.33 -15.42 19.12
C GLY D 177 73.04 -15.65 18.38
N TYR D 178 72.52 -16.89 18.42
CA TYR D 178 71.31 -17.31 17.73
C TYR D 178 70.20 -17.76 18.67
N GLN D 179 70.30 -17.45 20.00
CA GLN D 179 69.23 -17.76 20.93
C GLN D 179 68.26 -16.59 21.04
N PRO D 180 67.00 -16.82 21.38
CA PRO D 180 66.05 -15.71 21.43
C PRO D 180 66.29 -14.83 22.64
N TYR D 181 66.32 -13.52 22.40
CA TYR D 181 66.36 -12.51 23.45
C TYR D 181 65.12 -11.63 23.37
N ARG D 182 64.51 -11.37 24.52
CA ARG D 182 63.40 -10.44 24.59
C ARG D 182 63.93 -9.05 24.90
N VAL D 183 63.37 -8.05 24.24
CA VAL D 183 63.86 -6.68 24.32
C VAL D 183 62.71 -5.74 24.69
N VAL D 184 62.99 -4.79 25.56
CA VAL D 184 62.09 -3.69 25.85
C VAL D 184 62.88 -2.42 25.59
N VAL D 185 62.24 -1.42 24.98
CA VAL D 185 62.87 -0.13 24.70
C VAL D 185 61.95 0.97 25.20
N LEU D 186 62.33 1.59 26.32
CA LEU D 186 61.55 2.64 26.97
C LEU D 186 61.90 4.00 26.39
N SER D 187 60.91 4.70 25.83
CA SER D 187 61.07 6.05 25.33
C SER D 187 60.60 7.03 26.39
N PHE D 188 61.37 8.09 26.59
CA PHE D 188 61.01 9.12 27.55
C PHE D 188 60.75 10.42 26.81
N GLU D 189 59.52 10.62 26.37
CA GLU D 189 59.18 11.81 25.64
C GLU D 189 58.63 12.82 26.63
N LEU D 190 58.94 14.10 26.41
CA LEU D 190 58.29 15.16 27.16
C LEU D 190 58.01 16.34 26.24
N LEU D 191 56.73 16.61 25.99
CA LEU D 191 56.37 17.77 25.18
C LEU D 191 56.17 19.00 26.08
N HIS D 192 55.43 20.00 25.55
CA HIS D 192 54.98 21.18 26.27
C HIS D 192 53.63 20.96 26.95
N ALA D 193 53.36 19.72 27.34
CA ALA D 193 52.20 19.28 28.12
C ALA D 193 52.65 19.00 29.55
N PRO D 194 51.72 18.68 30.47
CA PRO D 194 52.14 18.37 31.84
C PRO D 194 52.68 16.95 31.99
N ALA D 195 53.78 16.84 32.75
CA ALA D 195 54.42 15.55 33.01
C ALA D 195 53.49 14.64 33.82
N THR D 196 53.26 13.40 33.32
CA THR D 196 52.32 12.47 33.97
C THR D 196 52.93 11.14 34.39
N VAL D 197 54.23 10.94 34.24
CA VAL D 197 54.91 9.70 34.66
C VAL D 197 56.16 10.08 35.43
N CYS D 198 56.07 10.08 36.76
CA CYS D 198 57.14 10.55 37.63
C CYS D 198 57.76 9.40 38.40
N GLY D 199 58.69 9.76 39.26
CA GLY D 199 59.26 8.86 40.23
C GLY D 199 58.93 9.34 41.64
N PRO D 200 59.70 8.84 42.62
CA PRO D 200 59.62 9.30 44.02
C PRO D 200 60.08 10.76 44.20
N GLN E 1 -4.55 41.49 37.52
CA GLN E 1 -3.79 40.37 37.00
C GLN E 1 -4.72 39.20 36.58
N VAL E 2 -4.44 38.58 35.43
CA VAL E 2 -5.16 37.41 34.91
C VAL E 2 -4.25 36.19 35.03
N GLN E 3 -4.83 35.04 35.39
CA GLN E 3 -4.03 33.82 35.51
C GLN E 3 -4.67 32.63 34.80
N LEU E 4 -3.84 31.66 34.43
CA LEU E 4 -4.30 30.51 33.65
C LEU E 4 -3.63 29.25 34.16
N GLN E 5 -4.41 28.27 34.61
CA GLN E 5 -3.84 27.03 35.13
C GLN E 5 -4.36 25.87 34.30
N GLU E 6 -3.47 24.95 33.92
CA GLU E 6 -3.86 23.82 33.09
C GLU E 6 -3.96 22.54 33.90
N SER E 7 -4.89 21.67 33.50
CA SER E 7 -5.16 20.38 34.09
C SER E 7 -5.19 19.38 32.95
N GLY E 8 -4.53 18.23 33.09
CA GLY E 8 -4.41 17.30 31.99
C GLY E 8 -4.19 15.89 32.45
N PRO E 9 -4.41 14.90 31.57
CA PRO E 9 -4.35 13.50 32.00
C PRO E 9 -2.99 13.05 32.45
N GLY E 10 -1.94 13.64 31.92
CA GLY E 10 -0.58 13.22 32.22
C GLY E 10 -0.21 12.12 31.25
N LEU E 11 -1.10 11.14 31.09
CA LEU E 11 -0.95 10.12 30.06
C LEU E 11 -2.23 9.97 29.26
N VAL E 12 -2.05 9.57 28.01
CA VAL E 12 -3.14 9.10 27.19
C VAL E 12 -2.62 7.86 26.50
N LYS E 13 -3.55 7.01 26.07
CA LYS E 13 -2.97 5.89 25.35
C LYS E 13 -3.22 6.12 23.88
N PRO E 14 -2.39 5.57 23.00
CA PRO E 14 -2.57 5.83 21.58
C PRO E 14 -4.01 5.50 21.21
N SER E 15 -4.56 6.26 20.28
CA SER E 15 -5.93 6.13 19.79
C SER E 15 -6.98 6.46 20.83
N GLU E 16 -6.60 6.86 22.05
CA GLU E 16 -7.58 7.37 22.99
C GLU E 16 -7.91 8.81 22.61
N THR E 17 -8.61 9.51 23.48
CA THR E 17 -8.88 10.91 23.25
C THR E 17 -8.34 11.70 24.43
N LEU E 18 -7.61 12.77 24.12
CA LEU E 18 -6.91 13.61 25.09
C LEU E 18 -7.70 14.85 25.39
N SER E 19 -7.70 15.24 26.65
CA SER E 19 -8.42 16.43 27.03
C SER E 19 -7.67 17.15 28.14
N VAL E 20 -7.47 18.45 27.96
CA VAL E 20 -6.89 19.31 28.97
C VAL E 20 -7.89 20.42 29.19
N THR E 21 -7.90 20.96 30.39
CA THR E 21 -8.79 22.08 30.72
C THR E 21 -7.96 23.17 31.36
N CYS E 22 -8.52 24.37 31.39
CA CYS E 22 -7.78 25.56 31.81
C CYS E 22 -8.67 26.38 32.73
N THR E 23 -8.26 26.58 33.98
CA THR E 23 -9.07 27.30 34.95
C THR E 23 -8.57 28.74 35.10
N VAL E 24 -9.37 29.68 34.61
CA VAL E 24 -9.00 31.10 34.59
C VAL E 24 -9.29 31.76 35.92
N SER E 25 -8.32 32.55 36.40
CA SER E 25 -8.35 33.27 37.66
C SER E 25 -8.20 34.76 37.39
N GLY E 26 -8.66 35.55 38.35
CA GLY E 26 -8.49 37.00 38.29
C GLY E 26 -9.18 37.62 37.09
N GLY E 27 -10.32 37.09 36.72
CA GLY E 27 -11.08 37.62 35.61
C GLY E 27 -12.04 36.54 35.22
N SER E 28 -13.19 36.87 34.67
CA SER E 28 -14.22 35.87 34.40
C SER E 28 -14.50 35.79 32.91
N ILE E 29 -14.52 34.57 32.37
CA ILE E 29 -14.70 34.35 30.94
C ILE E 29 -16.04 34.86 30.41
N SER E 30 -17.11 34.80 31.21
CA SER E 30 -18.42 35.24 30.73
C SER E 30 -18.34 36.72 30.36
N SER E 31 -18.78 37.04 29.15
CA SER E 31 -18.81 38.41 28.62
C SER E 31 -17.43 38.99 28.35
N SER E 32 -16.36 38.19 28.44
CA SER E 32 -15.01 38.69 28.22
C SER E 32 -14.78 38.94 26.73
N ARG E 33 -14.16 40.07 26.40
CA ARG E 33 -13.96 40.37 24.99
C ARG E 33 -12.63 39.84 24.48
N TYR E 34 -12.25 38.66 24.97
CA TYR E 34 -11.01 38.00 24.62
C TYR E 34 -11.31 36.63 24.05
N TYR E 35 -10.55 36.25 23.03
CA TYR E 35 -10.47 34.84 22.65
C TYR E 35 -9.50 34.11 23.55
N TRP E 36 -9.86 32.88 23.92
CA TRP E 36 -8.99 32.02 24.72
C TRP E 36 -8.56 30.83 23.87
N GLY E 37 -7.28 30.44 23.95
CA GLY E 37 -6.72 29.54 22.97
C GLY E 37 -5.82 28.48 23.57
N TRP E 38 -5.47 27.52 22.73
CA TRP E 38 -4.60 26.40 23.10
C TRP E 38 -3.46 26.32 22.10
N ILE E 39 -2.25 26.17 22.62
CA ILE E 39 -1.02 26.12 21.83
C ILE E 39 -0.21 24.97 22.38
N ARG E 40 0.32 24.09 21.53
CA ARG E 40 1.06 22.95 22.07
C ARG E 40 2.50 22.97 21.60
N GLN E 41 3.38 22.27 22.34
CA GLN E 41 4.82 22.31 22.05
C GLN E 41 5.51 21.01 22.43
N PRO E 42 5.72 20.11 21.47
CA PRO E 42 6.38 18.81 21.75
C PRO E 42 7.81 19.01 22.24
N PRO E 43 8.40 18.03 22.92
CA PRO E 43 9.73 18.25 23.54
C PRO E 43 10.80 18.45 22.48
N GLY E 44 11.57 19.52 22.62
CA GLY E 44 12.61 19.91 21.68
C GLY E 44 12.15 20.70 20.45
N LYS E 45 10.88 20.67 20.12
CA LYS E 45 10.36 21.30 18.91
C LYS E 45 9.70 22.64 19.24
N GLY E 46 9.17 23.29 18.21
CA GLY E 46 8.62 24.63 18.31
C GLY E 46 7.15 24.63 18.66
N LEU E 47 6.56 25.81 18.63
CA LEU E 47 5.16 25.97 19.01
C LEU E 47 4.19 25.70 17.85
N GLU E 48 2.99 25.21 18.20
CA GLU E 48 1.88 25.01 17.27
C GLU E 48 0.58 25.50 17.89
N TRP E 49 -0.15 26.33 17.16
CA TRP E 49 -1.47 26.74 17.60
C TRP E 49 -2.45 25.61 17.34
N ILE E 50 -3.40 25.45 18.24
CA ILE E 50 -4.44 24.45 18.09
C ILE E 50 -5.79 25.11 17.76
N GLY E 51 -6.21 26.07 18.57
CA GLY E 51 -7.46 26.77 18.29
C GLY E 51 -7.77 27.74 19.39
N SER E 52 -8.75 28.58 19.13
CA SER E 52 -9.14 29.57 20.11
C SER E 52 -10.66 29.71 20.06
N ILE E 53 -11.24 30.21 21.15
CA ILE E 53 -12.69 30.20 21.31
C ILE E 53 -13.10 31.44 22.11
N TYR E 54 -14.24 32.02 21.76
CA TYR E 54 -14.86 33.15 22.47
C TYR E 54 -15.83 32.59 23.52
N TYR E 55 -16.26 33.42 24.50
CA TYR E 55 -17.24 32.92 25.47
C TYR E 55 -18.55 32.54 24.80
N SER E 56 -18.96 33.33 23.79
CA SER E 56 -20.15 33.02 23.00
C SER E 56 -20.05 31.62 22.39
N GLY E 57 -18.89 31.27 21.87
CA GLY E 57 -18.67 29.95 21.33
C GLY E 57 -17.94 29.94 20.01
N SER E 58 -17.98 31.06 19.27
CA SER E 58 -17.30 31.09 17.98
C SER E 58 -15.84 30.67 18.13
N THR E 59 -15.40 29.77 17.25
CA THR E 59 -14.08 29.19 17.38
C THR E 59 -13.34 29.33 16.08
N TYR E 60 -12.01 29.23 16.16
CA TYR E 60 -11.15 29.23 15.00
C TYR E 60 -10.13 28.14 15.25
N TYR E 61 -9.83 27.36 14.23
CA TYR E 61 -8.91 26.25 14.39
C TYR E 61 -7.76 26.38 13.42
N ASN E 62 -6.62 25.85 13.83
CA ASN E 62 -5.54 25.63 12.89
C ASN E 62 -6.01 24.60 11.89
N PRO E 63 -5.92 24.89 10.58
CA PRO E 63 -6.42 23.92 9.58
C PRO E 63 -5.87 22.52 9.75
N SER E 64 -4.56 22.36 9.87
CA SER E 64 -4.00 21.01 9.89
C SER E 64 -4.59 20.15 11.02
N LEU E 65 -5.00 20.76 12.13
CA LEU E 65 -5.45 19.98 13.27
C LEU E 65 -6.96 20.03 13.47
N LYS E 66 -7.68 20.78 12.65
CA LYS E 66 -9.12 20.82 12.77
C LYS E 66 -9.66 19.40 12.55
N SER E 67 -10.90 19.16 12.99
CA SER E 67 -11.57 17.86 12.86
C SER E 67 -11.07 16.87 13.90
N ARG E 68 -9.84 17.06 14.35
CA ARG E 68 -9.27 16.25 15.42
C ARG E 68 -9.43 16.94 16.74
N VAL E 69 -9.95 18.17 16.76
CA VAL E 69 -10.04 18.95 17.98
C VAL E 69 -11.44 19.49 18.10
N THR E 70 -11.85 19.70 19.34
CA THR E 70 -13.09 20.40 19.64
C THR E 70 -12.80 21.17 20.90
N ILE E 71 -12.91 22.48 20.82
CA ILE E 71 -12.69 23.34 21.96
C ILE E 71 -14.05 23.82 22.40
N SER E 72 -14.22 23.96 23.70
CA SER E 72 -15.51 24.38 24.24
C SER E 72 -15.25 25.19 25.49
N VAL E 73 -16.29 25.87 25.97
CA VAL E 73 -16.22 26.73 27.13
C VAL E 73 -17.35 26.38 28.09
N ASP E 74 -17.04 26.38 29.39
CA ASP E 74 -17.97 26.21 30.51
C ASP E 74 -17.89 27.45 31.38
N THR E 75 -18.68 28.48 31.06
CA THR E 75 -18.61 29.73 31.81
C THR E 75 -18.88 29.55 33.31
N SER E 76 -19.61 28.52 33.73
CA SER E 76 -19.96 28.42 35.15
C SER E 76 -18.78 27.96 36.00
N LYS E 77 -17.87 27.16 35.44
CA LYS E 77 -16.68 26.74 36.18
C LYS E 77 -15.51 27.70 35.99
N ASN E 78 -15.67 28.68 35.06
CA ASN E 78 -14.64 29.64 34.64
C ASN E 78 -13.45 28.93 34.02
N GLN E 79 -13.74 28.03 33.10
CA GLN E 79 -12.69 27.28 32.44
C GLN E 79 -13.08 27.04 31.00
N PHE E 80 -12.07 26.81 30.16
CA PHE E 80 -12.26 26.30 28.83
C PHE E 80 -11.35 25.10 28.66
N SER E 81 -11.50 24.40 27.54
CA SER E 81 -11.01 23.03 27.47
C SER E 81 -10.86 22.59 26.04
N LEU E 82 -9.88 21.72 25.80
CA LEU E 82 -9.57 21.13 24.49
C LEU E 82 -9.77 19.61 24.56
N LYS E 83 -10.24 19.03 23.47
CA LYS E 83 -10.33 17.57 23.32
C LYS E 83 -9.78 17.19 21.97
N LEU E 84 -8.77 16.34 21.96
CA LEU E 84 -8.08 15.94 20.74
C LEU E 84 -8.26 14.44 20.54
N SER E 85 -8.73 14.05 19.36
CA SER E 85 -9.21 12.71 19.05
C SER E 85 -8.08 11.84 18.53
N SER E 86 -8.15 10.55 18.90
CA SER E 86 -7.32 9.50 18.29
C SER E 86 -5.86 9.92 18.24
N VAL E 87 -5.29 10.10 19.43
CA VAL E 87 -3.97 10.69 19.56
C VAL E 87 -2.89 9.76 19.00
N THR E 88 -1.93 10.34 18.30
CA THR E 88 -0.78 9.65 17.78
C THR E 88 0.26 9.67 18.87
N ALA E 89 1.38 8.98 18.64
CA ALA E 89 2.56 9.28 19.46
C ALA E 89 2.99 10.71 19.27
N ALA E 90 2.61 11.32 18.12
CA ALA E 90 3.01 12.66 17.74
C ALA E 90 2.53 13.71 18.73
N ASP E 91 1.37 13.50 19.31
CA ASP E 91 0.74 14.54 20.10
C ASP E 91 1.35 14.69 21.48
N THR E 92 2.46 13.98 21.78
CA THR E 92 3.16 14.22 23.03
C THR E 92 3.71 15.62 23.04
N ALA E 93 3.27 16.40 24.02
CA ALA E 93 3.53 17.82 23.99
C ALA E 93 3.35 18.40 25.39
N VAL E 94 3.79 19.61 25.52
CA VAL E 94 3.29 20.49 26.56
C VAL E 94 2.16 21.31 25.94
N TYR E 95 1.00 21.27 26.57
CA TYR E 95 -0.17 21.98 26.10
C TYR E 95 -0.32 23.22 26.98
N TYR E 96 -0.39 24.39 26.35
CA TYR E 96 -0.42 25.68 27.01
C TYR E 96 -1.75 26.33 26.73
N CYS E 97 -2.37 26.94 27.72
CA CYS E 97 -3.52 27.76 27.36
C CYS E 97 -3.10 29.22 27.41
N ALA E 98 -3.88 30.08 26.75
CA ALA E 98 -3.45 31.46 26.60
C ALA E 98 -4.65 32.35 26.39
N ARG E 99 -4.52 33.59 26.83
CA ARG E 99 -5.53 34.62 26.62
C ARG E 99 -5.08 35.55 25.53
N HIS E 100 -5.95 35.77 24.54
CA HIS E 100 -5.67 36.76 23.52
C HIS E 100 -5.81 38.16 24.12
N ALA E 101 -5.25 39.15 23.42
CA ALA E 101 -5.62 40.52 23.70
C ALA E 101 -7.05 40.75 23.24
N ALA E 102 -7.63 41.83 23.72
CA ALA E 102 -9.04 42.12 23.44
C ALA E 102 -9.31 42.21 21.95
N ALA E 103 -10.26 41.39 21.49
CA ALA E 103 -10.67 41.40 20.09
C ALA E 103 -11.57 42.59 19.85
N TYR E 104 -11.44 43.18 18.68
CA TYR E 104 -12.09 44.45 18.41
C TYR E 104 -12.51 44.53 16.95
N TYR E 105 -13.31 45.56 16.65
CA TYR E 105 -13.70 45.92 15.29
C TYR E 105 -13.06 47.23 14.92
N ASP E 106 -12.60 47.35 13.66
CA ASP E 106 -12.02 48.62 13.24
C ASP E 106 -13.13 49.49 12.66
N ARG E 107 -12.76 50.70 12.20
CA ARG E 107 -13.73 51.69 11.74
C ARG E 107 -14.72 51.10 10.75
N SER E 108 -14.23 50.25 9.82
CA SER E 108 -15.00 49.69 8.72
C SER E 108 -15.87 48.50 9.11
N GLY E 109 -15.63 47.89 10.27
CA GLY E 109 -16.43 46.76 10.72
C GLY E 109 -15.70 45.43 10.75
N TYR E 110 -14.43 45.40 10.32
CA TYR E 110 -13.66 44.17 10.25
C TYR E 110 -13.27 43.65 11.64
N TYR E 111 -13.38 42.34 11.83
CA TYR E 111 -13.11 41.71 13.13
C TYR E 111 -11.66 41.29 13.24
N PHE E 112 -11.02 41.66 14.35
CA PHE E 112 -9.66 41.24 14.63
C PHE E 112 -9.61 40.60 16.00
N ILE E 113 -9.19 39.36 16.04
CA ILE E 113 -8.74 38.78 17.27
C ILE E 113 -7.24 39.06 17.29
N GLU E 114 -6.61 38.94 18.45
CA GLU E 114 -5.27 39.48 18.44
C GLU E 114 -4.22 38.38 18.65
N TYR E 115 -3.12 38.72 19.31
CA TYR E 115 -1.95 37.93 19.62
C TYR E 115 -2.15 37.20 20.95
N PHE E 116 -1.22 36.32 21.28
CA PHE E 116 -1.33 35.65 22.58
C PHE E 116 -0.69 36.53 23.65
N GLN E 117 -1.52 37.12 24.51
CA GLN E 117 -1.05 38.10 25.50
C GLN E 117 -0.57 37.47 26.79
N HIS E 118 -1.25 36.43 27.30
CA HIS E 118 -0.95 35.74 28.55
C HIS E 118 -0.98 34.23 28.35
N TRP E 119 -0.06 33.52 29.01
CA TRP E 119 0.10 32.07 28.85
C TRP E 119 0.01 31.36 30.19
N GLY E 120 -0.58 30.18 30.20
CA GLY E 120 -0.46 29.33 31.36
C GLY E 120 0.91 28.70 31.43
N GLN E 121 1.18 28.00 32.53
CA GLN E 121 2.51 27.46 32.70
C GLN E 121 2.74 26.17 31.94
N GLY E 122 1.70 25.58 31.37
CA GLY E 122 1.88 24.43 30.53
C GLY E 122 1.93 23.10 31.24
N THR E 123 1.19 22.14 30.67
CA THR E 123 1.00 20.80 31.20
C THR E 123 1.55 19.80 30.20
N LEU E 124 2.43 18.91 30.65
CA LEU E 124 2.93 17.87 29.77
C LEU E 124 1.92 16.73 29.67
N VAL E 125 1.71 16.25 28.46
CA VAL E 125 0.90 15.09 28.22
C VAL E 125 1.70 14.15 27.35
N THR E 126 1.95 12.94 27.83
CA THR E 126 2.70 11.95 27.08
C THR E 126 1.75 10.86 26.60
N VAL E 127 1.75 10.64 25.30
CA VAL E 127 0.98 9.57 24.68
C VAL E 127 1.82 8.31 24.58
N SER E 128 1.28 7.20 25.07
CA SER E 128 2.08 6.00 25.29
C SER E 128 1.20 4.85 25.73
N SER E 129 1.70 3.65 25.49
CA SER E 129 1.03 2.47 26.01
C SER E 129 1.75 1.88 27.20
N ALA E 130 2.90 2.43 27.56
CA ALA E 130 3.73 1.81 28.57
C ALA E 130 3.11 2.00 29.95
N SER E 131 3.40 1.04 30.81
CA SER E 131 2.88 0.99 32.18
C SER E 131 3.87 1.69 33.08
N THR E 132 3.36 2.56 33.96
CA THR E 132 4.18 3.15 35.02
C THR E 132 5.04 2.10 35.69
N LYS E 133 6.33 2.40 35.84
CA LYS E 133 7.32 1.43 36.30
C LYS E 133 8.52 2.14 36.88
N GLY E 134 8.94 1.76 38.08
CA GLY E 134 10.07 2.38 38.72
C GLY E 134 11.40 2.03 38.07
N PRO E 135 12.42 2.85 38.31
CA PRO E 135 13.69 2.67 37.61
C PRO E 135 14.65 1.77 38.35
N SER E 136 15.46 1.08 37.55
CA SER E 136 16.62 0.35 38.02
C SER E 136 17.80 1.29 38.03
N VAL E 137 18.65 1.19 39.05
CA VAL E 137 19.80 2.08 39.17
C VAL E 137 21.11 1.28 39.24
N PHE E 138 21.93 1.40 38.22
CA PHE E 138 23.22 0.76 38.14
C PHE E 138 24.34 1.78 38.23
N PRO E 139 25.46 1.44 38.89
CA PRO E 139 26.55 2.39 39.09
C PRO E 139 27.42 2.55 37.85
N LEU E 140 28.01 3.72 37.73
CA LEU E 140 29.06 3.94 36.74
C LEU E 140 30.35 4.09 37.54
N ALA E 141 31.10 3.00 37.64
CA ALA E 141 32.24 2.93 38.54
C ALA E 141 33.34 3.90 38.08
N PRO E 142 34.05 4.54 39.02
CA PRO E 142 35.11 5.45 38.62
C PRO E 142 36.29 4.71 37.98
N SER E 143 36.94 5.39 37.04
CA SER E 143 38.00 4.78 36.26
C SER E 143 39.13 4.29 37.15
N SER E 144 39.59 3.08 36.89
CA SER E 144 40.82 2.55 37.48
C SER E 144 42.09 3.17 36.89
N LYS E 145 41.96 4.30 36.19
CA LYS E 145 43.06 5.14 35.72
C LYS E 145 43.08 6.44 36.51
N SER E 146 44.19 7.17 36.40
CA SER E 146 44.24 8.54 36.96
C SER E 146 43.42 9.53 36.14
N THR E 147 43.05 9.16 34.90
CA THR E 147 42.23 9.92 33.92
C THR E 147 42.57 11.41 33.82
N SER E 148 43.79 11.72 33.32
CA SER E 148 44.37 13.05 33.18
C SER E 148 44.80 13.63 34.54
N GLY E 149 44.37 14.87 34.84
CA GLY E 149 44.96 15.65 35.91
C GLY E 149 44.31 15.66 37.28
N GLY E 150 44.15 14.49 37.89
CA GLY E 150 43.70 14.40 39.26
C GLY E 150 42.20 14.39 39.48
N THR E 151 41.40 14.38 38.40
CA THR E 151 39.94 14.40 38.50
C THR E 151 39.39 13.18 37.76
N ALA E 152 38.69 12.33 38.49
CA ALA E 152 38.09 11.09 38.02
C ALA E 152 36.59 11.31 37.87
N ALA E 153 35.97 10.51 37.01
CA ALA E 153 34.55 10.62 36.76
C ALA E 153 33.83 9.36 37.23
N LEU E 154 32.69 9.58 37.87
CA LEU E 154 31.77 8.53 38.29
C LEU E 154 30.34 9.05 38.15
N GLY E 155 29.39 8.11 38.10
CA GLY E 155 28.00 8.46 37.92
C GLY E 155 27.13 7.26 38.27
N CYS E 156 25.83 7.41 38.02
CA CYS E 156 24.91 6.28 38.08
C CYS E 156 23.98 6.36 36.87
N LEU E 157 23.43 5.21 36.50
CA LEU E 157 22.60 5.04 35.31
C LEU E 157 21.19 4.68 35.74
N VAL E 158 20.22 5.51 35.36
CA VAL E 158 18.82 5.32 35.74
C VAL E 158 18.08 4.79 34.52
N LYS E 159 17.90 3.47 34.46
CA LYS E 159 17.43 2.78 33.27
C LYS E 159 16.02 2.25 33.44
N ASP E 160 15.23 2.34 32.37
CA ASP E 160 13.96 1.61 32.20
C ASP E 160 12.93 2.04 33.24
N TYR E 161 12.41 3.26 33.06
CA TYR E 161 11.40 3.79 33.96
C TYR E 161 10.34 4.56 33.17
N PHE E 162 9.18 4.77 33.78
CA PHE E 162 8.12 5.45 33.08
C PHE E 162 7.08 5.90 34.09
N PRO E 163 6.52 7.10 33.95
CA PRO E 163 6.95 8.12 33.01
C PRO E 163 7.90 9.13 33.61
N GLU E 164 8.11 10.21 32.87
CA GLU E 164 8.92 11.30 33.37
C GLU E 164 8.20 12.02 34.50
N PRO E 165 8.93 12.49 35.52
CA PRO E 165 10.39 12.51 35.65
C PRO E 165 11.01 11.64 36.74
N VAL E 166 12.33 11.46 36.70
CA VAL E 166 13.08 11.08 37.88
C VAL E 166 13.87 12.30 38.31
N THR E 167 14.33 12.26 39.55
CA THR E 167 15.16 13.33 40.10
C THR E 167 16.36 12.70 40.78
N VAL E 168 17.54 13.25 40.50
CA VAL E 168 18.80 12.70 40.95
C VAL E 168 19.57 13.77 41.72
N SER E 169 20.03 13.42 42.91
CA SER E 169 20.97 14.23 43.66
C SER E 169 22.07 13.32 44.18
N TRP E 170 23.16 13.94 44.65
CA TRP E 170 24.35 13.21 45.09
C TRP E 170 24.65 13.55 46.54
N ASN E 171 24.89 12.51 47.35
CA ASN E 171 25.17 12.64 48.78
C ASN E 171 24.11 13.48 49.48
N SER E 172 22.85 13.19 49.16
CA SER E 172 21.70 13.81 49.80
C SER E 172 21.72 15.34 49.64
N GLY E 173 22.18 15.81 48.49
CA GLY E 173 22.23 17.22 48.21
C GLY E 173 23.48 17.90 48.69
N ALA E 174 24.32 17.17 49.42
CA ALA E 174 25.61 17.72 49.84
C ALA E 174 26.46 18.05 48.62
N LEU E 175 26.79 17.03 47.84
CA LEU E 175 27.62 17.18 46.64
C LEU E 175 26.82 17.76 45.49
N THR E 176 27.14 18.98 45.08
CA THR E 176 26.47 19.61 43.97
C THR E 176 27.42 20.20 42.96
N SER E 177 28.64 20.49 43.33
CA SER E 177 29.56 21.11 42.39
C SER E 177 30.08 20.03 41.44
N GLY E 178 30.03 20.31 40.14
CA GLY E 178 30.56 19.36 39.20
C GLY E 178 29.63 18.22 38.81
N VAL E 179 28.37 18.34 39.09
CA VAL E 179 27.41 17.33 38.69
C VAL E 179 26.91 17.64 37.29
N HIS E 180 26.52 16.58 36.57
CA HIS E 180 25.81 16.69 35.31
C HIS E 180 24.77 15.59 35.24
N THR E 181 23.48 15.95 35.30
CA THR E 181 22.40 15.00 35.07
C THR E 181 21.81 15.30 33.71
N PHE E 182 21.78 14.29 32.84
CA PHE E 182 21.46 14.46 31.43
C PHE E 182 19.98 14.31 31.22
N PRO E 183 19.46 14.79 30.10
CA PRO E 183 18.07 14.50 29.77
C PRO E 183 17.83 13.01 29.54
N ALA E 184 16.61 12.58 29.81
CA ALA E 184 16.24 11.19 29.61
C ALA E 184 16.02 10.93 28.13
N VAL E 185 16.43 9.78 27.67
CA VAL E 185 16.18 9.31 26.32
C VAL E 185 15.05 8.30 26.34
N LEU E 186 14.24 8.30 25.28
CA LEU E 186 13.16 7.33 25.17
C LEU E 186 13.64 6.09 24.43
N GLN E 187 13.99 5.06 25.19
CA GLN E 187 14.43 3.79 24.63
C GLN E 187 13.30 3.17 23.79
N SER E 188 13.68 2.21 22.94
CA SER E 188 12.68 1.56 22.09
C SER E 188 11.66 0.78 22.90
N SER E 189 12.03 0.34 24.10
CA SER E 189 11.11 -0.35 25.00
C SER E 189 9.94 0.51 25.44
N GLY E 190 9.94 1.80 25.15
CA GLY E 190 8.89 2.64 25.65
C GLY E 190 9.18 3.19 27.01
N LEU E 191 10.34 2.86 27.58
CA LEU E 191 10.80 3.35 28.87
C LEU E 191 11.96 4.34 28.72
N TYR E 192 12.05 5.25 29.66
CA TYR E 192 13.06 6.29 29.69
C TYR E 192 14.29 5.76 30.37
N SER E 193 15.44 6.26 29.93
CA SER E 193 16.72 5.96 30.53
C SER E 193 17.47 7.27 30.68
N LEU E 194 18.32 7.34 31.70
CA LEU E 194 18.97 8.59 32.08
C LEU E 194 20.21 8.30 32.88
N SER E 195 21.15 9.24 32.86
CA SER E 195 22.38 9.06 33.63
C SER E 195 22.80 10.39 34.22
N SER E 196 23.27 10.33 35.46
CA SER E 196 23.83 11.47 36.17
C SER E 196 25.26 11.10 36.54
N VAL E 197 26.19 12.01 36.27
CA VAL E 197 27.61 11.78 36.46
C VAL E 197 28.20 12.97 37.21
N VAL E 198 29.35 12.75 37.84
CA VAL E 198 29.98 13.84 38.57
C VAL E 198 31.50 13.67 38.55
N THR E 199 32.20 14.78 38.32
CA THR E 199 33.66 14.80 38.36
C THR E 199 34.12 15.16 39.76
N VAL E 200 35.07 14.38 40.28
CA VAL E 200 35.55 14.55 41.65
C VAL E 200 37.07 14.41 41.68
N PRO E 201 37.72 14.98 42.69
CA PRO E 201 39.14 14.70 42.90
C PRO E 201 39.34 13.21 43.14
N SER E 202 40.24 12.59 42.36
CA SER E 202 40.44 11.14 42.45
C SER E 202 41.16 10.71 43.73
N SER E 203 41.74 11.67 44.48
CA SER E 203 42.23 11.42 45.82
C SER E 203 41.10 11.30 46.84
N SER E 204 39.86 11.56 46.43
CA SER E 204 38.71 11.42 47.31
C SER E 204 38.13 10.03 47.23
N LEU E 205 38.55 9.24 46.24
CA LEU E 205 37.83 8.02 45.96
C LEU E 205 37.90 7.03 47.12
N GLY E 206 38.95 7.10 47.93
CA GLY E 206 39.05 6.15 49.02
C GLY E 206 38.48 6.69 50.30
N THR E 207 38.49 8.03 50.44
CA THR E 207 38.12 8.69 51.68
C THR E 207 36.64 9.07 51.71
N GLN E 208 36.17 9.72 50.65
CA GLN E 208 34.82 10.24 50.56
C GLN E 208 33.92 9.24 49.86
N THR E 209 32.77 8.93 50.47
CA THR E 209 31.81 8.02 49.86
C THR E 209 30.84 8.80 48.99
N TYR E 210 30.49 8.22 47.84
CA TYR E 210 29.65 8.84 46.82
C TYR E 210 28.40 7.99 46.63
N ILE E 211 27.23 8.52 47.02
CA ILE E 211 25.96 7.81 46.87
C ILE E 211 25.00 8.71 46.14
N CYS E 212 24.35 8.17 45.11
CA CYS E 212 23.39 8.90 44.27
C CYS E 212 21.96 8.57 44.69
N ASN E 213 21.13 9.60 44.82
CA ASN E 213 19.78 9.48 45.35
C ASN E 213 18.79 9.67 44.22
N VAL E 214 18.15 8.57 43.77
CA VAL E 214 17.21 8.64 42.64
C VAL E 214 15.80 8.62 43.19
N ASN E 215 14.91 9.36 42.54
CA ASN E 215 13.56 9.50 43.07
C ASN E 215 12.56 9.58 41.93
N HIS E 216 11.69 8.57 41.82
CA HIS E 216 10.64 8.48 40.78
C HIS E 216 9.27 8.55 41.43
N LYS E 217 8.70 9.75 41.56
CA LYS E 217 7.41 9.87 42.24
C LYS E 217 6.29 9.04 41.63
N PRO E 218 6.08 9.00 40.32
CA PRO E 218 4.87 8.33 39.81
C PRO E 218 4.76 6.87 40.19
N SER E 219 5.85 6.25 40.61
CA SER E 219 5.86 4.86 41.02
C SER E 219 6.29 4.71 42.48
N ASN E 220 6.41 5.82 43.21
CA ASN E 220 6.70 5.84 44.65
C ASN E 220 7.97 5.06 44.95
N THR E 221 8.97 5.20 44.07
CA THR E 221 10.25 4.51 44.18
C THR E 221 11.34 5.45 44.66
N LYS E 222 12.18 4.94 45.53
CA LYS E 222 13.46 5.57 45.87
C LYS E 222 14.57 4.55 45.83
N VAL E 223 15.71 4.97 45.30
CA VAL E 223 16.92 4.16 45.29
C VAL E 223 18.08 5.06 45.68
N ASP E 224 18.94 4.55 46.56
CA ASP E 224 20.23 5.16 46.90
C ASP E 224 21.30 4.13 46.56
N LYS E 225 22.23 4.49 45.68
CA LYS E 225 23.25 3.55 45.21
C LYS E 225 24.62 4.06 45.59
N ARG E 226 25.39 3.23 46.27
CA ARG E 226 26.78 3.58 46.51
C ARG E 226 27.55 3.24 45.25
N VAL E 227 28.47 4.13 44.87
CA VAL E 227 29.27 3.97 43.67
C VAL E 227 30.74 3.91 44.10
N GLU E 228 31.35 2.75 43.95
CA GLU E 228 32.72 2.60 44.43
C GLU E 228 33.58 1.93 43.38
N PRO E 229 34.89 2.14 43.46
CA PRO E 229 35.81 1.47 42.54
C PRO E 229 35.66 -0.04 42.54
N LYS E 230 36.10 -0.64 41.44
CA LYS E 230 35.96 -2.05 41.16
C LYS E 230 37.25 -2.80 41.56
N SER E 231 37.10 -4.08 41.93
CA SER E 231 38.23 -4.98 42.28
C SER E 231 39.07 -4.43 43.44
N ASP F 1 -2.21 29.46 4.38
CA ASP F 1 -1.40 29.15 5.57
C ASP F 1 0.03 29.56 5.41
N ILE F 2 0.24 30.82 5.75
CA ILE F 2 1.55 31.44 5.65
C ILE F 2 2.51 30.72 6.57
N GLN F 3 3.75 30.56 6.14
CA GLN F 3 4.78 29.99 6.99
C GLN F 3 5.92 30.99 7.20
N MET F 4 6.44 31.03 8.42
CA MET F 4 7.49 31.95 8.82
C MET F 4 8.85 31.27 8.77
N THR F 5 9.86 32.00 8.30
CA THR F 5 11.22 31.50 8.26
C THR F 5 12.07 32.37 9.16
N GLN F 6 12.67 31.74 10.15
CA GLN F 6 13.47 32.43 11.16
C GLN F 6 14.92 32.12 10.92
N SER F 7 15.75 33.16 10.94
CA SER F 7 17.18 33.01 10.80
C SER F 7 17.85 33.87 11.85
N PRO F 8 18.92 33.38 12.46
CA PRO F 8 19.52 32.04 12.33
C PRO F 8 18.83 30.96 13.17
N SER F 9 19.37 29.73 13.09
CA SER F 9 18.90 28.67 13.99
C SER F 9 19.41 28.94 15.39
N THR F 10 20.73 29.00 15.56
CA THR F 10 21.35 29.40 16.81
C THR F 10 22.14 30.67 16.56
N LEU F 11 22.75 31.17 17.62
CA LEU F 11 23.42 32.46 17.58
C LEU F 11 24.18 32.56 18.88
N SER F 12 25.49 32.77 18.81
CA SER F 12 26.33 32.93 19.99
C SER F 12 26.70 34.40 20.14
N ALA F 13 26.74 34.87 21.37
CA ALA F 13 27.08 36.26 21.66
C ALA F 13 27.42 36.38 23.14
N SER F 14 28.17 37.42 23.47
CA SER F 14 28.55 37.71 24.85
C SER F 14 27.72 38.89 25.39
N VAL F 15 27.82 39.11 26.70
CA VAL F 15 27.09 40.23 27.30
C VAL F 15 27.51 41.54 26.62
N GLY F 16 26.59 42.50 26.59
CA GLY F 16 26.86 43.78 25.96
C GLY F 16 26.72 43.81 24.45
N ASP F 17 26.81 42.66 23.78
CA ASP F 17 26.66 42.61 22.33
C ASP F 17 25.31 43.14 21.87
N SER F 18 25.22 43.38 20.56
CA SER F 18 23.96 43.63 19.90
C SER F 18 23.69 42.48 18.94
N VAL F 19 22.44 42.03 18.88
CA VAL F 19 22.04 40.83 18.15
C VAL F 19 20.74 41.06 17.41
N THR F 20 20.62 40.47 16.22
CA THR F 20 19.38 40.61 15.46
C THR F 20 18.96 39.28 14.85
N ILE F 21 17.66 38.99 15.01
CA ILE F 21 16.99 37.83 14.48
C ILE F 21 16.00 38.31 13.42
N THR F 22 15.88 37.54 12.34
CA THR F 22 15.09 37.92 11.19
C THR F 22 14.00 36.90 10.97
N CYS F 23 12.79 37.38 10.65
CA CYS F 23 11.65 36.53 10.36
C CYS F 23 11.16 36.87 8.95
N ARG F 24 11.18 35.88 8.06
CA ARG F 24 10.71 36.04 6.68
C ARG F 24 9.39 35.31 6.45
N ALA F 25 8.40 36.02 5.95
CA ALA F 25 7.07 35.47 5.77
C ALA F 25 6.82 35.19 4.30
N SER F 26 6.28 34.01 4.00
CA SER F 26 6.08 33.62 2.61
C SER F 26 5.05 34.48 1.88
N GLN F 27 4.14 35.14 2.60
CA GLN F 27 3.17 36.07 2.02
C GLN F 27 3.07 37.31 2.90
N SER F 28 2.50 38.37 2.35
CA SER F 28 2.37 39.62 3.11
C SER F 28 1.46 39.39 4.31
N ILE F 29 1.86 39.96 5.45
CA ILE F 29 1.08 39.80 6.66
C ILE F 29 0.91 41.15 7.33
N SER F 30 0.88 42.22 6.55
CA SER F 30 0.70 43.56 7.12
C SER F 30 1.78 43.78 8.18
N SER F 31 1.43 44.19 9.40
CA SER F 31 2.36 44.25 10.53
C SER F 31 1.96 43.27 11.62
N TRP F 32 1.17 42.26 11.30
CA TRP F 32 0.64 41.31 12.28
C TRP F 32 1.66 40.22 12.59
N LEU F 33 2.74 40.62 13.24
CA LEU F 33 3.75 39.68 13.73
C LEU F 33 4.05 40.01 15.17
N ALA F 34 4.19 38.96 15.99
CA ALA F 34 4.54 39.11 17.39
C ALA F 34 5.81 38.33 17.67
N TRP F 35 6.57 38.79 18.68
CA TRP F 35 7.83 38.16 19.05
C TRP F 35 7.72 37.65 20.48
N TYR F 36 8.09 36.38 20.69
CA TYR F 36 7.98 35.72 21.98
C TYR F 36 9.34 35.24 22.46
N GLN F 37 9.59 35.33 23.75
CA GLN F 37 10.80 34.81 24.35
C GLN F 37 10.38 33.65 25.24
N GLN F 38 11.20 32.59 25.29
CA GLN F 38 10.86 31.41 26.10
C GLN F 38 12.09 30.83 26.75
N LYS F 39 12.25 31.05 28.07
CA LYS F 39 13.39 30.37 28.69
C LYS F 39 13.06 28.91 29.05
N PRO F 40 14.08 28.05 29.14
CA PRO F 40 13.83 26.61 29.26
C PRO F 40 12.93 26.27 30.44
N GLY F 41 11.92 25.44 30.14
CA GLY F 41 10.96 24.96 31.12
C GLY F 41 9.92 25.97 31.52
N LYS F 42 9.75 27.04 30.76
CA LYS F 42 8.73 28.00 31.11
C LYS F 42 7.88 28.28 29.90
N ALA F 43 6.84 29.05 30.10
CA ALA F 43 5.95 29.45 29.03
C ALA F 43 6.59 30.53 28.19
N PRO F 44 6.16 30.68 26.94
CA PRO F 44 6.53 31.86 26.15
C PRO F 44 6.12 33.16 26.86
N LYS F 45 6.88 34.23 26.60
CA LYS F 45 6.60 35.55 27.14
C LYS F 45 6.56 36.57 26.00
N LEU F 46 5.46 37.29 25.88
CA LEU F 46 5.28 38.24 24.78
C LEU F 46 6.25 39.42 24.89
N LEU F 47 7.01 39.67 23.83
CA LEU F 47 7.94 40.81 23.77
C LEU F 47 7.41 41.96 22.91
N ILE F 48 7.11 41.67 21.64
CA ILE F 48 6.74 42.68 20.65
C ILE F 48 5.43 42.25 20.02
N TYR F 49 4.52 43.20 19.79
CA TYR F 49 3.32 42.89 19.03
C TYR F 49 3.08 43.97 17.98
N LYS F 50 2.26 43.64 16.99
CA LYS F 50 2.03 44.51 15.83
C LYS F 50 3.36 44.96 15.24
N ALA F 51 4.33 44.02 15.19
CA ALA F 51 5.64 44.16 14.57
C ALA F 51 6.62 45.00 15.37
N SER F 52 6.15 46.05 16.04
CA SER F 52 7.00 47.09 16.61
C SER F 52 6.60 47.63 17.99
N SER F 53 5.40 47.35 18.50
CA SER F 53 4.99 47.78 19.84
C SER F 53 5.59 46.86 20.90
N LEU F 54 6.17 47.46 21.93
CA LEU F 54 6.77 46.75 23.05
C LEU F 54 5.74 46.55 24.16
N GLU F 55 5.56 45.30 24.61
CA GLU F 55 4.58 45.05 25.67
C GLU F 55 5.04 45.66 26.99
N SER F 56 4.07 46.08 27.81
CA SER F 56 4.40 46.80 29.04
C SER F 56 5.31 45.96 29.92
N GLY F 57 6.33 46.61 30.48
CA GLY F 57 7.25 45.91 31.32
C GLY F 57 8.35 45.16 30.59
N VAL F 58 8.39 45.23 29.27
CA VAL F 58 9.52 44.62 28.57
C VAL F 58 10.67 45.63 28.61
N PRO F 59 11.88 45.19 28.91
CA PRO F 59 13.03 46.10 28.86
C PRO F 59 13.09 46.83 27.52
N SER F 60 13.66 48.04 27.56
CA SER F 60 13.68 48.90 26.38
C SER F 60 14.69 48.45 25.31
N ARG F 61 15.62 47.54 25.65
CA ARG F 61 16.60 47.10 24.67
C ARG F 61 16.00 46.29 23.53
N PHE F 62 14.84 45.67 23.75
CA PHE F 62 14.16 44.92 22.69
C PHE F 62 13.49 45.89 21.75
N SER F 63 13.75 45.72 20.45
CA SER F 63 13.07 46.54 19.46
C SER F 63 12.83 45.69 18.23
N GLY F 64 11.65 45.85 17.66
CA GLY F 64 11.30 45.15 16.45
C GLY F 64 10.77 46.12 15.42
N SER F 65 11.04 45.81 14.17
CA SER F 65 10.49 46.57 13.07
C SER F 65 10.37 45.65 11.88
N GLY F 66 9.68 46.13 10.87
CA GLY F 66 9.40 45.37 9.67
C GLY F 66 7.96 45.52 9.28
N SER F 67 7.68 45.20 8.02
CA SER F 67 6.32 45.23 7.50
C SER F 67 6.27 44.38 6.24
N GLY F 68 5.08 43.84 5.95
CA GLY F 68 4.91 43.05 4.75
C GLY F 68 5.37 41.62 4.89
N THR F 69 6.69 41.39 4.65
CA THR F 69 7.25 40.05 4.70
C THR F 69 8.63 39.97 5.32
N GLU F 70 9.23 41.08 5.73
CA GLU F 70 10.54 41.02 6.38
C GLU F 70 10.48 41.76 7.71
N PHE F 71 10.84 41.05 8.79
CA PHE F 71 10.78 41.58 10.14
C PHE F 71 12.08 41.29 10.84
N THR F 72 12.36 42.07 11.88
CA THR F 72 13.50 41.81 12.73
C THR F 72 13.21 42.15 14.18
N LEU F 73 13.77 41.31 15.04
CA LEU F 73 13.88 41.56 16.46
C LEU F 73 15.31 41.98 16.71
N THR F 74 15.49 42.99 17.55
CA THR F 74 16.83 43.54 17.80
C THR F 74 17.00 43.77 19.29
N ILE F 75 17.97 43.09 19.89
CA ILE F 75 18.35 43.33 21.28
C ILE F 75 19.54 44.28 21.30
N SER F 76 19.36 45.46 21.91
CA SER F 76 20.43 46.44 21.85
C SER F 76 21.68 45.97 22.57
N SER F 77 21.63 45.87 23.90
CA SER F 77 22.81 45.52 24.68
C SER F 77 22.43 44.32 25.54
N LEU F 78 22.85 43.15 25.09
CA LEU F 78 22.54 41.89 25.71
C LEU F 78 22.84 41.91 27.20
N GLN F 79 21.94 41.36 28.00
CA GLN F 79 22.09 41.11 29.43
C GLN F 79 22.04 39.60 29.67
N PRO F 80 22.52 39.12 30.81
CA PRO F 80 22.50 37.67 31.05
C PRO F 80 21.11 37.07 31.09
N ASP F 81 20.10 37.87 31.43
CA ASP F 81 18.72 37.42 31.39
C ASP F 81 18.24 37.04 29.98
N ASP F 82 18.90 37.52 28.94
CA ASP F 82 18.31 37.42 27.61
C ASP F 82 18.71 36.16 26.83
N PHE F 83 19.52 35.28 27.39
CA PHE F 83 19.79 34.04 26.68
C PHE F 83 18.59 33.11 26.76
N ALA F 84 17.98 32.85 25.62
CA ALA F 84 16.76 32.05 25.55
C ALA F 84 16.49 31.75 24.10
N THR F 85 15.37 31.13 23.82
CA THR F 85 14.93 30.89 22.46
C THR F 85 13.87 31.92 22.10
N TYR F 86 13.92 32.43 20.88
CA TYR F 86 13.04 33.50 20.44
C TYR F 86 12.20 33.01 19.27
N TYR F 87 10.90 33.21 19.35
CA TYR F 87 9.96 32.84 18.30
C TYR F 87 9.24 34.08 17.79
N CYS F 88 8.98 34.10 16.49
CA CYS F 88 8.10 35.07 15.87
C CYS F 88 6.80 34.37 15.54
N GLN F 89 5.70 35.12 15.59
CA GLN F 89 4.41 34.53 15.34
C GLN F 89 3.59 35.46 14.46
N GLN F 90 3.04 34.92 13.38
CA GLN F 90 2.12 35.67 12.55
C GLN F 90 0.68 35.42 12.98
N TYR F 91 -0.11 36.49 13.01
CA TYR F 91 -1.51 36.40 13.39
C TYR F 91 -2.40 37.15 12.40
N ASN F 92 -2.15 36.87 11.11
CA ASN F 92 -2.91 37.45 10.01
C ASN F 92 -4.08 36.55 9.69
N ASN F 93 -5.29 37.09 9.76
CA ASN F 93 -6.49 36.42 9.23
C ASN F 93 -6.71 35.07 9.89
N TYR F 94 -6.94 35.09 11.20
CA TYR F 94 -7.30 33.90 11.97
C TYR F 94 -6.48 32.66 11.62
N ARG F 95 -5.25 32.84 11.16
CA ARG F 95 -4.29 31.75 10.98
C ARG F 95 -3.06 32.09 11.82
N TYR F 96 -2.70 31.22 12.76
CA TYR F 96 -1.57 31.49 13.65
C TYR F 96 -0.41 30.56 13.33
N THR F 97 0.78 31.13 13.15
CA THR F 97 1.97 30.36 12.78
C THR F 97 3.19 30.89 13.52
N PHE F 98 4.05 29.97 13.96
CA PHE F 98 5.26 30.33 14.66
C PHE F 98 6.46 30.11 13.76
N GLY F 99 7.60 30.66 14.16
CA GLY F 99 8.86 30.36 13.51
C GLY F 99 9.55 29.16 14.12
N GLN F 100 10.56 28.64 13.43
CA GLN F 100 11.21 27.45 13.94
C GLN F 100 12.03 27.73 15.19
N GLY F 101 12.31 29.00 15.48
CA GLY F 101 12.95 29.36 16.73
C GLY F 101 14.43 29.66 16.64
N THR F 102 14.86 30.73 17.30
CA THR F 102 16.26 31.14 17.32
C THR F 102 16.78 31.04 18.75
N LYS F 103 17.78 30.21 18.97
CA LYS F 103 18.31 30.03 20.31
C LYS F 103 19.55 30.88 20.49
N LEU F 104 19.55 31.67 21.54
CA LEU F 104 20.62 32.59 21.82
C LEU F 104 21.51 31.96 22.90
N GLU F 105 22.70 31.53 22.51
CA GLU F 105 23.67 30.91 23.40
C GLU F 105 24.76 31.88 23.82
N ILE F 106 25.47 31.53 24.89
CA ILE F 106 26.60 32.34 25.31
C ILE F 106 27.79 31.92 24.47
N LYS F 107 28.43 32.88 23.79
CA LYS F 107 29.66 32.58 23.08
C LYS F 107 30.79 32.45 24.08
N ARG F 108 31.61 31.43 23.90
CA ARG F 108 32.66 31.06 24.82
C ARG F 108 33.92 30.74 24.04
N THR F 109 35.01 30.56 24.78
CA THR F 109 36.26 30.12 24.18
C THR F 109 36.17 28.62 23.92
N VAL F 110 36.79 28.16 22.82
CA VAL F 110 36.75 26.73 22.53
C VAL F 110 37.37 25.94 23.67
N ALA F 111 36.81 24.75 23.94
CA ALA F 111 37.24 23.88 25.02
C ALA F 111 37.11 22.43 24.59
N ALA F 112 37.92 21.60 25.16
CA ALA F 112 37.88 20.25 24.67
C ALA F 112 37.29 19.33 25.72
N PRO F 113 36.70 18.21 25.29
CA PRO F 113 36.02 17.32 26.25
C PRO F 113 36.98 16.45 27.03
N SER F 114 36.83 16.43 28.34
CA SER F 114 37.27 15.27 29.09
C SER F 114 36.38 14.09 28.67
N VAL F 115 37.00 12.97 28.27
CA VAL F 115 36.26 11.83 27.76
C VAL F 115 36.45 10.65 28.68
N PHE F 116 35.35 9.95 29.00
CA PHE F 116 35.36 8.83 29.92
C PHE F 116 34.44 7.74 29.36
N ILE F 117 34.78 6.49 29.64
CA ILE F 117 33.99 5.34 29.21
C ILE F 117 33.76 4.44 30.42
N PHE F 118 32.56 3.86 30.49
CA PHE F 118 32.12 3.14 31.68
C PHE F 118 31.66 1.76 31.26
N PRO F 119 32.25 0.70 31.80
CA PRO F 119 31.79 -0.64 31.49
C PRO F 119 30.44 -0.88 32.13
N PRO F 120 29.64 -1.79 31.59
CA PRO F 120 28.35 -2.10 32.23
C PRO F 120 28.54 -2.79 33.56
N SER F 121 27.77 -2.34 34.56
CA SER F 121 27.91 -2.82 35.93
C SER F 121 27.58 -4.31 36.03
N ASP F 122 28.09 -4.94 37.08
CA ASP F 122 27.78 -6.35 37.31
C ASP F 122 26.30 -6.55 37.59
N GLU F 123 25.74 -5.71 38.47
CA GLU F 123 24.35 -5.89 38.86
C GLU F 123 23.44 -5.81 37.65
N GLN F 124 23.83 -5.04 36.63
CA GLN F 124 23.04 -4.91 35.42
C GLN F 124 23.16 -6.13 34.53
N LEU F 125 24.35 -6.73 34.47
CA LEU F 125 24.54 -7.86 33.59
C LEU F 125 23.64 -9.02 33.96
N LYS F 126 23.33 -9.18 35.26
CA LYS F 126 22.42 -10.24 35.66
C LYS F 126 21.06 -10.09 34.99
N SER F 127 20.66 -8.88 34.65
CA SER F 127 19.34 -8.63 34.09
C SER F 127 19.23 -9.04 32.63
N GLY F 128 20.35 -9.33 31.95
CA GLY F 128 20.30 -9.68 30.56
C GLY F 128 20.53 -8.53 29.62
N THR F 129 20.81 -7.34 30.15
CA THR F 129 21.04 -6.14 29.37
C THR F 129 22.33 -5.51 29.83
N ALA F 130 23.18 -5.12 28.89
CA ALA F 130 24.42 -4.39 29.19
C ALA F 130 24.40 -3.05 28.50
N SER F 131 24.81 -2.02 29.22
CA SER F 131 24.85 -0.66 28.71
C SER F 131 26.22 -0.06 28.92
N VAL F 132 26.79 0.50 27.85
CA VAL F 132 28.09 1.13 27.91
C VAL F 132 27.90 2.63 27.72
N VAL F 133 28.44 3.41 28.64
CA VAL F 133 28.25 4.85 28.64
C VAL F 133 29.57 5.51 28.31
N CYS F 134 29.52 6.51 27.46
CA CYS F 134 30.65 7.32 27.07
C CYS F 134 30.29 8.73 27.46
N LEU F 135 31.18 9.40 28.19
CA LEU F 135 30.87 10.72 28.71
C LEU F 135 31.85 11.74 28.16
N LEU F 136 31.33 12.83 27.61
CA LEU F 136 32.12 13.98 27.14
C LEU F 136 31.85 15.16 28.06
N ASN F 137 32.81 15.53 28.89
CA ASN F 137 32.51 16.48 29.96
C ASN F 137 33.07 17.86 29.64
N ASN F 138 32.18 18.85 29.61
CA ASN F 138 32.56 20.27 29.58
C ASN F 138 33.38 20.67 28.38
N PHE F 139 32.69 20.99 27.29
CA PHE F 139 33.33 21.38 26.07
C PHE F 139 32.54 22.52 25.44
N TYR F 140 33.03 23.04 24.32
CA TYR F 140 32.41 24.10 23.56
C TYR F 140 33.11 24.06 22.21
N PRO F 141 32.41 24.26 21.09
CA PRO F 141 30.97 24.43 20.92
C PRO F 141 30.28 23.09 21.07
N ARG F 142 28.97 23.04 20.90
CA ARG F 142 28.28 21.79 21.22
C ARG F 142 28.60 20.69 20.23
N GLU F 143 28.94 21.04 19.00
CA GLU F 143 29.11 20.04 17.94
C GLU F 143 30.20 19.06 18.34
N ALA F 144 29.87 17.78 18.27
CA ALA F 144 30.79 16.73 18.67
C ALA F 144 30.18 15.44 18.19
N LYS F 145 31.02 14.52 17.73
CA LYS F 145 30.55 13.26 17.16
C LYS F 145 31.21 12.12 17.94
N VAL F 146 30.37 11.23 18.50
CA VAL F 146 30.83 10.04 19.22
C VAL F 146 30.54 8.82 18.37
N GLN F 147 31.57 8.00 18.15
CA GLN F 147 31.47 6.78 17.35
C GLN F 147 31.88 5.61 18.22
N TRP F 148 31.02 4.60 18.31
CA TRP F 148 31.32 3.40 19.07
C TRP F 148 32.03 2.39 18.19
N LYS F 149 32.89 1.57 18.82
CA LYS F 149 33.54 0.45 18.14
C LYS F 149 33.47 -0.79 19.03
N VAL F 150 32.97 -1.90 18.50
CA VAL F 150 32.98 -3.18 19.22
C VAL F 150 33.81 -4.20 18.43
N ASP F 151 35.02 -4.48 18.95
CA ASP F 151 36.02 -5.27 18.24
C ASP F 151 36.31 -4.67 16.85
N ASN F 152 36.54 -3.37 16.86
CA ASN F 152 36.85 -2.55 15.69
C ASN F 152 35.76 -2.54 14.62
N ALA F 153 34.59 -3.11 14.90
CA ALA F 153 33.39 -2.91 14.10
C ALA F 153 32.66 -1.65 14.55
N LEU F 154 32.56 -0.64 13.67
CA LEU F 154 31.86 0.58 14.02
C LEU F 154 30.37 0.30 14.15
N GLN F 155 29.81 0.57 15.33
CA GLN F 155 28.39 0.35 15.62
C GLN F 155 27.56 1.57 15.27
N SER F 156 26.35 1.33 14.81
CA SER F 156 25.46 2.43 14.44
C SER F 156 24.00 2.03 14.65
N GLY F 157 23.26 2.85 15.41
CA GLY F 157 21.84 2.64 15.61
C GLY F 157 21.49 1.86 16.84
N ASN F 158 22.46 1.39 17.62
CA ASN F 158 22.19 0.79 18.91
C ASN F 158 22.73 1.66 20.04
N SER F 159 22.80 2.97 19.81
CA SER F 159 23.25 3.93 20.80
C SER F 159 22.32 5.13 20.78
N GLN F 160 22.16 5.79 21.93
CA GLN F 160 21.47 7.08 22.00
C GLN F 160 22.32 8.06 22.80
N GLU F 161 22.14 9.36 22.52
CA GLU F 161 22.92 10.35 23.25
C GLU F 161 22.05 11.52 23.69
N SER F 162 22.60 12.29 24.62
CA SER F 162 21.86 13.31 25.33
C SER F 162 22.84 14.40 25.76
N VAL F 163 22.48 15.67 25.55
CA VAL F 163 23.37 16.80 25.82
CA VAL F 163 23.37 16.80 25.82
C VAL F 163 22.73 17.70 26.88
N THR F 164 23.54 18.17 27.82
CA THR F 164 23.02 19.12 28.78
C THR F 164 22.83 20.46 28.12
N GLU F 165 22.36 21.42 28.91
CA GLU F 165 22.31 22.79 28.48
C GLU F 165 23.62 23.46 28.84
N GLN F 166 23.87 24.61 28.21
CA GLN F 166 25.06 25.36 28.55
C GLN F 166 25.15 25.52 30.06
N ASP F 167 26.33 25.29 30.59
CA ASP F 167 26.47 25.26 32.03
C ASP F 167 26.45 26.67 32.60
N SER F 168 25.93 26.78 33.82
CA SER F 168 25.74 28.09 34.44
C SER F 168 27.06 28.81 34.69
N LYS F 169 28.10 28.06 35.00
CA LYS F 169 29.34 28.68 35.45
C LYS F 169 30.36 28.84 34.34
N ASP F 170 30.52 27.82 33.48
CA ASP F 170 31.52 27.89 32.42
C ASP F 170 30.95 27.79 31.02
N SER F 171 29.64 27.75 30.85
CA SER F 171 28.98 27.81 29.54
C SER F 171 29.37 26.67 28.59
N THR F 172 29.83 25.55 29.14
CA THR F 172 30.18 24.38 28.34
C THR F 172 29.08 23.34 28.38
N TYR F 173 29.03 22.53 27.33
CA TYR F 173 28.09 21.43 27.27
C TYR F 173 28.73 20.16 27.80
N SER F 174 27.89 19.18 28.06
CA SER F 174 28.39 17.86 28.40
C SER F 174 27.48 16.88 27.70
N LEU F 175 27.99 15.69 27.45
CA LEU F 175 27.29 14.78 26.55
C LEU F 175 27.49 13.33 26.99
N SER F 176 26.43 12.54 26.85
CA SER F 176 26.44 11.14 27.21
C SER F 176 25.92 10.33 26.04
N SER F 177 26.72 9.39 25.55
CA SER F 177 26.25 8.39 24.60
C SER F 177 26.22 7.03 25.30
N THR F 178 25.13 6.30 25.11
CA THR F 178 24.92 5.02 25.78
C THR F 178 24.69 3.97 24.72
N LEU F 179 25.47 2.90 24.78
CA LEU F 179 25.39 1.77 23.87
C LEU F 179 24.70 0.63 24.59
N THR F 180 23.60 0.15 24.02
CA THR F 180 22.82 -0.93 24.61
C THR F 180 23.03 -2.19 23.80
N LEU F 181 23.34 -3.30 24.50
CA LEU F 181 23.40 -4.63 23.92
C LEU F 181 22.73 -5.63 24.83
N SER F 182 22.39 -6.79 24.28
CA SER F 182 21.96 -7.89 25.11
C SER F 182 23.16 -8.40 25.92
N LYS F 183 22.88 -9.08 27.04
CA LYS F 183 23.97 -9.74 27.74
C LYS F 183 24.63 -10.73 26.83
N ALA F 184 23.83 -11.43 26.02
CA ALA F 184 24.32 -12.41 25.06
C ALA F 184 25.36 -11.80 24.13
N ASP F 185 24.98 -10.74 23.42
CA ASP F 185 25.90 -10.07 22.50
C ASP F 185 27.08 -9.45 23.23
N TYR F 186 26.87 -8.95 24.45
CA TYR F 186 27.95 -8.21 25.09
C TYR F 186 29.12 -9.14 25.38
N GLU F 187 28.85 -10.39 25.76
CA GLU F 187 29.94 -11.29 26.07
C GLU F 187 30.54 -11.94 24.85
N LYS F 188 29.85 -11.89 23.71
CA LYS F 188 30.44 -12.39 22.47
C LYS F 188 31.56 -11.43 21.91
N HIS F 189 32.03 -10.42 22.65
CA HIS F 189 33.01 -9.49 22.13
C HIS F 189 33.93 -9.04 23.25
N LYS F 190 35.06 -8.43 22.86
CA LYS F 190 36.09 -8.10 23.83
C LYS F 190 36.32 -6.61 23.99
N VAL F 191 36.65 -5.89 22.92
CA VAL F 191 37.14 -4.52 23.02
C VAL F 191 36.00 -3.55 22.74
N TYR F 192 35.62 -2.78 23.75
CA TYR F 192 34.65 -1.71 23.61
C TYR F 192 35.37 -0.37 23.68
N ALA F 193 35.04 0.54 22.75
CA ALA F 193 35.66 1.87 22.70
C ALA F 193 34.71 2.88 22.06
N CYS F 194 34.76 4.11 22.56
CA CYS F 194 34.09 5.22 21.90
CA CYS F 194 34.10 5.22 21.88
C CYS F 194 35.14 6.22 21.43
N GLU F 195 34.85 6.88 20.32
CA GLU F 195 35.84 7.68 19.64
C GLU F 195 35.24 9.06 19.43
N VAL F 196 35.85 10.06 20.05
CA VAL F 196 35.30 11.40 20.12
C VAL F 196 36.04 12.28 19.14
N THR F 197 35.34 12.80 18.15
CA THR F 197 35.94 13.76 17.25
C THR F 197 35.31 15.11 17.55
N HIS F 198 36.12 16.10 17.90
CA HIS F 198 35.65 17.43 18.29
C HIS F 198 36.62 18.50 17.83
N GLN F 199 36.06 19.67 17.52
CA GLN F 199 36.85 20.84 17.12
C GLN F 199 37.95 21.17 18.12
N GLY F 200 37.72 20.97 19.39
CA GLY F 200 38.79 21.28 20.32
C GLY F 200 39.88 20.23 20.41
N LEU F 201 39.80 19.20 19.58
CA LEU F 201 40.79 18.14 19.59
C LEU F 201 41.54 18.14 18.27
N SER F 202 42.88 18.05 18.34
CA SER F 202 43.73 17.96 17.16
C SER F 202 43.41 16.71 16.34
N SER F 203 43.29 15.57 17.02
CA SER F 203 42.96 14.29 16.42
C SER F 203 41.97 13.52 17.29
N PRO F 204 41.12 12.71 16.68
CA PRO F 204 40.08 11.97 17.44
C PRO F 204 40.56 11.20 18.67
N VAL F 205 40.00 11.50 19.84
CA VAL F 205 40.37 10.80 21.07
C VAL F 205 39.59 9.51 21.16
N THR F 206 40.29 8.43 21.48
CA THR F 206 39.67 7.14 21.67
C THR F 206 39.93 6.70 23.10
N LYS F 207 38.88 6.29 23.79
CA LYS F 207 38.99 5.65 25.09
C LYS F 207 38.35 4.29 24.98
N SER F 208 38.91 3.29 25.66
CA SER F 208 38.40 1.94 25.49
C SER F 208 38.60 1.15 26.79
N PHE F 209 37.94 0.00 26.85
CA PHE F 209 38.21 -0.97 27.89
C PHE F 209 38.20 -2.34 27.23
N ASN F 210 38.52 -3.37 28.00
CA ASN F 210 38.40 -4.76 27.57
C ASN F 210 37.47 -5.47 28.53
N ARG F 211 36.66 -6.39 28.01
CA ARG F 211 35.70 -7.06 28.88
C ARG F 211 36.45 -7.83 29.97
N GLY F 212 35.99 -7.73 31.21
CA GLY F 212 36.61 -8.47 32.29
C GLY F 212 37.90 -7.89 32.84
N GLU F 213 37.96 -6.56 32.97
CA GLU F 213 39.10 -5.79 33.51
C GLU F 213 40.35 -5.76 32.60
N GLN G 1 33.75 8.00 -2.57
CA GLN G 1 34.03 8.13 -4.00
C GLN G 1 35.55 8.33 -4.24
N VAL G 2 36.07 7.67 -5.27
CA VAL G 2 37.47 7.81 -5.68
C VAL G 2 37.49 8.61 -6.97
N GLN G 3 38.35 9.61 -7.05
CA GLN G 3 38.45 10.38 -8.28
C GLN G 3 39.93 10.55 -8.64
N LEU G 4 40.20 10.83 -9.91
CA LEU G 4 41.56 10.81 -10.47
C LEU G 4 41.77 11.96 -11.45
N GLN G 5 42.77 12.81 -11.22
CA GLN G 5 43.01 14.00 -12.05
C GLN G 5 44.32 13.90 -12.81
N GLU G 6 44.31 14.29 -14.08
CA GLU G 6 45.54 14.23 -14.87
C GLU G 6 46.15 15.61 -15.01
N SER G 7 47.49 15.65 -15.01
CA SER G 7 48.26 16.87 -15.17
C SER G 7 49.35 16.59 -16.18
N GLY G 8 49.50 17.44 -17.19
CA GLY G 8 50.50 17.20 -18.20
C GLY G 8 50.85 18.39 -19.08
N PRO G 9 52.02 18.33 -19.73
CA PRO G 9 52.44 19.43 -20.60
C PRO G 9 51.52 19.50 -21.81
N GLY G 10 51.14 20.72 -22.19
CA GLY G 10 50.24 20.87 -23.32
C GLY G 10 50.79 20.21 -24.58
N LEU G 11 52.07 20.45 -24.86
CA LEU G 11 52.78 19.81 -25.96
C LEU G 11 54.19 19.46 -25.50
N VAL G 12 54.84 18.60 -26.27
CA VAL G 12 56.28 18.37 -26.17
C VAL G 12 56.82 18.57 -27.60
N LYS G 13 58.02 18.08 -27.90
CA LYS G 13 58.57 18.17 -29.24
C LYS G 13 59.22 16.84 -29.60
N PRO G 14 59.35 16.52 -30.89
CA PRO G 14 59.81 15.18 -31.30
C PRO G 14 61.08 14.72 -30.58
N SER G 15 61.17 13.41 -30.37
CA SER G 15 62.32 12.73 -29.76
C SER G 15 62.64 13.21 -28.35
N GLU G 16 61.80 14.09 -27.77
CA GLU G 16 61.91 14.54 -26.39
C GLU G 16 61.36 13.49 -25.40
N THR G 17 61.11 13.89 -24.15
CA THR G 17 60.53 13.01 -23.15
C THR G 17 59.21 13.62 -22.69
N LEU G 18 58.18 12.79 -22.64
CA LEU G 18 56.82 13.18 -22.30
C LEU G 18 56.59 12.75 -20.86
N SER G 19 55.92 13.61 -20.08
CA SER G 19 55.67 13.24 -18.68
C SER G 19 54.32 13.75 -18.23
N VAL G 20 53.49 12.85 -17.70
CA VAL G 20 52.20 13.17 -17.09
C VAL G 20 52.09 12.51 -15.73
N THR G 21 51.30 13.13 -14.87
CA THR G 21 51.03 12.56 -13.56
C THR G 21 49.54 12.64 -13.24
N CYS G 22 49.17 11.83 -12.25
CA CYS G 22 47.78 11.60 -11.89
C CYS G 22 47.72 11.74 -10.38
N THR G 23 46.89 12.65 -9.91
CA THR G 23 46.74 12.95 -8.49
C THR G 23 45.44 12.36 -7.94
N VAL G 24 45.58 11.34 -7.11
CA VAL G 24 44.43 10.58 -6.62
C VAL G 24 43.77 11.30 -5.45
N SER G 25 42.45 11.42 -5.50
CA SER G 25 41.68 12.07 -4.45
C SER G 25 40.72 11.08 -3.83
N GLY G 26 40.34 11.31 -2.58
CA GLY G 26 39.32 10.50 -1.94
C GLY G 26 39.67 9.05 -1.79
N GLY G 27 40.94 8.78 -1.52
CA GLY G 27 41.39 7.43 -1.27
C GLY G 27 42.89 7.52 -1.36
N SER G 28 43.61 6.64 -0.69
CA SER G 28 45.05 6.76 -0.62
C SER G 28 45.74 5.62 -1.35
N ILE G 29 46.71 5.98 -2.21
CA ILE G 29 47.49 4.97 -2.90
C ILE G 29 48.27 4.14 -1.91
N SER G 30 48.67 4.71 -0.79
CA SER G 30 49.44 3.96 0.18
C SER G 30 48.66 2.74 0.68
N SER G 31 49.34 1.61 0.77
CA SER G 31 48.80 0.37 1.31
C SER G 31 47.51 -0.14 0.65
N SER G 32 47.01 0.56 -0.36
CA SER G 32 45.75 0.18 -1.02
C SER G 32 45.95 -1.04 -1.89
N ARG G 33 44.95 -1.90 -1.97
CA ARG G 33 45.06 -3.12 -2.75
C ARG G 33 44.75 -2.94 -4.23
N TYR G 34 45.12 -1.85 -4.88
CA TYR G 34 44.83 -1.65 -6.30
C TYR G 34 46.11 -1.38 -7.07
N TYR G 35 46.20 -1.91 -8.29
CA TYR G 35 47.17 -1.41 -9.25
C TYR G 35 46.59 -0.13 -9.85
N TRP G 36 47.46 0.84 -10.14
CA TRP G 36 47.07 2.10 -10.79
C TRP G 36 47.74 2.13 -12.16
N GLY G 37 47.00 2.59 -13.20
CA GLY G 37 47.45 2.37 -14.56
C GLY G 37 47.23 3.55 -15.49
N TRP G 38 47.87 3.45 -16.66
CA TRP G 38 47.84 4.49 -17.69
C TRP G 38 47.41 3.91 -19.01
N ILE G 39 46.48 4.58 -19.68
CA ILE G 39 45.98 4.13 -20.98
C ILE G 39 45.94 5.31 -21.93
N ARG G 40 46.44 5.12 -23.14
CA ARG G 40 46.42 6.22 -24.10
C ARG G 40 45.54 5.89 -25.29
N GLN G 41 45.07 6.95 -25.94
CA GLN G 41 44.11 6.84 -27.03
C GLN G 41 44.37 7.97 -28.00
N PRO G 42 45.16 7.71 -29.06
CA PRO G 42 45.48 8.77 -30.04
C PRO G 42 44.21 9.30 -30.67
N PRO G 43 44.23 10.51 -31.25
CA PRO G 43 42.97 11.14 -31.65
C PRO G 43 42.28 10.35 -32.77
N GLY G 44 41.00 9.99 -32.52
CA GLY G 44 40.18 9.20 -33.41
C GLY G 44 40.38 7.68 -33.35
N LYS G 45 41.50 7.21 -32.81
CA LYS G 45 41.83 5.80 -32.77
C LYS G 45 41.44 5.21 -31.40
N GLY G 46 41.77 3.95 -31.17
CA GLY G 46 41.30 3.21 -30.01
C GLY G 46 42.21 3.29 -28.80
N LEU G 47 41.85 2.51 -27.77
CA LEU G 47 42.64 2.53 -26.54
C LEU G 47 43.84 1.59 -26.61
N GLU G 48 44.91 1.99 -25.92
CA GLU G 48 46.11 1.18 -25.74
C GLU G 48 46.56 1.26 -24.30
N TRP G 49 46.78 0.12 -23.68
CA TRP G 49 47.33 0.09 -22.35
C TRP G 49 48.81 0.41 -22.40
N ILE G 50 49.29 1.18 -21.43
CA ILE G 50 50.71 1.49 -21.33
C ILE G 50 51.37 0.70 -20.20
N GLY G 51 50.82 0.77 -19.00
CA GLY G 51 51.34 0.00 -17.88
C GLY G 51 50.58 0.35 -16.61
N SER G 52 50.82 -0.43 -15.57
CA SER G 52 50.17 -0.22 -14.29
C SER G 52 51.17 -0.51 -13.18
N ILE G 53 50.92 0.04 -12.00
CA ILE G 53 51.88 -0.04 -10.91
C ILE G 53 51.12 -0.12 -9.59
N TYR G 54 51.64 -0.91 -8.64
CA TYR G 54 51.12 -1.12 -7.30
C TYR G 54 51.69 -0.03 -6.41
N TYR G 55 51.20 0.06 -5.18
CA TYR G 55 51.81 1.03 -4.28
C TYR G 55 53.24 0.66 -3.99
N SER G 56 53.52 -0.64 -3.84
CA SER G 56 54.88 -1.13 -3.58
C SER G 56 55.86 -0.63 -4.62
N GLY G 57 55.47 -0.65 -5.87
CA GLY G 57 56.32 -0.18 -6.93
C GLY G 57 56.26 -1.16 -8.08
N SER G 58 55.92 -2.43 -7.76
CA SER G 58 55.84 -3.46 -8.77
C SER G 58 55.05 -2.98 -9.97
N THR G 59 55.53 -3.28 -11.16
CA THR G 59 54.90 -2.75 -12.36
C THR G 59 54.56 -3.85 -13.35
N TYR G 60 53.71 -3.49 -14.30
CA TYR G 60 53.43 -4.29 -15.48
C TYR G 60 53.38 -3.31 -16.62
N TYR G 61 54.01 -3.67 -17.73
CA TYR G 61 54.07 -2.85 -18.93
C TYR G 61 53.51 -3.59 -20.12
N ASN G 62 52.99 -2.83 -21.05
CA ASN G 62 52.63 -3.35 -22.35
C ASN G 62 53.94 -3.71 -23.06
N PRO G 63 54.15 -4.96 -23.49
CA PRO G 63 55.42 -5.28 -24.15
C PRO G 63 55.78 -4.35 -25.29
N SER G 64 54.83 -4.06 -26.17
CA SER G 64 55.12 -3.19 -27.32
C SER G 64 55.64 -1.82 -26.91
N LEU G 65 55.30 -1.33 -25.71
CA LEU G 65 55.79 -0.02 -25.27
C LEU G 65 56.82 -0.08 -24.14
N LYS G 66 57.12 -1.26 -23.60
CA LYS G 66 58.15 -1.32 -22.56
C LYS G 66 59.46 -0.85 -23.19
N SER G 67 60.30 -0.20 -22.38
CA SER G 67 61.61 0.36 -22.77
C SER G 67 61.51 1.81 -23.23
N ARG G 68 60.36 2.26 -23.73
CA ARG G 68 60.23 3.68 -23.98
C ARG G 68 59.57 4.38 -22.80
N VAL G 69 59.06 3.61 -21.83
CA VAL G 69 58.32 4.18 -20.71
C VAL G 69 58.77 3.53 -19.43
N THR G 70 58.60 4.28 -18.34
CA THR G 70 58.69 3.79 -16.98
C THR G 70 57.74 4.67 -16.18
N ILE G 71 56.85 4.03 -15.42
CA ILE G 71 55.92 4.73 -14.54
C ILE G 71 56.32 4.45 -13.10
N SER G 72 56.01 5.40 -12.21
CA SER G 72 56.42 5.33 -10.81
C SER G 72 55.36 5.97 -9.92
N VAL G 73 55.49 5.73 -8.61
CA VAL G 73 54.51 6.24 -7.65
C VAL G 73 55.22 7.08 -6.61
N ASP G 74 54.56 8.14 -6.17
CA ASP G 74 55.00 8.99 -5.07
C ASP G 74 53.92 8.77 -4.04
N THR G 75 54.06 7.68 -3.28
CA THR G 75 53.05 7.32 -2.30
C THR G 75 52.78 8.48 -1.33
N SER G 76 53.77 9.38 -1.13
CA SER G 76 53.72 10.48 -0.16
C SER G 76 52.89 11.67 -0.62
N LYS G 77 52.83 11.96 -1.93
CA LYS G 77 51.94 12.98 -2.45
C LYS G 77 50.59 12.42 -2.89
N ASN G 78 50.47 11.09 -2.91
CA ASN G 78 49.31 10.36 -3.44
C ASN G 78 49.14 10.58 -4.94
N GLN G 79 50.22 10.34 -5.69
CA GLN G 79 50.23 10.51 -7.12
C GLN G 79 51.05 9.38 -7.75
N PHE G 80 50.74 9.08 -8.99
CA PHE G 80 51.60 8.28 -9.84
C PHE G 80 51.69 8.98 -11.19
N SER G 81 52.62 8.49 -12.01
CA SER G 81 53.09 9.30 -13.11
C SER G 81 53.79 8.43 -14.14
N LEU G 82 53.69 8.86 -15.40
CA LEU G 82 54.27 8.15 -16.53
C LEU G 82 55.31 9.02 -17.21
N LYS G 83 56.43 8.41 -17.62
CA LYS G 83 57.47 9.08 -18.40
C LYS G 83 57.71 8.25 -19.65
N LEU G 84 57.48 8.86 -20.81
CA LEU G 84 57.54 8.19 -22.10
C LEU G 84 58.67 8.81 -22.91
N SER G 85 59.59 7.95 -23.38
CA SER G 85 60.89 8.35 -23.90
C SER G 85 60.87 8.54 -25.42
N SER G 86 61.67 9.51 -25.88
CA SER G 86 61.98 9.72 -27.31
C SER G 86 60.71 9.73 -28.16
N VAL G 87 59.88 10.74 -27.90
CA VAL G 87 58.56 10.79 -28.47
C VAL G 87 58.60 10.89 -29.99
N THR G 88 57.73 10.14 -30.66
CA THR G 88 57.53 10.22 -32.10
C THR G 88 56.31 11.10 -32.37
N ALA G 89 56.00 11.29 -33.66
CA ALA G 89 54.71 11.88 -34.03
C ALA G 89 53.54 10.98 -33.64
N ALA G 90 53.76 9.66 -33.59
CA ALA G 90 52.68 8.71 -33.33
C ALA G 90 52.06 8.91 -31.96
N ASP G 91 52.86 9.27 -30.96
CA ASP G 91 52.42 9.26 -29.56
C ASP G 91 51.54 10.44 -29.18
N THR G 92 51.05 11.22 -30.15
CA THR G 92 50.09 12.26 -29.84
C THR G 92 48.78 11.62 -29.40
N ALA G 93 48.30 11.95 -28.19
CA ALA G 93 47.18 11.21 -27.62
C ALA G 93 46.50 11.98 -26.49
N VAL G 94 45.37 11.40 -26.05
CA VAL G 94 44.85 11.63 -24.71
C VAL G 94 45.39 10.52 -23.83
N TYR G 95 45.96 10.91 -22.69
CA TYR G 95 46.51 9.95 -21.74
C TYR G 95 45.57 9.85 -20.55
N TYR G 96 45.16 8.62 -20.24
CA TYR G 96 44.18 8.34 -19.18
C TYR G 96 44.84 7.55 -18.06
N CYS G 97 44.56 7.94 -16.82
CA CYS G 97 44.93 7.12 -15.69
C CYS G 97 43.70 6.42 -15.12
N ALA G 98 43.94 5.36 -14.36
CA ALA G 98 42.81 4.56 -13.95
C ALA G 98 43.17 3.73 -12.73
N ARG G 99 42.14 3.39 -11.97
CA ARG G 99 42.27 2.54 -10.79
C ARG G 99 41.75 1.16 -11.17
N HIS G 100 42.55 0.12 -10.95
CA HIS G 100 42.09 -1.23 -11.18
C HIS G 100 41.10 -1.63 -10.10
N ALA G 101 40.39 -2.73 -10.33
CA ALA G 101 39.67 -3.34 -9.22
C ALA G 101 40.67 -3.90 -8.23
N ALA G 102 40.18 -4.20 -7.04
CA ALA G 102 41.05 -4.73 -5.99
C ALA G 102 41.71 -6.04 -6.43
N ALA G 103 43.03 -6.06 -6.37
CA ALA G 103 43.80 -7.22 -6.75
C ALA G 103 43.71 -8.29 -5.68
N TYR G 104 43.67 -9.57 -6.09
CA TYR G 104 43.45 -10.64 -5.12
C TYR G 104 44.21 -11.91 -5.50
N TYR G 105 44.26 -12.82 -4.54
CA TYR G 105 44.80 -14.15 -4.72
C TYR G 105 43.67 -15.16 -4.71
N ASP G 106 43.76 -16.19 -5.56
CA ASP G 106 42.72 -17.20 -5.57
C ASP G 106 43.14 -18.34 -4.65
N ARG G 107 42.26 -19.35 -4.55
CA ARG G 107 42.44 -20.45 -3.61
C ARG G 107 43.84 -21.09 -3.74
N SER G 108 44.36 -21.19 -4.95
CA SER G 108 45.66 -21.82 -5.21
C SER G 108 46.86 -20.89 -5.01
N GLY G 109 46.67 -19.59 -4.92
CA GLY G 109 47.78 -18.67 -4.72
C GLY G 109 48.09 -17.81 -5.91
N TYR G 110 47.37 -17.97 -7.02
CA TYR G 110 47.60 -17.21 -8.25
C TYR G 110 47.09 -15.78 -8.09
N TYR G 111 47.88 -14.82 -8.55
CA TYR G 111 47.60 -13.39 -8.41
C TYR G 111 46.87 -12.83 -9.64
N PHE G 112 45.83 -12.02 -9.41
CA PHE G 112 45.11 -11.30 -10.46
C PHE G 112 45.06 -9.82 -10.13
N ILE G 113 45.45 -8.95 -11.07
CA ILE G 113 45.32 -7.50 -10.85
C ILE G 113 44.00 -6.88 -11.34
N GLU G 114 43.17 -7.64 -12.07
CA GLU G 114 41.84 -7.27 -12.54
C GLU G 114 41.73 -6.19 -13.61
N TYR G 115 40.52 -5.63 -13.80
CA TYR G 115 40.14 -4.67 -14.85
C TYR G 115 40.22 -3.20 -14.38
N PHE G 116 40.10 -2.29 -15.35
CA PHE G 116 40.12 -0.86 -15.05
C PHE G 116 38.77 -0.45 -14.50
N GLN G 117 38.70 -0.18 -13.19
CA GLN G 117 37.42 0.08 -12.52
C GLN G 117 37.00 1.55 -12.64
N HIS G 118 37.95 2.49 -12.53
CA HIS G 118 37.67 3.92 -12.57
C HIS G 118 38.65 4.66 -13.45
N TRP G 119 38.16 5.68 -14.14
CA TRP G 119 38.96 6.43 -15.10
C TRP G 119 39.04 7.91 -14.75
N GLY G 120 40.20 8.49 -15.00
CA GLY G 120 40.36 9.93 -14.98
C GLY G 120 39.78 10.55 -16.21
N GLN G 121 39.83 11.88 -16.26
CA GLN G 121 39.22 12.61 -17.37
C GLN G 121 40.10 12.64 -18.61
N GLY G 122 41.41 12.40 -18.47
CA GLY G 122 42.35 12.37 -19.58
C GLY G 122 42.93 13.72 -19.98
N THR G 123 44.23 13.76 -20.26
CA THR G 123 44.90 14.99 -20.64
C THR G 123 45.46 14.80 -22.04
N LEU G 124 45.13 15.71 -22.96
CA LEU G 124 45.63 15.59 -24.31
C LEU G 124 47.06 16.11 -24.38
N VAL G 125 47.92 15.38 -25.07
CA VAL G 125 49.31 15.75 -25.24
C VAL G 125 49.63 15.76 -26.73
N THR G 126 50.06 16.89 -27.25
CA THR G 126 50.36 17.03 -28.68
C THR G 126 51.88 17.03 -28.88
N VAL G 127 52.39 16.14 -29.73
CA VAL G 127 53.80 16.17 -30.12
C VAL G 127 53.88 17.13 -31.30
N SER G 128 54.83 18.07 -31.23
CA SER G 128 54.78 19.26 -32.08
C SER G 128 56.12 20.00 -31.95
N SER G 129 56.23 21.11 -32.67
CA SER G 129 57.31 22.09 -32.60
C SER G 129 56.61 23.38 -33.02
N ALA G 130 55.96 24.04 -32.07
CA ALA G 130 55.00 25.06 -32.45
C ALA G 130 54.81 26.05 -31.32
N SER G 131 54.19 27.16 -31.69
CA SER G 131 54.01 28.27 -30.78
C SER G 131 52.77 28.01 -29.95
N THR G 132 52.97 27.60 -28.70
CA THR G 132 51.90 27.65 -27.72
C THR G 132 51.27 29.04 -27.74
N LYS G 133 49.95 29.11 -27.84
CA LYS G 133 49.38 30.43 -28.07
C LYS G 133 47.94 30.51 -27.61
N GLY G 134 47.66 31.49 -26.77
CA GLY G 134 46.32 31.71 -26.29
C GLY G 134 45.41 32.22 -27.39
N PRO G 135 44.11 32.07 -27.17
CA PRO G 135 43.11 32.39 -28.19
C PRO G 135 42.54 33.79 -28.06
N SER G 136 42.13 34.34 -29.21
CA SER G 136 41.33 35.56 -29.21
C SER G 136 39.87 35.18 -29.03
N VAL G 137 39.15 35.98 -28.25
CA VAL G 137 37.77 35.70 -27.88
C VAL G 137 36.93 36.89 -28.33
N PHE G 138 36.20 36.71 -29.42
CA PHE G 138 35.34 37.74 -29.93
C PHE G 138 33.91 37.29 -29.70
N PRO G 139 33.00 38.13 -29.21
CA PRO G 139 31.62 37.66 -29.01
C PRO G 139 30.85 37.61 -30.33
N LEU G 140 29.86 36.72 -30.37
CA LEU G 140 28.92 36.59 -31.50
C LEU G 140 27.52 37.04 -31.04
N ALA G 141 27.20 38.31 -31.31
CA ALA G 141 25.98 38.94 -30.82
C ALA G 141 24.73 38.42 -31.54
N PRO G 142 23.60 38.31 -30.83
CA PRO G 142 22.31 37.84 -31.37
C PRO G 142 21.67 38.74 -32.44
N GLY G 149 9.64 35.12 -32.25
CA GLY G 149 9.28 33.72 -32.12
C GLY G 149 9.92 33.03 -30.94
N GLY G 150 10.83 33.73 -30.26
CA GLY G 150 11.45 33.20 -29.06
C GLY G 150 12.74 32.44 -29.28
N THR G 151 13.34 32.53 -30.47
CA THR G 151 14.46 31.68 -30.90
C THR G 151 15.74 32.50 -31.09
N ALA G 152 16.55 32.60 -30.04
CA ALA G 152 17.78 33.39 -30.05
C ALA G 152 19.03 32.51 -29.99
N ALA G 153 20.01 32.86 -30.83
CA ALA G 153 21.31 32.18 -30.86
C ALA G 153 22.40 33.19 -30.54
N LEU G 154 23.29 32.86 -29.61
CA LEU G 154 24.42 33.71 -29.26
C LEU G 154 25.63 32.84 -28.95
N GLY G 155 26.82 33.39 -29.08
CA GLY G 155 27.97 32.53 -28.95
C GLY G 155 29.28 33.25 -28.71
N CYS G 156 30.37 32.50 -28.85
CA CYS G 156 31.73 32.98 -28.82
C CYS G 156 32.46 32.45 -30.04
N LEU G 157 33.48 33.16 -30.50
CA LEU G 157 34.38 32.65 -31.52
C LEU G 157 35.76 32.61 -30.91
N VAL G 158 36.32 31.42 -30.77
CA VAL G 158 37.63 31.24 -30.19
C VAL G 158 38.55 30.89 -31.36
N LYS G 159 39.23 31.91 -31.88
CA LYS G 159 39.98 31.81 -33.12
C LYS G 159 41.47 31.80 -32.83
N ASP G 160 42.20 30.93 -33.54
CA ASP G 160 43.66 30.96 -33.64
C ASP G 160 44.36 30.77 -32.29
N TYR G 161 44.41 29.52 -31.84
CA TYR G 161 45.06 29.09 -30.60
C TYR G 161 45.75 27.76 -30.85
N PHE G 162 46.62 27.35 -29.94
CA PHE G 162 47.35 26.12 -30.15
C PHE G 162 47.93 25.73 -28.82
N PRO G 163 47.97 24.43 -28.47
CA PRO G 163 47.32 23.34 -29.19
C PRO G 163 45.98 23.04 -28.58
N GLU G 164 45.44 21.90 -28.94
CA GLU G 164 44.24 21.43 -28.29
C GLU G 164 44.59 21.01 -26.87
N PRO G 165 43.67 21.19 -25.91
CA PRO G 165 42.29 21.62 -26.12
C PRO G 165 41.92 22.97 -25.55
N VAL G 166 40.80 23.51 -26.00
CA VAL G 166 40.11 24.58 -25.29
C VAL G 166 38.84 24.01 -24.68
N THR G 167 38.36 24.69 -23.65
CA THR G 167 37.18 24.27 -22.91
C THR G 167 36.26 25.48 -22.71
N VAL G 168 34.96 25.29 -22.94
CA VAL G 168 33.99 26.38 -22.92
C VAL G 168 32.83 26.01 -22.01
N SER G 169 32.45 26.94 -21.13
CA SER G 169 31.21 26.85 -20.36
C SER G 169 30.44 28.16 -20.48
N TRP G 170 29.18 28.15 -20.07
CA TRP G 170 28.33 29.32 -20.17
C TRP G 170 27.81 29.67 -18.77
N ASN G 171 27.95 30.96 -18.41
CA ASN G 171 27.58 31.46 -17.09
C ASN G 171 28.22 30.63 -15.99
N SER G 172 29.51 30.29 -16.20
CA SER G 172 30.33 29.55 -15.24
C SER G 172 29.68 28.21 -14.87
N GLY G 173 29.09 27.55 -15.85
CA GLY G 173 28.42 26.29 -15.63
C GLY G 173 26.96 26.39 -15.25
N ALA G 174 26.45 27.60 -15.04
CA ALA G 174 25.03 27.76 -14.80
C ALA G 174 24.24 27.29 -16.02
N LEU G 175 24.47 27.92 -17.17
CA LEU G 175 23.81 27.55 -18.43
C LEU G 175 24.54 26.37 -19.06
N THR G 176 23.85 25.24 -19.19
CA THR G 176 24.42 24.06 -19.84
C THR G 176 23.48 23.46 -20.89
N SER G 177 22.18 23.70 -20.71
CA SER G 177 21.17 23.17 -21.60
C SER G 177 21.12 23.97 -22.90
N GLY G 178 21.09 23.27 -24.03
CA GLY G 178 21.00 23.91 -25.32
C GLY G 178 22.30 24.43 -25.85
N VAL G 179 23.41 24.14 -25.18
CA VAL G 179 24.73 24.58 -25.61
C VAL G 179 25.20 23.67 -26.73
N HIS G 180 26.02 24.20 -27.62
CA HIS G 180 26.72 23.36 -28.60
C HIS G 180 28.12 23.91 -28.76
N THR G 181 29.11 23.18 -28.28
CA THR G 181 30.50 23.59 -28.46
C THR G 181 31.06 22.78 -29.62
N PHE G 182 31.62 23.45 -30.59
CA PHE G 182 31.97 22.75 -31.82
C PHE G 182 33.39 22.20 -31.80
N PRO G 183 33.68 21.26 -32.69
CA PRO G 183 35.05 20.78 -32.86
C PRO G 183 35.95 21.86 -33.43
N ALA G 184 37.23 21.73 -33.09
CA ALA G 184 38.20 22.65 -33.63
C ALA G 184 38.48 22.33 -35.09
N VAL G 185 38.54 23.37 -35.92
CA VAL G 185 39.02 23.27 -37.28
C VAL G 185 40.43 23.81 -37.30
N LEU G 186 41.32 23.11 -37.99
CA LEU G 186 42.71 23.55 -38.07
C LEU G 186 42.83 24.40 -39.32
N GLN G 187 42.82 25.73 -39.15
CA GLN G 187 43.02 26.63 -40.27
C GLN G 187 44.43 26.41 -40.82
N SER G 188 44.61 26.75 -42.10
CA SER G 188 45.90 26.54 -42.75
C SER G 188 47.00 27.33 -42.06
N SER G 189 46.64 28.35 -41.27
CA SER G 189 47.59 29.09 -40.46
C SER G 189 48.31 28.25 -39.41
N GLY G 190 47.89 27.00 -39.17
CA GLY G 190 48.48 26.16 -38.14
C GLY G 190 47.91 26.29 -36.75
N LEU G 191 46.94 27.20 -36.54
CA LEU G 191 46.25 27.35 -35.26
C LEU G 191 44.81 26.87 -35.37
N TYR G 192 44.25 26.43 -34.24
CA TYR G 192 42.91 25.87 -34.22
C TYR G 192 41.86 26.96 -34.08
N SER G 193 40.73 26.75 -34.72
CA SER G 193 39.63 27.69 -34.67
C SER G 193 38.36 26.92 -34.32
N LEU G 194 37.50 27.57 -33.54
CA LEU G 194 36.42 26.86 -32.89
C LEU G 194 35.28 27.84 -32.71
N SER G 195 34.09 27.32 -32.46
CA SER G 195 32.95 28.18 -32.21
C SER G 195 32.08 27.51 -31.15
N SER G 196 31.63 28.28 -30.17
CA SER G 196 30.70 27.80 -29.16
C SER G 196 29.44 28.66 -29.21
N VAL G 197 28.28 28.02 -29.20
CA VAL G 197 27.00 28.70 -29.38
C VAL G 197 26.00 28.16 -28.36
N VAL G 198 24.91 28.89 -28.18
CA VAL G 198 23.84 28.41 -27.30
C VAL G 198 22.52 29.02 -27.78
N THR G 199 21.46 28.22 -27.74
CA THR G 199 20.12 28.73 -28.01
C THR G 199 19.47 29.14 -26.69
N VAL G 200 18.82 30.31 -26.71
CA VAL G 200 18.14 30.87 -25.53
C VAL G 200 16.77 31.40 -25.95
N PRO G 201 15.82 31.47 -25.00
CA PRO G 201 14.56 32.18 -25.27
C PRO G 201 14.83 33.64 -25.60
N SER G 202 14.23 34.15 -26.69
CA SER G 202 14.56 35.50 -27.16
C SER G 202 14.10 36.58 -26.19
N SER G 203 13.27 36.24 -25.20
CA SER G 203 12.92 37.11 -24.09
C SER G 203 14.05 37.27 -23.08
N SER G 204 15.16 36.54 -23.24
CA SER G 204 16.32 36.63 -22.36
C SER G 204 17.41 37.60 -22.85
N LEU G 205 17.31 38.12 -24.08
CA LEU G 205 18.44 38.83 -24.70
C LEU G 205 18.86 40.08 -23.90
N GLY G 206 17.93 40.69 -23.17
CA GLY G 206 18.23 41.87 -22.35
C GLY G 206 18.39 41.71 -20.85
N THR G 207 17.69 40.72 -20.24
CA THR G 207 17.54 40.59 -18.79
C THR G 207 18.61 39.68 -18.16
N GLN G 208 18.86 38.51 -18.74
CA GLN G 208 19.80 37.52 -18.20
C GLN G 208 21.16 37.71 -18.84
N THR G 209 22.21 37.59 -18.03
CA THR G 209 23.57 37.79 -18.50
C THR G 209 24.11 36.52 -19.16
N TYR G 210 24.78 36.69 -20.30
CA TYR G 210 25.34 35.56 -21.03
C TYR G 210 26.82 35.80 -21.27
N ILE G 211 27.66 35.03 -20.54
CA ILE G 211 29.12 35.12 -20.59
C ILE G 211 29.69 33.72 -20.82
N CYS G 212 30.60 33.59 -21.79
CA CYS G 212 31.23 32.31 -22.08
C CYS G 212 32.57 32.26 -21.37
N ASN G 213 32.83 31.14 -20.70
CA ASN G 213 34.03 30.93 -19.90
C ASN G 213 34.98 30.03 -20.69
N VAL G 214 36.06 30.62 -21.21
CA VAL G 214 37.05 29.94 -22.06
C VAL G 214 38.29 29.62 -21.25
N ASN G 215 38.90 28.47 -21.53
CA ASN G 215 40.08 28.00 -20.80
C ASN G 215 40.96 27.20 -21.73
N HIS G 216 42.15 27.73 -22.01
CA HIS G 216 43.15 27.11 -22.87
C HIS G 216 44.32 26.76 -21.97
N LYS G 217 44.30 25.53 -21.45
CA LYS G 217 45.31 25.10 -20.50
C LYS G 217 46.75 25.22 -20.99
N PRO G 218 47.11 24.89 -22.25
CA PRO G 218 48.54 24.87 -22.63
C PRO G 218 49.25 26.23 -22.59
N SER G 219 48.53 27.35 -22.63
CA SER G 219 49.14 28.68 -22.52
C SER G 219 48.65 29.44 -21.30
N ASN G 220 47.91 28.80 -20.40
CA ASN G 220 47.44 29.40 -19.15
C ASN G 220 46.57 30.63 -19.39
N THR G 221 45.67 30.54 -20.36
CA THR G 221 44.78 31.63 -20.74
C THR G 221 43.42 31.41 -20.09
N LYS G 222 42.79 32.48 -19.64
CA LYS G 222 41.37 32.47 -19.32
C LYS G 222 40.80 33.77 -19.85
N VAL G 223 39.63 33.70 -20.50
CA VAL G 223 38.95 34.89 -21.03
C VAL G 223 37.46 34.77 -20.76
N ASP G 224 36.85 35.84 -20.29
CA ASP G 224 35.39 35.95 -20.23
C ASP G 224 34.95 37.08 -21.15
N LYS G 225 34.08 36.74 -22.09
CA LYS G 225 33.53 37.72 -23.02
C LYS G 225 32.03 37.74 -22.81
N ARG G 226 31.50 38.91 -22.48
CA ARG G 226 30.06 39.05 -22.38
C ARG G 226 29.49 39.26 -23.77
N VAL G 227 28.31 38.71 -24.01
CA VAL G 227 27.63 38.83 -25.29
C VAL G 227 26.30 39.53 -25.06
N GLU G 228 26.12 40.67 -25.73
CA GLU G 228 24.94 41.53 -25.68
C GLU G 228 24.53 41.88 -27.11
N PRO G 229 23.23 42.14 -27.35
CA PRO G 229 22.72 42.53 -28.68
C PRO G 229 23.41 43.76 -29.29
N GLN H 1 -10.67 13.07 -53.69
CA GLN H 1 -10.94 12.24 -52.52
C GLN H 1 -9.65 11.97 -51.72
N VAL H 2 -9.71 12.06 -50.38
CA VAL H 2 -8.58 11.77 -49.49
C VAL H 2 -8.83 10.46 -48.74
N GLN H 3 -7.82 9.60 -48.66
CA GLN H 3 -8.02 8.35 -47.95
C GLN H 3 -6.82 8.01 -47.05
N LEU H 4 -7.04 7.19 -46.02
CA LEU H 4 -6.09 6.99 -44.91
C LEU H 4 -5.99 5.51 -44.51
N GLN H 5 -4.79 4.93 -44.51
CA GLN H 5 -4.56 3.52 -44.19
C GLN H 5 -3.75 3.38 -42.91
N GLU H 6 -4.18 2.51 -42.00
CA GLU H 6 -3.44 2.28 -40.77
C GLU H 6 -2.70 0.97 -40.85
N SER H 7 -1.51 0.94 -40.25
CA SER H 7 -0.69 -0.26 -40.14
C SER H 7 -0.11 -0.28 -38.73
N GLY H 8 -0.14 -1.44 -38.06
CA GLY H 8 0.19 -1.54 -36.66
C GLY H 8 0.69 -2.92 -36.31
N PRO H 9 1.28 -3.10 -35.11
CA PRO H 9 1.94 -4.38 -34.80
C PRO H 9 1.01 -5.58 -34.70
N GLY H 10 -0.25 -5.39 -34.35
CA GLY H 10 -1.16 -6.52 -34.16
C GLY H 10 -1.11 -7.02 -32.73
N LEU H 11 0.10 -7.19 -32.19
CA LEU H 11 0.30 -7.50 -30.79
C LEU H 11 1.34 -6.56 -30.20
N VAL H 12 1.21 -6.31 -28.91
CA VAL H 12 2.26 -5.65 -28.15
C VAL H 12 2.41 -6.42 -26.86
N LYS H 13 3.71 -6.66 -26.40
CA LYS H 13 3.49 -7.29 -25.11
C LYS H 13 3.47 -6.21 -24.04
N PRO H 14 2.80 -6.47 -22.92
CA PRO H 14 2.65 -5.45 -21.89
C PRO H 14 4.00 -4.84 -21.56
N SER H 15 3.98 -3.56 -21.21
CA SER H 15 5.12 -2.73 -20.85
C SER H 15 6.06 -2.44 -22.01
N GLU H 16 5.78 -2.89 -23.22
CA GLU H 16 6.54 -2.41 -24.36
C GLU H 16 5.92 -1.11 -24.87
N THR H 17 6.35 -0.67 -26.04
CA THR H 17 5.82 0.55 -26.62
C THR H 17 5.11 0.22 -27.91
N LEU H 18 3.93 0.81 -28.08
CA LEU H 18 3.03 0.56 -29.19
C LEU H 18 3.20 1.62 -30.25
N SER H 19 3.13 1.20 -31.49
CA SER H 19 3.30 2.16 -32.57
C SER H 19 2.41 1.79 -33.75
N VAL H 20 1.65 2.77 -34.23
CA VAL H 20 0.85 2.61 -35.44
C VAL H 20 1.24 3.73 -36.39
N THR H 21 1.09 3.48 -37.69
CA THR H 21 1.36 4.49 -38.69
C THR H 21 0.15 4.63 -39.59
N CYS H 22 0.08 5.76 -40.28
CA CYS H 22 -1.08 6.11 -41.09
C CYS H 22 -0.57 6.67 -42.40
N THR H 23 -0.83 6.00 -43.50
CA THR H 23 -0.30 6.41 -44.79
C THR H 23 -1.39 7.09 -45.62
N VAL H 24 -1.25 8.40 -45.78
CA VAL H 24 -2.26 9.22 -46.44
C VAL H 24 -2.11 9.11 -47.95
N SER H 25 -3.23 8.92 -48.63
CA SER H 25 -3.32 8.78 -50.07
C SER H 25 -4.21 9.89 -50.61
N GLY H 26 -4.01 10.24 -51.87
CA GLY H 26 -4.85 11.26 -52.50
C GLY H 26 -4.71 12.61 -51.84
N GLY H 27 -3.53 12.98 -51.42
CA GLY H 27 -3.37 14.28 -50.84
C GLY H 27 -2.08 14.25 -50.09
N SER H 28 -1.43 15.39 -49.92
CA SER H 28 -0.11 15.39 -49.31
C SER H 28 -0.07 16.18 -48.00
N ILE H 29 0.50 15.57 -46.97
CA ILE H 29 0.67 16.18 -45.65
C ILE H 29 1.60 17.41 -45.70
N SER H 30 2.44 17.51 -46.74
CA SER H 30 3.59 18.41 -46.76
C SER H 30 3.25 19.87 -46.42
N SER H 31 2.26 20.46 -47.09
CA SER H 31 1.89 21.83 -46.75
C SER H 31 0.43 21.94 -46.34
N SER H 32 -0.24 20.81 -46.15
CA SER H 32 -1.69 20.79 -45.97
C SER H 32 -2.13 21.48 -44.69
N ARG H 33 -3.25 22.20 -44.77
CA ARG H 33 -3.75 22.99 -43.65
C ARG H 33 -4.68 22.21 -42.74
N TYR H 34 -4.37 20.94 -42.53
CA TYR H 34 -5.19 20.08 -41.68
C TYR H 34 -4.34 19.55 -40.55
N TYR H 35 -4.95 19.46 -39.38
CA TYR H 35 -4.39 18.60 -38.35
C TYR H 35 -4.77 17.15 -38.61
N TRP H 36 -3.83 16.25 -38.36
CA TRP H 36 -4.05 14.81 -38.49
C TRP H 36 -3.99 14.17 -37.10
N GLY H 37 -4.88 13.22 -36.82
CA GLY H 37 -5.08 12.80 -35.45
C GLY H 37 -5.26 11.30 -35.30
N TRP H 38 -5.23 10.87 -34.04
CA TRP H 38 -5.35 9.46 -33.66
C TRP H 38 -6.43 9.33 -32.60
N ILE H 39 -7.31 8.36 -32.79
CA ILE H 39 -8.44 8.12 -31.90
C ILE H 39 -8.51 6.61 -31.68
N ARG H 40 -8.67 6.16 -30.44
CA ARG H 40 -8.73 4.72 -30.21
C ARG H 40 -10.07 4.32 -29.63
N GLN H 41 -10.39 3.04 -29.72
CA GLN H 41 -11.70 2.55 -29.28
C GLN H 41 -11.61 1.10 -28.86
N PRO H 42 -11.48 0.84 -27.55
CA PRO H 42 -11.37 -0.56 -27.06
C PRO H 42 -12.62 -1.36 -27.38
N PRO H 43 -12.53 -2.69 -27.41
CA PRO H 43 -13.69 -3.51 -27.85
C PRO H 43 -14.85 -3.38 -26.88
N GLY H 44 -16.02 -3.04 -27.44
CA GLY H 44 -17.25 -2.80 -26.70
C GLY H 44 -17.44 -1.41 -26.11
N LYS H 45 -16.38 -0.62 -25.97
CA LYS H 45 -16.41 0.67 -25.32
C LYS H 45 -16.47 1.80 -26.36
N GLY H 46 -16.45 3.04 -25.86
CA GLY H 46 -16.61 4.21 -26.71
C GLY H 46 -15.29 4.71 -27.24
N LEU H 47 -15.33 5.85 -27.90
CA LEU H 47 -14.17 6.46 -28.52
C LEU H 47 -13.37 7.32 -27.55
N GLU H 48 -12.06 7.41 -27.79
CA GLU H 48 -11.16 8.29 -27.05
C GLU H 48 -10.19 8.97 -28.00
N TRP H 49 -10.07 10.28 -27.89
CA TRP H 49 -9.07 11.00 -28.67
C TRP H 49 -7.71 10.78 -28.05
N ILE H 50 -6.69 10.66 -28.87
CA ILE H 50 -5.32 10.50 -28.42
C ILE H 50 -4.50 11.78 -28.68
N GLY H 51 -4.51 12.28 -29.91
CA GLY H 51 -3.80 13.51 -30.21
C GLY H 51 -3.85 13.83 -31.68
N SER H 52 -3.43 15.05 -32.01
CA SER H 52 -3.39 15.48 -33.40
C SER H 52 -2.15 16.33 -33.62
N ILE H 53 -1.72 16.40 -34.87
CA ILE H 53 -0.43 16.99 -35.21
C ILE H 53 -0.55 17.72 -36.55
N TYR H 54 0.11 18.88 -36.65
CA TYR H 54 0.18 19.63 -37.88
C TYR H 54 1.40 19.15 -38.67
N TYR H 55 1.46 19.49 -39.97
CA TYR H 55 2.64 19.08 -40.75
C TYR H 55 3.91 19.74 -40.21
N SER H 56 3.79 21.00 -39.76
CA SER H 56 4.90 21.72 -39.11
C SER H 56 5.44 20.96 -37.90
N GLY H 57 4.54 20.41 -37.08
CA GLY H 57 4.94 19.71 -35.89
C GLY H 57 4.04 20.00 -34.71
N SER H 58 3.28 21.09 -34.77
CA SER H 58 2.40 21.45 -33.65
C SER H 58 1.52 20.28 -33.26
N THR H 59 1.48 19.97 -31.96
CA THR H 59 0.72 18.83 -31.50
C THR H 59 -0.20 19.26 -30.37
N TYR H 60 -1.27 18.49 -30.19
CA TYR H 60 -2.22 18.66 -29.10
C TYR H 60 -2.57 17.27 -28.62
N TYR H 61 -2.63 17.07 -27.32
CA TYR H 61 -2.87 15.76 -26.76
C TYR H 61 -4.06 15.76 -25.83
N ASN H 62 -4.70 14.62 -25.73
CA ASN H 62 -5.67 14.40 -24.67
C ASN H 62 -4.91 14.47 -23.35
N PRO H 63 -5.39 15.25 -22.38
CA PRO H 63 -4.66 15.39 -21.12
C PRO H 63 -4.24 14.07 -20.50
N SER H 64 -5.18 13.12 -20.34
CA SER H 64 -4.86 11.89 -19.62
C SER H 64 -3.68 11.10 -20.22
N LEU H 65 -3.46 11.21 -21.52
CA LEU H 65 -2.45 10.40 -22.19
C LEU H 65 -1.22 11.17 -22.63
N LYS H 66 -1.12 12.48 -22.36
CA LYS H 66 -0.02 13.28 -22.86
C LYS H 66 1.35 12.74 -22.44
N SER H 67 1.40 12.06 -21.31
CA SER H 67 2.69 11.62 -20.80
C SER H 67 3.18 10.35 -21.47
N ARG H 68 2.26 9.54 -21.99
CA ARG H 68 2.54 8.25 -22.63
C ARG H 68 2.68 8.31 -24.13
N VAL H 69 2.45 9.45 -24.78
CA VAL H 69 2.33 9.42 -26.23
C VAL H 69 3.21 10.46 -26.86
N THR H 70 3.62 10.19 -28.09
CA THR H 70 4.24 11.21 -28.92
C THR H 70 3.81 10.92 -30.34
N ILE H 71 3.25 11.90 -30.97
CA ILE H 71 2.83 11.78 -32.34
C ILE H 71 3.84 12.55 -33.16
N SER H 72 4.10 12.06 -34.36
CA SER H 72 5.08 12.69 -35.23
C SER H 72 4.67 12.48 -36.67
N VAL H 73 5.26 13.27 -37.56
CA VAL H 73 5.00 13.18 -38.98
C VAL H 73 6.31 13.20 -39.72
N ASP H 74 6.45 12.35 -40.74
CA ASP H 74 7.60 12.42 -41.65
C ASP H 74 7.00 12.61 -43.05
N THR H 75 6.95 13.86 -43.48
CA THR H 75 6.39 14.24 -44.77
C THR H 75 6.95 13.43 -45.95
N SER H 76 8.15 12.86 -45.81
CA SER H 76 8.80 12.20 -46.95
C SER H 76 8.15 10.87 -47.32
N LYS H 77 7.56 10.17 -46.36
CA LYS H 77 6.81 8.94 -46.66
C LYS H 77 5.32 9.20 -46.86
N ASN H 78 4.89 10.43 -46.56
CA ASN H 78 3.48 10.86 -46.52
C ASN H 78 2.68 10.07 -45.49
N GLN H 79 3.24 10.00 -44.29
CA GLN H 79 2.57 9.28 -43.23
C GLN H 79 2.85 10.01 -41.93
N PHE H 80 1.96 9.80 -40.96
CA PHE H 80 2.20 10.17 -39.59
C PHE H 80 1.96 8.96 -38.72
N SER H 81 2.27 9.09 -37.44
CA SER H 81 2.46 7.91 -36.63
C SER H 81 2.36 8.26 -35.17
N LEU H 82 1.90 7.30 -34.37
CA LEU H 82 1.75 7.40 -32.93
C LEU H 82 2.68 6.40 -32.25
N LYS H 83 3.23 6.78 -31.10
CA LYS H 83 4.04 5.90 -30.25
C LYS H 83 3.46 6.02 -28.85
N LEU H 84 3.00 4.92 -28.29
CA LEU H 84 2.41 4.92 -26.95
C LEU H 84 3.22 3.99 -26.05
N SER H 85 3.71 4.52 -24.93
CA SER H 85 4.72 3.89 -24.07
C SER H 85 4.07 3.08 -22.96
N SER H 86 4.75 2.00 -22.60
CA SER H 86 4.42 1.18 -21.43
C SER H 86 2.94 0.78 -21.43
N VAL H 87 2.56 0.01 -22.46
CA VAL H 87 1.16 -0.32 -22.70
C VAL H 87 0.64 -1.26 -21.62
N THR H 88 -0.60 -1.04 -21.21
CA THR H 88 -1.31 -1.88 -20.27
C THR H 88 -2.13 -2.89 -21.04
N ALA H 89 -2.75 -3.80 -20.30
CA ALA H 89 -3.86 -4.53 -20.90
C ALA H 89 -4.95 -3.56 -21.33
N ALA H 90 -4.98 -2.38 -20.69
CA ALA H 90 -6.01 -1.38 -20.94
C ALA H 90 -6.00 -0.91 -22.38
N ASP H 91 -4.82 -0.77 -22.96
CA ASP H 91 -4.70 -0.14 -24.28
C ASP H 91 -5.11 -1.04 -25.43
N THR H 92 -5.68 -2.23 -25.18
CA THR H 92 -6.20 -3.02 -26.28
C THR H 92 -7.34 -2.26 -26.88
N ALA H 93 -7.20 -1.94 -28.16
CA ALA H 93 -8.09 -1.01 -28.82
C ALA H 93 -8.02 -1.23 -30.32
N VAL H 94 -8.93 -0.60 -31.01
CA VAL H 94 -8.79 -0.28 -32.41
C VAL H 94 -8.25 1.15 -32.50
N TYR H 95 -7.16 1.34 -33.23
CA TYR H 95 -6.58 2.66 -33.36
C TYR H 95 -6.95 3.15 -34.74
N TYR H 96 -7.55 4.35 -34.80
CA TYR H 96 -8.09 4.97 -36.01
C TYR H 96 -7.32 6.26 -36.27
N CYS H 97 -6.97 6.54 -37.52
CA CYS H 97 -6.43 7.84 -37.83
C CYS H 97 -7.47 8.68 -38.54
N ALA H 98 -7.24 9.98 -38.60
CA ALA H 98 -8.29 10.85 -39.08
C ALA H 98 -7.69 12.15 -39.56
N ARG H 99 -8.36 12.77 -40.52
CA ARG H 99 -8.00 14.09 -41.01
C ARG H 99 -9.00 15.09 -40.49
N HIS H 100 -8.51 16.16 -39.87
CA HIS H 100 -9.36 17.24 -39.42
C HIS H 100 -9.84 18.05 -40.62
N ALA H 101 -10.89 18.83 -40.42
CA ALA H 101 -11.20 19.84 -41.42
C ALA H 101 -10.12 20.92 -41.37
N ALA H 102 -10.09 21.73 -42.41
CA ALA H 102 -9.05 22.74 -42.54
C ALA H 102 -9.04 23.68 -41.34
N ALA H 103 -7.88 23.75 -40.67
CA ALA H 103 -7.72 24.64 -39.54
C ALA H 103 -7.53 26.05 -40.06
N TYR H 104 -8.10 27.02 -39.33
CA TYR H 104 -8.15 28.38 -39.83
C TYR H 104 -8.05 29.36 -38.67
N TYR H 105 -7.87 30.64 -39.01
CA TYR H 105 -7.88 31.76 -38.08
C TYR H 105 -9.11 32.60 -38.38
N ASP H 106 -9.80 33.10 -37.35
CA ASP H 106 -10.98 33.91 -37.60
C ASP H 106 -10.56 35.39 -37.67
N ARG H 107 -11.55 36.26 -37.90
CA ARG H 107 -11.28 37.68 -38.12
C ARG H 107 -10.38 38.28 -37.04
N SER H 108 -10.60 37.89 -35.78
CA SER H 108 -9.89 38.47 -34.65
C SER H 108 -8.48 37.92 -34.51
N GLY H 109 -8.15 36.80 -35.16
CA GLY H 109 -6.82 36.23 -35.12
C GLY H 109 -6.71 34.89 -34.41
N TYR H 110 -7.79 34.41 -33.81
CA TYR H 110 -7.81 33.17 -33.03
C TYR H 110 -7.72 31.91 -33.90
N TYR H 111 -6.93 30.92 -33.45
CA TYR H 111 -6.73 29.68 -34.21
C TYR H 111 -7.76 28.61 -33.86
N PHE H 112 -8.33 28.00 -34.88
CA PHE H 112 -9.27 26.90 -34.71
C PHE H 112 -8.80 25.72 -35.53
N ILE H 113 -8.58 24.61 -34.87
CA ILE H 113 -8.47 23.34 -35.54
C ILE H 113 -9.91 22.87 -35.54
N GLU H 114 -10.23 21.85 -36.32
CA GLU H 114 -11.66 21.55 -36.41
C GLU H 114 -11.98 20.17 -35.87
N TYR H 115 -13.02 19.55 -36.43
CA TYR H 115 -13.58 18.26 -36.10
C TYR H 115 -12.90 17.17 -36.92
N PHE H 116 -13.19 15.91 -36.60
CA PHE H 116 -12.61 14.82 -37.37
C PHE H 116 -13.45 14.60 -38.63
N GLN H 117 -12.92 14.99 -39.80
CA GLN H 117 -13.66 14.98 -41.06
C GLN H 117 -13.63 13.65 -41.79
N HIS H 118 -12.46 12.99 -41.84
CA HIS H 118 -12.26 11.71 -42.55
C HIS H 118 -11.54 10.74 -41.65
N TRP H 119 -11.92 9.47 -41.71
CA TRP H 119 -11.37 8.43 -40.85
C TRP H 119 -10.79 7.28 -41.65
N GLY H 120 -9.68 6.73 -41.20
CA GLY H 120 -9.22 5.47 -41.72
C GLY H 120 -10.05 4.35 -41.19
N GLN H 121 -9.80 3.14 -41.69
CA GLN H 121 -10.62 2.02 -41.28
C GLN H 121 -10.19 1.44 -39.95
N GLY H 122 -9.04 1.81 -39.43
CA GLY H 122 -8.70 1.39 -38.09
C GLY H 122 -8.10 -0.01 -37.97
N THR H 123 -7.09 -0.14 -37.10
CA THR H 123 -6.30 -1.34 -36.90
C THR H 123 -6.46 -1.83 -35.46
N LEU H 124 -6.73 -3.11 -35.28
CA LEU H 124 -6.80 -3.66 -33.94
C LEU H 124 -5.39 -3.91 -33.38
N VAL H 125 -5.17 -3.54 -32.14
CA VAL H 125 -3.93 -3.83 -31.46
C VAL H 125 -4.29 -4.47 -30.14
N THR H 126 -3.84 -5.70 -29.92
CA THR H 126 -4.10 -6.38 -28.66
C THR H 126 -2.81 -6.47 -27.86
N VAL H 127 -2.86 -5.94 -26.64
CA VAL H 127 -1.76 -6.03 -25.69
C VAL H 127 -1.93 -7.28 -24.84
N SER H 128 -0.90 -8.11 -24.80
CA SER H 128 -1.01 -9.43 -24.22
C SER H 128 0.34 -10.10 -24.17
N SER H 129 0.56 -10.88 -23.10
CA SER H 129 1.76 -11.70 -23.00
C SER H 129 1.47 -13.12 -23.43
N ALA H 130 0.64 -13.31 -24.43
CA ALA H 130 0.17 -14.64 -24.76
C ALA H 130 0.73 -15.06 -26.11
N SER H 131 0.95 -16.36 -26.23
CA SER H 131 1.57 -16.97 -27.40
C SER H 131 0.51 -17.36 -28.41
N THR H 132 0.72 -16.95 -29.66
CA THR H 132 -0.09 -17.46 -30.78
C THR H 132 -0.25 -18.97 -30.69
N LYS H 133 -1.51 -19.43 -30.80
CA LYS H 133 -1.84 -20.82 -30.56
C LYS H 133 -3.13 -21.16 -31.28
N GLY H 134 -3.12 -22.24 -32.05
CA GLY H 134 -4.31 -22.65 -32.77
C GLY H 134 -5.38 -23.22 -31.86
N PRO H 135 -6.63 -23.25 -32.33
CA PRO H 135 -7.73 -23.63 -31.45
C PRO H 135 -8.02 -25.11 -31.43
N SER H 136 -8.50 -25.56 -30.27
CA SER H 136 -9.07 -26.89 -30.12
C SER H 136 -10.54 -26.80 -30.49
N VAL H 137 -11.06 -27.85 -31.12
CA VAL H 137 -12.46 -27.85 -31.56
C VAL H 137 -13.17 -29.10 -31.03
N PHE H 138 -14.12 -28.90 -30.14
CA PHE H 138 -14.94 -29.91 -29.54
C PHE H 138 -16.39 -29.77 -30.01
N PRO H 139 -17.09 -30.90 -30.21
CA PRO H 139 -18.48 -30.84 -30.69
C PRO H 139 -19.46 -30.50 -29.58
N LEU H 140 -20.56 -29.87 -29.97
CA LEU H 140 -21.67 -29.72 -29.04
C LEU H 140 -22.76 -30.63 -29.60
N ALA H 141 -22.81 -31.86 -29.05
CA ALA H 141 -23.62 -32.91 -29.64
C ALA H 141 -25.11 -32.56 -29.54
N PRO H 142 -25.91 -32.85 -30.57
CA PRO H 142 -27.33 -32.52 -30.52
C PRO H 142 -28.07 -33.38 -29.50
N SER H 143 -29.08 -32.78 -28.88
CA SER H 143 -29.81 -33.44 -27.81
C SER H 143 -30.53 -34.67 -28.33
N SER H 144 -30.29 -35.83 -27.70
CA SER H 144 -31.12 -36.99 -27.95
C SER H 144 -32.56 -36.73 -27.50
N LYS H 145 -32.75 -35.91 -26.47
CA LYS H 145 -34.08 -35.37 -26.13
C LYS H 145 -34.65 -34.64 -27.34
N SER H 146 -35.43 -35.36 -28.15
CA SER H 146 -35.85 -34.93 -29.48
C SER H 146 -37.03 -33.96 -29.39
N THR H 147 -37.51 -33.55 -30.57
CA THR H 147 -38.44 -32.43 -30.76
C THR H 147 -37.87 -31.14 -30.15
N SER H 148 -38.01 -30.91 -28.84
CA SER H 148 -37.59 -29.65 -28.17
C SER H 148 -38.34 -28.43 -28.75
N GLY H 149 -39.55 -28.68 -29.29
CA GLY H 149 -40.26 -27.80 -30.22
C GLY H 149 -40.59 -28.55 -31.51
N GLY H 150 -39.58 -28.75 -32.35
CA GLY H 150 -39.62 -29.56 -33.57
C GLY H 150 -38.30 -29.45 -34.32
N THR H 151 -37.38 -28.69 -33.72
CA THR H 151 -36.05 -28.41 -34.24
C THR H 151 -35.00 -28.68 -33.16
N ALA H 152 -33.89 -29.27 -33.58
CA ALA H 152 -32.78 -29.63 -32.70
C ALA H 152 -31.62 -28.65 -32.89
N ALA H 153 -30.83 -28.49 -31.83
CA ALA H 153 -29.69 -27.58 -31.86
C ALA H 153 -28.39 -28.35 -31.73
N LEU H 154 -27.41 -27.98 -32.55
CA LEU H 154 -26.05 -28.51 -32.49
C LEU H 154 -25.06 -27.39 -32.82
N GLY H 155 -23.82 -27.59 -32.40
CA GLY H 155 -22.79 -26.58 -32.59
C GLY H 155 -21.42 -27.18 -32.39
N CYS H 156 -20.40 -26.32 -32.45
CA CYS H 156 -19.06 -26.71 -32.04
C CYS H 156 -18.46 -25.58 -31.20
N LEU H 157 -17.49 -25.96 -30.37
CA LEU H 157 -16.84 -25.12 -29.38
C LEU H 157 -15.39 -24.91 -29.77
N VAL H 158 -15.00 -23.65 -29.95
CA VAL H 158 -13.66 -23.27 -30.40
C VAL H 158 -12.88 -22.74 -29.19
N LYS H 159 -12.09 -23.59 -28.55
CA LYS H 159 -11.53 -23.26 -27.24
C LYS H 159 -10.02 -23.01 -27.30
N ASP H 160 -9.58 -22.03 -26.52
CA ASP H 160 -8.17 -21.85 -26.17
C ASP H 160 -7.33 -21.56 -27.40
N TYR H 161 -7.50 -20.35 -27.94
CA TYR H 161 -6.75 -19.93 -29.11
C TYR H 161 -6.33 -18.48 -28.98
N PHE H 162 -5.36 -18.07 -29.79
CA PHE H 162 -4.89 -16.69 -29.72
C PHE H 162 -4.09 -16.39 -30.97
N PRO H 163 -4.23 -15.21 -31.55
CA PRO H 163 -5.23 -14.21 -31.19
C PRO H 163 -6.47 -14.28 -32.04
N GLU H 164 -7.28 -13.24 -31.93
CA GLU H 164 -8.43 -13.11 -32.81
C GLU H 164 -7.95 -12.81 -34.23
N PRO H 165 -8.64 -13.32 -35.25
CA PRO H 165 -9.90 -14.07 -35.23
C PRO H 165 -9.84 -15.53 -35.64
N VAL H 166 -10.93 -16.24 -35.38
CA VAL H 166 -11.23 -17.48 -36.06
C VAL H 166 -12.38 -17.20 -36.99
N THR H 167 -12.57 -18.10 -37.95
CA THR H 167 -13.70 -18.01 -38.85
C THR H 167 -14.36 -19.38 -38.89
N VAL H 168 -15.70 -19.39 -38.74
CA VAL H 168 -16.47 -20.61 -38.61
C VAL H 168 -17.56 -20.61 -39.68
N SER H 169 -17.60 -21.68 -40.46
CA SER H 169 -18.67 -21.95 -41.40
C SER H 169 -19.12 -23.39 -41.20
N TRP H 170 -20.28 -23.70 -41.76
CA TRP H 170 -20.89 -25.00 -41.60
C TRP H 170 -21.09 -25.64 -42.97
N ASN H 171 -20.66 -26.91 -43.09
CA ASN H 171 -20.77 -27.67 -44.34
C ASN H 171 -20.20 -26.88 -45.51
N SER H 172 -19.00 -26.34 -45.29
CA SER H 172 -18.25 -25.66 -46.33
C SER H 172 -19.03 -24.49 -46.94
N GLY H 173 -19.78 -23.78 -46.09
CA GLY H 173 -20.56 -22.65 -46.55
C GLY H 173 -21.91 -23.03 -47.08
N ALA H 174 -22.19 -24.33 -47.20
CA ALA H 174 -23.51 -24.77 -47.65
C ALA H 174 -24.59 -24.34 -46.66
N LEU H 175 -24.50 -24.84 -45.42
CA LEU H 175 -25.47 -24.52 -44.37
C LEU H 175 -25.19 -23.14 -43.78
N THR H 176 -26.10 -22.20 -44.01
CA THR H 176 -25.93 -20.86 -43.48
C THR H 176 -27.16 -20.36 -42.78
N SER H 177 -28.31 -20.96 -43.03
CA SER H 177 -29.53 -20.52 -42.40
C SER H 177 -29.60 -21.02 -40.96
N GLY H 178 -29.90 -20.12 -40.03
CA GLY H 178 -30.05 -20.59 -38.67
C GLY H 178 -28.76 -20.79 -37.94
N VAL H 179 -27.69 -20.27 -38.44
CA VAL H 179 -26.40 -20.35 -37.79
C VAL H 179 -26.28 -19.18 -36.84
N HIS H 180 -25.54 -19.37 -35.75
CA HIS H 180 -25.17 -18.29 -34.84
C HIS H 180 -23.73 -18.52 -34.38
N THR H 181 -22.82 -17.64 -34.77
CA THR H 181 -21.46 -17.68 -34.24
C THR H 181 -21.31 -16.50 -33.30
N PHE H 182 -20.94 -16.79 -32.05
CA PHE H 182 -20.96 -15.78 -31.00
C PHE H 182 -19.64 -15.04 -30.95
N PRO H 183 -19.62 -13.85 -30.36
CA PRO H 183 -18.34 -13.20 -30.12
C PRO H 183 -17.46 -14.03 -29.19
N ALA H 184 -16.16 -13.92 -29.38
CA ALA H 184 -15.22 -14.65 -28.54
C ALA H 184 -15.09 -14.00 -27.17
N VAL H 185 -14.97 -14.82 -26.16
CA VAL H 185 -14.69 -14.36 -24.80
C VAL H 185 -13.22 -14.59 -24.49
N LEU H 186 -12.64 -13.67 -23.72
CA LEU H 186 -11.25 -13.82 -23.32
C LEU H 186 -11.18 -14.55 -21.99
N GLN H 187 -10.90 -15.86 -22.05
CA GLN H 187 -10.77 -16.66 -20.85
C GLN H 187 -9.61 -16.15 -20.01
N SER H 188 -9.65 -16.46 -18.70
CA SER H 188 -8.60 -15.99 -17.81
C SER H 188 -7.24 -16.56 -18.17
N SER H 189 -7.22 -17.70 -18.87
CA SER H 189 -5.96 -18.25 -19.36
C SER H 189 -5.25 -17.34 -20.33
N GLY H 190 -5.85 -16.24 -20.74
CA GLY H 190 -5.25 -15.39 -21.74
C GLY H 190 -5.57 -15.77 -23.16
N LEU H 191 -6.31 -16.87 -23.35
CA LEU H 191 -6.75 -17.35 -24.66
C LEU H 191 -8.24 -17.15 -24.88
N TYR H 192 -8.60 -17.01 -26.15
CA TYR H 192 -9.98 -16.78 -26.56
C TYR H 192 -10.72 -18.10 -26.68
N SER H 193 -12.03 -18.04 -26.46
CA SER H 193 -12.94 -19.15 -26.65
C SER H 193 -14.16 -18.64 -27.37
N LEU H 194 -14.78 -19.51 -28.15
CA LEU H 194 -15.88 -19.12 -29.03
C LEU H 194 -16.73 -20.33 -29.31
N SER H 195 -18.00 -20.09 -29.57
CA SER H 195 -18.90 -21.20 -29.87
C SER H 195 -19.81 -20.77 -31.00
N SER H 196 -20.02 -21.69 -31.93
CA SER H 196 -20.95 -21.51 -33.04
C SER H 196 -21.97 -22.64 -33.01
N VAL H 197 -23.25 -22.28 -33.18
CA VAL H 197 -24.37 -23.20 -33.07
C VAL H 197 -25.30 -23.00 -34.26
N VAL H 198 -26.10 -24.03 -34.55
CA VAL H 198 -27.06 -23.93 -35.65
C VAL H 198 -28.28 -24.78 -35.31
N THR H 199 -29.47 -24.23 -35.59
CA THR H 199 -30.74 -24.94 -35.41
C THR H 199 -31.12 -25.64 -36.72
N VAL H 200 -31.51 -26.90 -36.60
CA VAL H 200 -31.82 -27.73 -37.77
C VAL H 200 -33.08 -28.53 -37.51
N PRO H 201 -33.74 -28.98 -38.58
CA PRO H 201 -34.81 -29.98 -38.41
C PRO H 201 -34.23 -31.23 -37.77
N SER H 202 -34.84 -31.69 -36.66
CA SER H 202 -34.29 -32.84 -35.94
C SER H 202 -34.48 -34.16 -36.70
N SER H 203 -35.33 -34.17 -37.75
CA SER H 203 -35.46 -35.29 -38.68
C SER H 203 -34.27 -35.38 -39.63
N SER H 204 -33.35 -34.43 -39.58
CA SER H 204 -32.17 -34.44 -40.43
C SER H 204 -31.03 -35.21 -39.79
N LEU H 205 -31.12 -35.49 -38.49
CA LEU H 205 -29.93 -35.93 -37.77
C LEU H 205 -29.42 -37.26 -38.27
N GLY H 206 -30.27 -38.09 -38.86
CA GLY H 206 -29.80 -39.38 -39.31
C GLY H 206 -29.39 -39.31 -40.77
N THR H 207 -30.00 -38.37 -41.52
CA THR H 207 -29.82 -38.31 -42.96
C THR H 207 -28.70 -37.34 -43.37
N GLN H 208 -28.75 -36.11 -42.86
CA GLN H 208 -27.82 -35.05 -43.25
C GLN H 208 -26.66 -34.98 -42.26
N THR H 209 -25.43 -34.93 -42.78
CA THR H 209 -24.26 -34.80 -41.92
C THR H 209 -23.93 -33.32 -41.71
N TYR H 210 -23.45 -33.01 -40.50
CA TYR H 210 -23.17 -31.65 -40.07
C TYR H 210 -21.70 -31.51 -39.67
N ILE H 211 -20.93 -30.75 -40.44
CA ILE H 211 -19.50 -30.53 -40.17
C ILE H 211 -19.22 -29.04 -40.13
N CYS H 212 -18.54 -28.61 -39.07
CA CYS H 212 -18.18 -27.21 -38.85
C CYS H 212 -16.73 -27.00 -39.22
N ASN H 213 -16.46 -25.91 -39.95
CA ASN H 213 -15.15 -25.61 -40.51
C ASN H 213 -14.54 -24.42 -39.78
N VAL H 214 -13.51 -24.68 -38.96
CA VAL H 214 -12.86 -23.65 -38.17
C VAL H 214 -11.55 -23.27 -38.85
N ASN H 215 -11.21 -21.98 -38.82
CA ASN H 215 -10.06 -21.52 -39.57
C ASN H 215 -9.37 -20.40 -38.80
N HIS H 216 -8.13 -20.64 -38.39
CA HIS H 216 -7.34 -19.66 -37.62
C HIS H 216 -6.09 -19.22 -38.41
N LYS H 217 -6.20 -18.14 -39.19
CA LYS H 217 -5.07 -17.71 -40.03
C LYS H 217 -3.78 -17.41 -39.27
N PRO H 218 -3.78 -16.76 -38.09
CA PRO H 218 -2.49 -16.40 -37.47
C PRO H 218 -1.64 -17.59 -37.10
N SER H 219 -2.23 -18.77 -36.98
CA SER H 219 -1.49 -19.97 -36.65
C SER H 219 -1.61 -21.02 -37.75
N ASN H 220 -2.15 -20.66 -38.92
CA ASN H 220 -2.22 -21.53 -40.10
C ASN H 220 -2.94 -22.84 -39.77
N THR H 221 -4.00 -22.76 -38.97
CA THR H 221 -4.73 -23.93 -38.50
C THR H 221 -6.03 -24.11 -39.26
N LYS H 222 -6.37 -25.35 -39.56
CA LYS H 222 -7.71 -25.68 -40.02
C LYS H 222 -8.20 -26.91 -39.28
N VAL H 223 -9.49 -26.88 -38.91
CA VAL H 223 -10.16 -28.02 -38.30
C VAL H 223 -11.52 -28.15 -38.94
N ASP H 224 -11.90 -29.38 -39.29
CA ASP H 224 -13.26 -29.76 -39.68
C ASP H 224 -13.69 -30.85 -38.72
N LYS H 225 -14.77 -30.61 -37.99
CA LYS H 225 -15.25 -31.54 -36.97
C LYS H 225 -16.65 -31.98 -37.35
N ARG H 226 -16.83 -33.29 -37.46
CA ARG H 226 -18.17 -33.81 -37.66
C ARG H 226 -18.84 -33.82 -36.29
N VAL H 227 -20.10 -33.43 -36.27
CA VAL H 227 -20.89 -33.35 -35.04
C VAL H 227 -22.05 -34.33 -35.20
N GLU H 228 -22.06 -35.38 -34.40
CA GLU H 228 -23.16 -36.32 -34.54
C GLU H 228 -23.71 -36.68 -33.17
N PRO H 229 -24.96 -37.15 -33.12
CA PRO H 229 -25.52 -37.62 -31.86
C PRO H 229 -24.65 -38.69 -31.22
N LYS H 230 -24.64 -38.69 -29.88
CA LYS H 230 -23.87 -39.65 -29.10
C LYS H 230 -24.62 -40.99 -28.99
N SER H 231 -23.88 -42.04 -28.61
CA SER H 231 -24.43 -43.40 -28.37
C SER H 231 -25.26 -43.92 -29.57
N ASP I 1 50.56 -13.60 -27.53
CA ASP I 1 49.69 -12.42 -27.36
C ASP I 1 48.27 -12.59 -27.85
N ILE I 2 47.33 -12.31 -26.97
CA ILE I 2 45.90 -12.34 -27.29
C ILE I 2 45.56 -11.09 -28.06
N GLN I 3 44.84 -11.25 -29.18
CA GLN I 3 44.37 -10.12 -29.96
C GLN I 3 42.85 -10.24 -30.11
N MET I 4 42.15 -9.12 -29.90
CA MET I 4 40.70 -9.08 -29.91
C MET I 4 40.21 -8.44 -31.18
N THR I 5 39.21 -9.06 -31.80
CA THR I 5 38.56 -8.52 -32.98
C THR I 5 37.11 -8.29 -32.61
N GLN I 6 36.65 -7.07 -32.79
CA GLN I 6 35.30 -6.65 -32.42
C GLN I 6 34.50 -6.38 -33.68
N SER I 7 33.28 -6.93 -33.75
CA SER I 7 32.45 -6.57 -34.91
C SER I 7 31.06 -6.22 -34.41
N PRO I 8 30.35 -5.34 -35.13
CA PRO I 8 30.89 -4.65 -36.29
C PRO I 8 31.73 -3.46 -35.95
N SER I 9 32.26 -2.81 -36.98
CA SER I 9 32.97 -1.56 -36.76
C SER I 9 32.00 -0.43 -36.39
N THR I 10 31.03 -0.15 -37.26
CA THR I 10 29.97 0.82 -36.98
C THR I 10 28.59 0.16 -37.06
N LEU I 11 27.59 0.98 -36.76
CA LEU I 11 26.28 0.45 -36.41
C LEU I 11 25.24 1.53 -36.41
N SER I 12 24.22 1.43 -37.23
CA SER I 12 23.10 2.36 -37.18
C SER I 12 21.91 1.61 -36.62
N ALA I 13 21.18 2.24 -35.72
CA ALA I 13 19.97 1.58 -35.27
C ALA I 13 19.07 2.62 -34.63
N SER I 14 17.78 2.33 -34.62
CA SER I 14 16.82 3.30 -34.17
C SER I 14 16.52 3.10 -32.70
N VAL I 15 15.87 4.09 -32.09
CA VAL I 15 15.56 3.97 -30.67
C VAL I 15 14.59 2.83 -30.43
N GLY I 16 14.67 2.22 -29.26
CA GLY I 16 13.83 1.06 -28.97
C GLY I 16 14.31 -0.26 -29.54
N ASP I 17 15.18 -0.22 -30.58
CA ASP I 17 15.80 -1.41 -31.19
C ASP I 17 16.66 -2.17 -30.17
N SER I 18 17.05 -3.38 -30.56
CA SER I 18 18.00 -4.16 -29.80
C SER I 18 19.27 -4.35 -30.63
N VAL I 19 20.43 -4.19 -30.00
CA VAL I 19 21.69 -4.27 -30.72
C VAL I 19 22.63 -5.11 -29.88
N THR I 20 23.47 -5.87 -30.56
CA THR I 20 24.44 -6.74 -29.91
C THR I 20 25.76 -6.56 -30.62
N ILE I 21 26.82 -6.36 -29.84
CA ILE I 21 28.16 -6.20 -30.37
C ILE I 21 28.94 -7.45 -30.00
N THR I 22 29.86 -7.84 -30.87
CA THR I 22 30.61 -9.08 -30.72
C THR I 22 32.10 -8.84 -30.55
N CYS I 23 32.67 -9.60 -29.62
CA CYS I 23 34.10 -9.60 -29.35
C CYS I 23 34.62 -11.03 -29.48
N ARG I 24 35.56 -11.27 -30.40
CA ARG I 24 36.19 -12.58 -30.57
C ARG I 24 37.64 -12.54 -30.09
N ALA I 25 38.02 -13.48 -29.22
CA ALA I 25 39.36 -13.52 -28.63
C ALA I 25 40.18 -14.60 -29.32
N SER I 26 41.42 -14.27 -29.71
CA SER I 26 42.21 -15.23 -30.48
C SER I 26 42.56 -16.49 -29.69
N GLN I 27 42.58 -16.41 -28.35
CA GLN I 27 42.80 -17.54 -27.47
C GLN I 27 41.78 -17.52 -26.34
N SER I 28 41.63 -18.63 -25.64
CA SER I 28 40.65 -18.69 -24.55
C SER I 28 41.02 -17.66 -23.50
N ILE I 29 40.02 -16.95 -22.98
CA ILE I 29 40.35 -15.96 -21.97
C ILE I 29 39.37 -16.14 -20.82
N SER I 30 38.87 -17.38 -20.66
CA SER I 30 37.96 -17.78 -19.56
C SER I 30 36.80 -16.77 -19.57
N SER I 31 36.47 -16.13 -18.45
CA SER I 31 35.50 -15.04 -18.50
C SER I 31 36.14 -13.69 -18.21
N TRP I 32 37.45 -13.55 -18.41
CA TRP I 32 38.16 -12.31 -18.12
C TRP I 32 37.99 -11.33 -19.29
N LEU I 33 36.77 -10.87 -19.46
CA LEU I 33 36.51 -9.84 -20.46
C LEU I 33 35.64 -8.75 -19.84
N ALA I 34 35.97 -7.49 -20.13
CA ALA I 34 35.19 -6.34 -19.69
C ALA I 34 34.77 -5.51 -20.89
N TRP I 35 33.65 -4.82 -20.75
CA TRP I 35 33.10 -3.99 -21.81
C TRP I 35 33.08 -2.54 -21.34
N TYR I 36 33.54 -1.61 -22.18
CA TYR I 36 33.61 -0.19 -21.84
C TYR I 36 32.81 0.63 -22.84
N GLN I 37 32.17 1.68 -22.33
CA GLN I 37 31.43 2.63 -23.15
C GLN I 37 32.10 3.99 -23.10
N GLN I 38 32.14 4.69 -24.23
CA GLN I 38 32.81 5.99 -24.27
C GLN I 38 31.96 6.94 -25.09
N LYS I 39 31.20 7.82 -24.35
CA LYS I 39 30.35 8.84 -24.95
C LYS I 39 31.30 9.93 -25.43
N PRO I 40 30.96 10.71 -26.47
CA PRO I 40 31.96 11.60 -27.10
C PRO I 40 32.63 12.54 -26.11
N GLY I 41 33.96 12.62 -26.21
CA GLY I 41 34.67 13.56 -25.37
C GLY I 41 34.74 13.21 -23.91
N LYS I 42 34.53 11.96 -23.52
CA LYS I 42 34.62 11.59 -22.11
C LYS I 42 35.56 10.39 -21.92
N ALA I 43 35.80 10.07 -20.67
CA ALA I 43 36.58 8.89 -20.39
C ALA I 43 35.71 7.67 -20.60
N PRO I 44 36.33 6.52 -20.89
CA PRO I 44 35.59 5.26 -20.83
C PRO I 44 34.91 5.00 -19.49
N LYS I 45 33.78 4.30 -19.57
CA LYS I 45 32.98 3.92 -18.42
C LYS I 45 32.89 2.42 -18.48
N LEU I 46 33.18 1.76 -17.37
CA LEU I 46 33.05 0.30 -17.29
C LEU I 46 31.57 -0.04 -17.34
N LEU I 47 31.17 -0.96 -18.23
CA LEU I 47 29.80 -1.45 -18.29
C LEU I 47 29.66 -2.85 -17.72
N ILE I 48 30.47 -3.79 -18.21
CA ILE I 48 30.42 -5.20 -17.87
C ILE I 48 31.82 -5.66 -17.46
N TYR I 49 31.91 -6.52 -16.45
CA TYR I 49 33.17 -7.19 -16.11
C TYR I 49 32.94 -8.68 -15.82
N LYS I 50 34.01 -9.48 -15.86
CA LYS I 50 33.91 -10.95 -15.79
C LYS I 50 32.87 -11.44 -16.77
N ALA I 51 32.92 -10.84 -17.96
CA ALA I 51 32.18 -11.21 -19.15
C ALA I 51 30.73 -10.78 -19.14
N SER I 52 30.10 -10.85 -17.96
CA SER I 52 28.65 -10.78 -17.79
C SER I 52 28.14 -9.99 -16.57
N SER I 53 28.98 -9.63 -15.60
CA SER I 53 28.55 -8.86 -14.44
C SER I 53 28.40 -7.37 -14.78
N LEU I 54 27.27 -6.80 -14.38
CA LEU I 54 26.95 -5.40 -14.67
C LEU I 54 27.43 -4.49 -13.53
N GLU I 55 28.20 -3.45 -13.88
CA GLU I 55 28.71 -2.53 -12.87
C GLU I 55 27.58 -1.68 -12.31
N SER I 56 27.70 -1.32 -11.03
CA SER I 56 26.62 -0.61 -10.35
C SER I 56 26.30 0.73 -11.01
N GLY I 57 25.00 1.00 -11.13
CA GLY I 57 24.56 2.24 -11.73
C GLY I 57 24.52 2.24 -13.23
N VAL I 58 24.87 1.13 -13.87
CA VAL I 58 24.76 0.95 -15.31
C VAL I 58 23.33 0.52 -15.59
N PRO I 59 22.67 1.08 -16.61
CA PRO I 59 21.30 0.66 -16.92
C PRO I 59 21.12 -0.84 -17.05
N SER I 60 19.91 -1.31 -16.74
CA SER I 60 19.57 -2.73 -16.77
C SER I 60 19.43 -3.26 -18.19
N ARG I 61 19.35 -2.38 -19.20
CA ARG I 61 19.30 -2.85 -20.58
C ARG I 61 20.66 -3.37 -21.07
N PHE I 62 21.75 -2.96 -20.44
CA PHE I 62 23.07 -3.48 -20.78
C PHE I 62 23.30 -4.87 -20.20
N SER I 63 23.70 -5.80 -21.04
CA SER I 63 23.95 -7.15 -20.61
C SER I 63 25.08 -7.72 -21.44
N GLY I 64 25.92 -8.52 -20.82
CA GLY I 64 26.99 -9.17 -21.53
C GLY I 64 26.98 -10.66 -21.27
N SER I 65 27.37 -11.43 -22.28
CA SER I 65 27.49 -12.85 -22.06
C SER I 65 28.57 -13.43 -22.96
N GLY I 66 29.02 -14.62 -22.60
CA GLY I 66 30.12 -15.22 -23.30
C GLY I 66 31.14 -15.82 -22.37
N SER I 67 31.95 -16.72 -22.90
CA SER I 67 33.03 -17.35 -22.17
C SER I 67 33.96 -17.97 -23.21
N GLY I 68 35.21 -18.13 -22.82
CA GLY I 68 36.20 -18.75 -23.68
C GLY I 68 36.77 -17.79 -24.71
N THR I 69 36.15 -17.72 -25.89
CA THR I 69 36.67 -16.92 -26.98
C THR I 69 35.63 -16.12 -27.73
N GLU I 70 34.35 -16.26 -27.41
CA GLU I 70 33.31 -15.47 -28.07
C GLU I 70 32.43 -14.82 -27.03
N PHE I 71 32.29 -13.51 -27.13
CA PHE I 71 31.55 -12.72 -26.17
C PHE I 71 30.62 -11.74 -26.89
N THR I 72 29.58 -11.29 -26.18
CA THR I 72 28.68 -10.28 -26.71
C THR I 72 28.28 -9.29 -25.63
N LEU I 73 28.10 -8.05 -26.07
CA LEU I 73 27.43 -6.99 -25.33
C LEU I 73 26.12 -6.72 -26.03
N THR I 74 25.05 -6.54 -25.26
CA THR I 74 23.72 -6.36 -25.84
C THR I 74 23.00 -5.24 -25.14
N ILE I 75 22.63 -4.23 -25.91
CA ILE I 75 21.75 -3.18 -25.43
C ILE I 75 20.35 -3.63 -25.79
N SER I 76 19.54 -3.91 -24.77
CA SER I 76 18.23 -4.50 -25.01
C SER I 76 17.37 -3.54 -25.80
N SER I 77 17.16 -2.34 -25.28
CA SER I 77 16.34 -1.29 -25.90
C SER I 77 17.13 -0.01 -26.06
N LEU I 78 17.61 0.24 -27.27
CA LEU I 78 18.45 1.40 -27.55
C LEU I 78 17.84 2.70 -27.03
N GLN I 79 18.71 3.55 -26.46
CA GLN I 79 18.39 4.91 -26.04
C GLN I 79 19.26 5.91 -26.78
N PRO I 80 18.82 7.16 -26.87
CA PRO I 80 19.65 8.17 -27.57
C PRO I 80 20.90 8.53 -26.80
N ASP I 81 20.88 8.40 -25.46
CA ASP I 81 22.08 8.55 -24.63
C ASP I 81 23.10 7.44 -24.91
N ASP I 82 22.69 6.36 -25.55
CA ASP I 82 23.56 5.20 -25.71
C ASP I 82 24.44 5.35 -26.94
N PHE I 83 24.38 6.52 -27.57
CA PHE I 83 25.30 6.83 -28.65
C PHE I 83 26.68 6.97 -28.04
N ALA I 84 27.61 6.12 -28.48
CA ALA I 84 28.95 6.09 -27.94
C ALA I 84 29.82 5.16 -28.79
N THR I 85 31.06 4.99 -28.34
CA THR I 85 31.92 3.93 -28.84
C THR I 85 32.06 2.86 -27.75
N TYR I 86 32.01 1.60 -28.14
CA TYR I 86 32.03 0.51 -27.18
C TYR I 86 33.30 -0.29 -27.40
N TYR I 87 34.07 -0.48 -26.35
CA TYR I 87 35.31 -1.24 -26.44
C TYR I 87 35.24 -2.42 -25.49
N CYS I 88 35.76 -3.57 -25.93
CA CYS I 88 35.95 -4.74 -25.08
C CYS I 88 37.43 -4.91 -24.76
N GLN I 89 37.72 -5.43 -23.56
CA GLN I 89 39.11 -5.61 -23.17
C GLN I 89 39.28 -6.92 -22.40
N GLN I 90 40.29 -7.70 -22.76
CA GLN I 90 40.63 -8.90 -22.02
C GLN I 90 41.60 -8.54 -20.90
N TYR I 91 41.39 -9.11 -19.74
CA TYR I 91 42.26 -8.86 -18.61
C TYR I 91 42.72 -10.18 -18.00
N ASN I 92 43.04 -11.11 -18.89
CA ASN I 92 43.62 -12.41 -18.53
C ASN I 92 45.13 -12.22 -18.49
N ASN I 93 45.74 -12.61 -17.37
CA ASN I 93 47.19 -12.53 -17.24
C ASN I 93 47.53 -11.07 -17.03
N TYR I 94 48.58 -10.60 -17.69
CA TYR I 94 48.96 -9.20 -17.53
C TYR I 94 49.37 -8.57 -18.85
N ARG I 95 48.80 -9.06 -19.95
CA ARG I 95 48.92 -8.48 -21.28
C ARG I 95 47.54 -7.98 -21.63
N TYR I 96 47.34 -6.65 -21.67
CA TYR I 96 46.01 -6.05 -21.81
C TYR I 96 45.82 -5.46 -23.18
N THR I 97 44.76 -5.88 -23.86
CA THR I 97 44.54 -5.50 -25.24
C THR I 97 43.07 -5.20 -25.42
N PHE I 98 42.77 -4.17 -26.18
CA PHE I 98 41.40 -3.74 -26.41
C PHE I 98 40.94 -4.17 -27.80
N GLY I 99 39.66 -4.01 -28.06
CA GLY I 99 39.14 -4.16 -29.40
C GLY I 99 39.23 -2.86 -30.17
N GLN I 100 38.99 -2.93 -31.47
CA GLN I 100 39.16 -1.73 -32.29
C GLN I 100 38.09 -0.72 -31.99
N GLY I 101 36.99 -1.19 -31.41
CA GLY I 101 35.89 -0.33 -31.02
C GLY I 101 34.72 -0.42 -31.98
N THR I 102 33.51 -0.43 -31.42
CA THR I 102 32.27 -0.41 -32.20
C THR I 102 31.64 0.94 -31.97
N LYS I 103 31.44 1.70 -33.03
CA LYS I 103 30.81 2.99 -32.88
C LYS I 103 29.33 2.84 -33.17
N LEU I 104 28.51 3.25 -32.22
CA LEU I 104 27.07 3.10 -32.30
C LEU I 104 26.44 4.42 -32.63
N GLU I 105 25.87 4.53 -33.82
CA GLU I 105 25.14 5.71 -34.24
C GLU I 105 23.65 5.47 -34.10
N ILE I 106 22.90 6.53 -33.81
CA ILE I 106 21.45 6.45 -33.71
C ILE I 106 20.82 6.88 -35.03
N LYS I 107 19.96 6.02 -35.60
CA LYS I 107 19.11 6.40 -36.73
C LYS I 107 17.88 7.14 -36.22
N ARG I 108 17.52 8.21 -36.91
CA ARG I 108 16.51 9.13 -36.41
C ARG I 108 15.56 9.51 -37.55
N THR I 109 14.50 10.23 -37.20
CA THR I 109 13.58 10.78 -38.20
C THR I 109 14.20 12.03 -38.82
N VAL I 110 13.91 12.27 -40.10
CA VAL I 110 14.49 13.43 -40.77
C VAL I 110 14.08 14.70 -40.02
N ALA I 111 15.02 15.65 -39.91
CA ALA I 111 14.79 16.88 -39.16
C ALA I 111 15.45 18.04 -39.89
N ALA I 112 14.88 19.24 -39.72
CA ALA I 112 15.38 20.35 -40.51
C ALA I 112 16.10 21.37 -39.63
N PRO I 113 17.10 22.07 -40.17
CA PRO I 113 17.94 22.94 -39.33
C PRO I 113 17.32 24.30 -39.04
N SER I 114 17.28 24.67 -37.77
CA SER I 114 17.21 26.08 -37.38
C SER I 114 18.49 26.76 -37.82
N VAL I 115 18.39 27.86 -38.56
CA VAL I 115 19.55 28.53 -39.18
C VAL I 115 19.74 29.90 -38.55
N PHE I 116 21.01 30.26 -38.29
CA PHE I 116 21.40 31.55 -37.73
C PHE I 116 22.69 32.03 -38.39
N ILE I 117 22.85 33.35 -38.47
CA ILE I 117 24.08 33.94 -38.96
C ILE I 117 24.52 35.05 -38.02
N PHE I 118 25.83 35.14 -37.80
CA PHE I 118 26.42 36.04 -36.82
C PHE I 118 27.42 36.95 -37.51
N PRO I 119 27.23 38.27 -37.44
CA PRO I 119 28.16 39.18 -38.10
C PRO I 119 29.51 39.19 -37.38
N PRO I 120 30.59 39.50 -38.09
CA PRO I 120 31.90 39.59 -37.42
C PRO I 120 31.92 40.77 -36.45
N SER I 121 32.30 40.47 -35.21
CA SER I 121 32.18 41.39 -34.08
C SER I 121 33.08 42.62 -34.21
N ASP I 122 32.78 43.64 -33.40
CA ASP I 122 33.55 44.88 -33.43
C ASP I 122 35.01 44.63 -33.08
N GLU I 123 35.22 43.96 -31.95
CA GLU I 123 36.56 43.75 -31.42
C GLU I 123 37.44 42.94 -32.35
N GLN I 124 36.85 42.04 -33.15
CA GLN I 124 37.62 41.23 -34.09
C GLN I 124 38.02 42.04 -35.32
N LEU I 125 37.15 42.94 -35.79
CA LEU I 125 37.48 43.74 -36.96
C LEU I 125 38.67 44.65 -36.70
N LYS I 126 38.89 45.05 -35.44
CA LYS I 126 40.06 45.87 -35.08
C LYS I 126 41.37 45.15 -35.42
N SER I 127 41.39 43.80 -35.36
CA SER I 127 42.61 43.00 -35.54
C SER I 127 42.99 42.80 -37.01
N GLY I 128 42.13 43.17 -37.96
CA GLY I 128 42.44 43.01 -39.37
C GLY I 128 41.89 41.76 -40.03
N THR I 129 41.13 40.94 -39.30
CA THR I 129 40.52 39.74 -39.86
C THR I 129 39.03 39.77 -39.56
N ALA I 130 38.22 39.44 -40.56
CA ALA I 130 36.78 39.38 -40.42
C ALA I 130 36.30 37.98 -40.70
N SER I 131 35.44 37.45 -39.81
CA SER I 131 34.88 36.11 -39.94
C SER I 131 33.37 36.14 -39.77
N VAL I 132 32.67 35.53 -40.72
CA VAL I 132 31.20 35.47 -40.72
C VAL I 132 30.80 34.05 -40.37
N VAL I 133 29.92 33.90 -39.38
CA VAL I 133 29.53 32.59 -38.86
C VAL I 133 28.10 32.29 -39.31
N CYS I 134 27.91 31.10 -39.88
CA CYS I 134 26.62 30.58 -40.31
C CYS I 134 26.40 29.27 -39.57
N LEU I 135 25.28 29.18 -38.84
CA LEU I 135 25.01 28.07 -37.93
C LEU I 135 23.79 27.30 -38.41
N LEU I 136 23.90 25.97 -38.45
CA LEU I 136 22.79 25.06 -38.73
C LEU I 136 22.56 24.24 -37.46
N ASN I 137 21.46 24.48 -36.75
CA ASN I 137 21.26 23.90 -35.42
C ASN I 137 20.16 22.84 -35.43
N ASN I 138 20.52 21.63 -34.97
CA ASN I 138 19.60 20.52 -34.69
C ASN I 138 18.90 20.03 -35.94
N PHE I 139 19.57 19.18 -36.72
CA PHE I 139 18.98 18.62 -37.92
C PHE I 139 19.40 17.16 -38.03
N TYR I 140 18.85 16.47 -39.04
CA TYR I 140 19.16 15.07 -39.32
C TYR I 140 18.67 14.82 -40.74
N PRO I 141 19.40 14.07 -41.57
CA PRO I 141 20.70 13.45 -41.35
C PRO I 141 21.83 14.46 -41.32
N ARG I 142 23.06 13.94 -41.24
CA ARG I 142 24.23 14.79 -41.05
C ARG I 142 24.55 15.60 -42.30
N GLU I 143 24.20 15.06 -43.47
CA GLU I 143 24.51 15.67 -44.76
C GLU I 143 23.84 17.03 -44.95
N ALA I 144 24.63 18.00 -45.38
CA ALA I 144 24.16 19.36 -45.59
C ALA I 144 25.22 20.12 -46.36
N LYS I 145 24.76 21.06 -47.20
CA LYS I 145 25.64 21.87 -48.03
C LYS I 145 25.45 23.34 -47.65
N VAL I 146 26.53 23.99 -47.22
CA VAL I 146 26.53 25.42 -46.92
C VAL I 146 27.32 26.11 -48.02
N GLN I 147 26.70 27.09 -48.67
CA GLN I 147 27.28 27.86 -49.75
C GLN I 147 27.30 29.33 -49.34
N TRP I 148 28.46 29.95 -49.40
CA TRP I 148 28.54 31.38 -49.12
C TRP I 148 28.36 32.15 -50.42
N LYS I 149 27.67 33.29 -50.32
CA LYS I 149 27.57 34.27 -51.41
C LYS I 149 27.76 35.66 -50.82
N VAL I 150 28.72 36.40 -51.35
CA VAL I 150 28.99 37.78 -50.96
C VAL I 150 28.61 38.62 -52.16
N ASP I 151 27.44 39.26 -52.09
CA ASP I 151 26.83 39.93 -53.24
C ASP I 151 26.73 38.98 -54.43
N ASN I 152 26.19 37.80 -54.19
CA ASN I 152 26.03 36.74 -55.19
C ASN I 152 27.35 36.31 -55.84
N ALA I 153 28.49 36.73 -55.29
CA ALA I 153 29.75 36.13 -55.70
C ALA I 153 29.90 34.82 -54.93
N LEU I 154 29.79 33.70 -55.63
CA LEU I 154 29.85 32.39 -54.99
C LEU I 154 31.27 32.14 -54.49
N GLN I 155 31.40 31.93 -53.19
CA GLN I 155 32.71 31.83 -52.56
C GLN I 155 33.27 30.42 -52.67
N SER I 156 34.58 30.33 -52.85
CA SER I 156 35.24 29.04 -52.95
C SER I 156 36.61 29.16 -52.32
N GLY I 157 36.87 28.35 -51.29
CA GLY I 157 38.17 28.34 -50.67
C GLY I 157 38.33 29.31 -49.53
N ASN I 158 37.29 30.09 -49.19
CA ASN I 158 37.38 31.01 -48.07
C ASN I 158 36.60 30.56 -46.85
N SER I 159 36.23 29.28 -46.78
CA SER I 159 35.47 28.78 -45.63
C SER I 159 35.84 27.33 -45.34
N GLN I 160 35.69 26.97 -44.06
CA GLN I 160 35.76 25.60 -43.57
C GLN I 160 34.53 25.36 -42.71
N GLU I 161 34.20 24.09 -42.49
CA GLU I 161 33.03 23.74 -41.69
C GLU I 161 33.39 22.67 -40.67
N SER I 162 32.48 22.47 -39.71
CA SER I 162 32.72 21.58 -38.58
C SER I 162 31.38 21.04 -38.08
N VAL I 163 31.24 19.71 -38.11
CA VAL I 163 30.01 19.02 -37.71
CA VAL I 163 30.00 19.04 -37.70
C VAL I 163 30.13 18.60 -36.24
N THR I 164 29.04 18.69 -35.48
CA THR I 164 29.14 18.19 -34.12
C THR I 164 28.87 16.67 -34.10
N GLU I 165 28.91 16.12 -32.91
CA GLU I 165 28.50 14.73 -32.71
C GLU I 165 27.01 14.67 -32.44
N GLN I 166 26.42 13.52 -32.73
CA GLN I 166 25.00 13.30 -32.46
C GLN I 166 24.69 13.68 -31.02
N ASP I 167 23.55 14.31 -30.80
CA ASP I 167 23.26 14.80 -29.47
C ASP I 167 22.84 13.66 -28.54
N SER I 168 23.25 13.77 -27.28
CA SER I 168 22.94 12.74 -26.30
C SER I 168 21.44 12.61 -26.09
N LYS I 169 20.71 13.72 -26.27
CA LYS I 169 19.30 13.83 -25.93
C LYS I 169 18.34 13.71 -27.12
N ASP I 170 18.66 14.28 -28.31
CA ASP I 170 17.77 14.14 -29.46
C ASP I 170 18.42 13.49 -30.69
N SER I 171 19.69 13.09 -30.61
CA SER I 171 20.36 12.33 -31.66
C SER I 171 20.47 13.13 -32.98
N THR I 172 20.48 14.46 -32.89
CA THR I 172 20.64 15.36 -34.02
C THR I 172 22.06 15.93 -34.08
N TYR I 173 22.44 16.38 -35.28
CA TYR I 173 23.71 17.06 -35.53
C TYR I 173 23.54 18.58 -35.47
N SER I 174 24.68 19.29 -35.44
CA SER I 174 24.76 20.73 -35.67
C SER I 174 26.05 21.02 -36.45
N LEU I 175 26.05 22.13 -37.19
CA LEU I 175 27.12 22.42 -38.16
C LEU I 175 27.46 23.90 -38.12
N SER I 176 28.75 24.19 -38.29
CA SER I 176 29.24 25.56 -38.33
C SER I 176 30.07 25.72 -39.59
N SER I 177 29.67 26.64 -40.45
CA SER I 177 30.51 27.09 -41.55
C SER I 177 30.93 28.52 -41.26
N THR I 178 32.23 28.78 -41.33
CA THR I 178 32.79 30.09 -41.04
C THR I 178 33.61 30.54 -42.24
N LEU I 179 33.34 31.76 -42.72
CA LEU I 179 34.05 32.37 -43.85
C LEU I 179 34.95 33.48 -43.31
N THR I 180 36.25 33.37 -43.57
CA THR I 180 37.24 34.36 -43.16
C THR I 180 37.88 35.03 -44.38
N LEU I 181 37.92 36.37 -44.36
CA LEU I 181 38.76 37.16 -45.25
C LEU I 181 39.37 38.31 -44.44
N SER I 182 40.29 39.05 -45.07
CA SER I 182 40.87 40.24 -44.48
C SER I 182 39.81 41.33 -44.22
N LYS I 183 40.11 42.21 -43.26
CA LYS I 183 39.25 43.37 -43.03
C LYS I 183 39.17 44.23 -44.28
N ALA I 184 40.25 44.27 -45.06
CA ALA I 184 40.27 44.99 -46.34
C ALA I 184 39.14 44.49 -47.25
N ASP I 185 39.14 43.19 -47.53
CA ASP I 185 38.13 42.61 -48.44
C ASP I 185 36.71 42.67 -47.86
N TYR I 186 36.58 42.67 -46.51
CA TYR I 186 35.25 42.55 -45.88
C TYR I 186 34.37 43.77 -46.13
N GLU I 187 34.94 44.98 -46.04
CA GLU I 187 34.16 46.20 -46.17
C GLU I 187 33.88 46.58 -47.61
N LYS I 188 34.53 45.92 -48.55
CA LYS I 188 34.30 46.09 -49.96
C LYS I 188 32.94 45.54 -50.43
N HIS I 189 32.02 45.12 -49.55
CA HIS I 189 30.79 44.52 -50.01
C HIS I 189 29.65 44.81 -49.03
N LYS I 190 28.43 44.50 -49.47
CA LYS I 190 27.21 44.83 -48.74
C LYS I 190 26.43 43.59 -48.28
N VAL I 191 26.08 42.68 -49.20
CA VAL I 191 25.15 41.59 -48.94
C VAL I 191 25.94 40.32 -48.64
N TYR I 192 25.87 39.85 -47.39
CA TYR I 192 26.42 38.56 -46.99
C TYR I 192 25.26 37.60 -46.77
N ALA I 193 25.34 36.43 -47.41
CA ALA I 193 24.24 35.47 -47.36
C ALA I 193 24.78 34.06 -47.49
N CYS I 194 24.63 33.26 -46.43
CA CYS I 194 24.96 31.84 -46.50
CA CYS I 194 24.96 31.84 -46.50
C CYS I 194 23.69 31.06 -46.88
N GLU I 195 23.84 30.16 -47.82
CA GLU I 195 22.74 29.41 -48.39
C GLU I 195 22.76 27.97 -47.88
N VAL I 196 21.74 27.59 -47.11
CA VAL I 196 21.71 26.29 -46.45
C VAL I 196 20.77 25.39 -47.25
N THR I 197 21.31 24.35 -47.86
CA THR I 197 20.50 23.36 -48.59
C THR I 197 20.51 22.05 -47.81
N HIS I 198 19.32 21.55 -47.46
CA HIS I 198 19.22 20.32 -46.67
C HIS I 198 17.97 19.54 -47.03
N GLN I 199 18.07 18.21 -46.89
CA GLN I 199 16.94 17.31 -47.16
C GLN I 199 15.69 17.67 -46.35
N GLY I 200 15.86 18.13 -45.11
CA GLY I 200 14.70 18.43 -44.30
C GLY I 200 13.96 19.70 -44.64
N LEU I 201 14.39 20.36 -45.72
CA LEU I 201 13.85 21.63 -46.19
C LEU I 201 13.14 21.48 -47.52
N SER I 202 12.03 22.22 -47.67
CA SER I 202 11.29 22.23 -48.94
C SER I 202 12.19 22.71 -50.07
N SER I 203 12.75 23.91 -49.92
CA SER I 203 13.70 24.53 -50.84
C SER I 203 14.72 25.29 -50.00
N PRO I 204 15.97 25.41 -50.47
CA PRO I 204 17.06 25.97 -49.64
C PRO I 204 16.78 27.29 -48.92
N VAL I 205 16.83 27.27 -47.58
CA VAL I 205 16.65 28.47 -46.76
C VAL I 205 17.97 29.21 -46.65
N THR I 206 17.95 30.49 -46.97
CA THR I 206 19.13 31.35 -46.91
C THR I 206 18.89 32.41 -45.84
N LYS I 207 19.88 32.61 -44.97
CA LYS I 207 19.84 33.69 -44.00
C LYS I 207 21.02 34.61 -44.26
N SER I 208 20.78 35.92 -44.09
CA SER I 208 21.74 36.93 -44.50
C SER I 208 21.67 38.14 -43.58
N PHE I 209 22.72 38.96 -43.67
CA PHE I 209 22.74 40.32 -43.13
C PHE I 209 23.40 41.23 -44.15
N ASN I 210 23.33 42.54 -43.91
CA ASN I 210 24.08 43.54 -44.68
C ASN I 210 24.98 44.32 -43.71
N ARG I 211 26.17 44.68 -44.20
CA ARG I 211 27.28 45.09 -43.34
C ARG I 211 26.96 46.30 -42.46
N GLY I 212 27.20 46.15 -41.16
CA GLY I 212 27.09 47.23 -40.20
C GLY I 212 25.71 47.65 -39.75
N GLU I 213 24.82 46.69 -39.45
CA GLU I 213 23.42 46.98 -39.11
C GLU I 213 22.71 47.48 -40.36
N CYS I 214 22.72 46.68 -41.42
CA CYS I 214 22.07 47.03 -42.68
C CYS I 214 21.26 45.83 -43.17
N GLN J 1 -33.34 -8.79 2.96
CA GLN J 1 -33.96 -8.30 4.18
C GLN J 1 -35.37 -8.90 4.43
N VAL J 2 -35.66 -9.23 5.70
CA VAL J 2 -36.97 -9.69 6.15
C VAL J 2 -37.59 -8.51 6.87
N GLN J 3 -38.85 -8.18 6.56
CA GLN J 3 -39.48 -7.02 7.16
C GLN J 3 -40.87 -7.35 7.63
N LEU J 4 -41.38 -6.58 8.61
CA LEU J 4 -42.60 -6.93 9.32
C LEU J 4 -43.44 -5.67 9.56
N GLN J 5 -44.67 -5.64 9.06
CA GLN J 5 -45.55 -4.47 9.19
C GLN J 5 -46.74 -4.81 10.06
N GLU J 6 -47.06 -3.93 10.98
CA GLU J 6 -48.19 -4.15 11.87
C GLU J 6 -49.37 -3.32 11.41
N SER J 7 -50.56 -3.89 11.57
CA SER J 7 -51.82 -3.21 11.25
C SER J 7 -52.82 -3.49 12.37
N GLY J 8 -53.50 -2.45 12.84
CA GLY J 8 -54.41 -2.63 13.96
C GLY J 8 -55.43 -1.53 14.21
N PRO J 9 -56.46 -1.86 15.00
CA PRO J 9 -57.53 -0.90 15.28
C PRO J 9 -57.00 0.27 16.09
N GLY J 10 -57.75 1.37 16.03
CA GLY J 10 -57.35 2.56 16.75
C GLY J 10 -57.77 2.48 18.21
N LEU J 11 -59.00 2.00 18.43
CA LEU J 11 -59.56 1.90 19.76
C LEU J 11 -60.18 0.54 19.98
N VAL J 12 -60.31 0.18 21.26
CA VAL J 12 -61.16 -0.91 21.71
C VAL J 12 -61.87 -0.40 22.95
N LYS J 13 -62.99 -1.03 23.32
CA LYS J 13 -63.66 -0.61 24.52
C LYS J 13 -63.62 -1.77 25.51
N PRO J 14 -63.67 -1.53 26.81
CA PRO J 14 -63.47 -2.62 27.78
C PRO J 14 -64.31 -3.87 27.51
N SER J 15 -63.73 -5.03 27.83
CA SER J 15 -64.29 -6.38 27.67
C SER J 15 -64.60 -6.73 26.21
N GLU J 16 -64.22 -5.87 25.26
CA GLU J 16 -64.32 -6.19 23.84
C GLU J 16 -63.16 -7.11 23.46
N THR J 17 -62.92 -7.30 22.17
CA THR J 17 -61.77 -8.05 21.71
C THR J 17 -60.98 -7.20 20.72
N LEU J 18 -59.67 -7.15 20.90
CA LEU J 18 -58.78 -6.42 20.03
C LEU J 18 -58.04 -7.42 19.16
N SER J 19 -57.77 -7.03 17.92
CA SER J 19 -57.11 -7.94 17.00
C SER J 19 -56.11 -7.14 16.17
N VAL J 20 -54.87 -7.62 16.11
CA VAL J 20 -53.83 -7.06 15.24
C VAL J 20 -53.18 -8.17 14.42
N THR J 21 -52.65 -7.77 13.27
CA THR J 21 -51.94 -8.68 12.39
C THR J 21 -50.64 -8.08 11.88
N CYS J 22 -49.80 -8.96 11.36
CA CYS J 22 -48.44 -8.63 10.98
C CYS J 22 -48.24 -9.20 9.58
N THR J 23 -47.91 -8.32 8.64
CA THR J 23 -47.73 -8.70 7.25
C THR J 23 -46.23 -8.76 6.93
N VAL J 24 -45.72 -9.95 6.82
CA VAL J 24 -44.29 -10.16 6.62
C VAL J 24 -43.95 -10.10 5.13
N SER J 25 -42.90 -9.38 4.80
CA SER J 25 -42.43 -9.25 3.43
C SER J 25 -40.99 -9.74 3.32
N GLY J 26 -40.58 -10.06 2.10
CA GLY J 26 -39.19 -10.42 1.88
C GLY J 26 -38.78 -11.69 2.56
N GLY J 27 -39.67 -12.67 2.61
CA GLY J 27 -39.39 -13.97 3.16
C GLY J 27 -40.75 -14.58 3.35
N SER J 28 -40.87 -15.90 3.35
CA SER J 28 -42.18 -16.52 3.44
C SER J 28 -42.33 -17.29 4.74
N ILE J 29 -43.47 -17.10 5.42
CA ILE J 29 -43.74 -17.86 6.64
C ILE J 29 -43.86 -19.35 6.34
N SER J 30 -44.38 -19.72 5.17
CA SER J 30 -44.53 -21.13 4.89
C SER J 30 -43.18 -21.84 4.93
N SER J 31 -43.15 -23.01 5.56
CA SER J 31 -42.00 -23.91 5.62
C SER J 31 -40.73 -23.31 6.25
N SER J 32 -40.80 -22.06 6.70
CA SER J 32 -39.65 -21.38 7.30
C SER J 32 -39.39 -21.91 8.70
N ARG J 33 -38.12 -21.94 9.09
CA ARG J 33 -37.73 -22.47 10.39
C ARG J 33 -37.80 -21.44 11.52
N TYR J 34 -38.77 -20.54 11.55
CA TYR J 34 -38.85 -19.50 12.59
C TYR J 34 -40.18 -19.53 13.29
N TYR J 35 -40.16 -19.36 14.61
CA TYR J 35 -41.37 -18.99 15.32
C TYR J 35 -41.59 -17.49 15.12
N TRP J 36 -42.85 -17.08 14.98
CA TRP J 36 -43.21 -15.67 14.82
C TRP J 36 -43.99 -15.25 16.06
N GLY J 37 -43.69 -14.06 16.60
CA GLY J 37 -44.14 -13.74 17.94
C GLY J 37 -44.67 -12.32 18.08
N TRP J 38 -45.31 -12.10 19.22
CA TRP J 38 -45.97 -10.84 19.61
C TRP J 38 -45.46 -10.39 20.96
N ILE J 39 -45.09 -9.12 21.05
CA ILE J 39 -44.61 -8.53 22.29
C ILE J 39 -45.28 -7.18 22.46
N ARG J 40 -45.79 -6.90 23.66
CA ARG J 40 -46.45 -5.64 23.91
C ARG J 40 -45.75 -4.84 24.99
N GLN J 41 -45.95 -3.54 24.93
CA GLN J 41 -45.25 -2.59 25.79
C GLN J 41 -46.15 -1.40 26.08
N PRO J 42 -46.85 -1.40 27.22
CA PRO J 42 -47.75 -0.28 27.57
C PRO J 42 -46.99 1.03 27.66
N PRO J 43 -47.65 2.19 27.55
CA PRO J 43 -46.88 3.43 27.39
C PRO J 43 -46.03 3.71 28.62
N GLY J 44 -44.73 3.90 28.39
CA GLY J 44 -43.75 4.15 29.43
C GLY J 44 -43.22 2.93 30.17
N LYS J 45 -43.91 1.78 30.12
CA LYS J 45 -43.51 0.61 30.87
C LYS J 45 -42.72 -0.32 29.94
N GLY J 46 -42.36 -1.52 30.44
CA GLY J 46 -41.44 -2.41 29.75
C GLY J 46 -42.09 -3.41 28.80
N LEU J 47 -41.26 -4.30 28.27
CA LEU J 47 -41.75 -5.28 27.31
C LEU J 47 -42.33 -6.51 28.01
N GLU J 48 -43.34 -7.09 27.38
CA GLU J 48 -43.95 -8.35 27.80
C GLU J 48 -44.18 -9.24 26.59
N TRP J 49 -43.71 -10.47 26.65
CA TRP J 49 -43.98 -11.43 25.59
C TRP J 49 -45.41 -11.91 25.72
N ILE J 50 -46.09 -12.07 24.59
CA ILE J 50 -47.45 -12.59 24.56
C ILE J 50 -47.48 -14.03 24.05
N GLY J 51 -46.89 -14.28 22.88
CA GLY J 51 -46.83 -15.65 22.37
C GLY J 51 -46.18 -15.68 21.00
N SER J 52 -45.85 -16.88 20.56
CA SER J 52 -45.22 -17.07 19.26
C SER J 52 -45.76 -18.33 18.64
N ILE J 53 -45.66 -18.43 17.31
CA ILE J 53 -46.31 -19.51 16.57
C ILE J 53 -45.46 -19.86 15.36
N TYR J 54 -45.38 -21.16 15.03
CA TYR J 54 -44.66 -21.72 13.89
C TYR J 54 -45.59 -21.72 12.70
N TYR J 55 -45.08 -22.02 11.51
CA TYR J 55 -45.98 -22.12 10.38
C TYR J 55 -46.99 -23.24 10.57
N SER J 56 -46.54 -24.37 11.13
CA SER J 56 -47.46 -25.49 11.39
C SER J 56 -48.68 -25.04 12.16
N GLY J 57 -48.49 -24.23 13.18
CA GLY J 57 -49.60 -23.76 13.97
C GLY J 57 -49.23 -23.81 15.43
N SER J 58 -48.23 -24.66 15.76
CA SER J 58 -47.75 -24.81 17.13
C SER J 58 -47.50 -23.45 17.77
N THR J 59 -47.92 -23.30 19.01
CA THR J 59 -47.80 -22.02 19.68
C THR J 59 -47.10 -22.17 21.02
N TYR J 60 -46.68 -21.02 21.56
CA TYR J 60 -46.26 -20.90 22.94
C TYR J 60 -46.85 -19.60 23.44
N TYR J 61 -47.41 -19.62 24.66
CA TYR J 61 -47.96 -18.45 25.31
C TYR J 61 -47.28 -18.27 26.65
N ASN J 62 -47.14 -17.04 27.11
CA ASN J 62 -46.74 -16.98 28.52
C ASN J 62 -47.95 -17.20 29.42
N PRO J 63 -47.78 -17.88 30.55
CA PRO J 63 -48.91 -18.17 31.44
C PRO J 63 -49.81 -16.98 31.73
N SER J 64 -49.24 -15.80 32.01
CA SER J 64 -50.05 -14.65 32.44
C SER J 64 -51.17 -14.32 31.47
N LEU J 65 -50.99 -14.58 30.17
CA LEU J 65 -51.98 -14.23 29.15
C LEU J 65 -52.59 -15.45 28.44
N LYS J 66 -52.20 -16.69 28.84
CA LYS J 66 -52.60 -17.91 28.13
C LYS J 66 -54.10 -18.02 27.91
N SER J 67 -54.89 -17.40 28.80
CA SER J 67 -56.34 -17.47 28.82
C SER J 67 -57.05 -16.37 28.03
N ARG J 68 -56.41 -15.22 27.83
CA ARG J 68 -57.03 -14.12 27.13
C ARG J 68 -56.68 -14.03 25.65
N VAL J 69 -55.74 -14.83 25.15
CA VAL J 69 -55.26 -14.62 23.78
C VAL J 69 -55.18 -15.93 23.01
N THR J 70 -55.24 -15.78 21.70
CA THR J 70 -54.95 -16.83 20.73
C THR J 70 -54.31 -16.18 19.50
N ILE J 71 -53.19 -16.74 19.08
CA ILE J 71 -52.44 -16.32 17.90
C ILE J 71 -52.61 -17.36 16.79
N SER J 72 -52.59 -16.92 15.54
CA SER J 72 -52.77 -17.84 14.41
C SER J 72 -51.98 -17.36 13.21
N VAL J 73 -51.86 -18.24 12.20
CA VAL J 73 -51.06 -17.96 11.02
C VAL J 73 -51.91 -18.15 9.78
N ASP J 74 -51.63 -17.33 8.76
CA ASP J 74 -52.28 -17.45 7.46
C ASP J 74 -51.17 -17.74 6.45
N THR J 75 -50.84 -19.01 6.25
CA THR J 75 -49.79 -19.38 5.31
C THR J 75 -50.01 -18.76 3.93
N SER J 76 -51.28 -18.52 3.54
CA SER J 76 -51.62 -18.07 2.19
C SER J 76 -51.45 -16.57 1.97
N LYS J 77 -51.71 -15.75 2.98
CA LYS J 77 -51.48 -14.31 2.87
C LYS J 77 -50.11 -13.89 3.36
N ASN J 78 -49.36 -14.79 4.01
CA ASN J 78 -48.08 -14.50 4.65
C ASN J 78 -48.26 -13.51 5.80
N GLN J 79 -49.17 -13.84 6.71
CA GLN J 79 -49.45 -13.02 7.87
C GLN J 79 -49.69 -13.91 9.08
N PHE J 80 -49.49 -13.34 10.25
CA PHE J 80 -49.97 -13.91 11.49
C PHE J 80 -50.59 -12.79 12.31
N SER J 81 -51.27 -13.18 13.39
CA SER J 81 -52.22 -12.27 14.00
C SER J 81 -52.53 -12.70 15.42
N LEU J 82 -52.79 -11.68 16.25
CA LEU J 82 -53.09 -11.87 17.67
C LEU J 82 -54.51 -11.42 17.92
N LYS J 83 -55.25 -12.20 18.70
CA LYS J 83 -56.60 -11.82 19.13
C LYS J 83 -56.60 -11.91 20.65
N LEU J 84 -56.87 -10.79 21.29
CA LEU J 84 -56.77 -10.69 22.73
C LEU J 84 -58.17 -10.43 23.28
N SER J 85 -58.60 -11.29 24.19
CA SER J 85 -59.99 -11.38 24.62
C SER J 85 -60.25 -10.54 25.86
N SER J 86 -61.47 -9.99 25.95
CA SER J 86 -61.96 -9.31 27.16
C SER J 86 -61.02 -8.21 27.63
N VAL J 87 -60.87 -7.18 26.78
CA VAL J 87 -59.87 -6.15 26.97
C VAL J 87 -60.16 -5.33 28.23
N THR J 88 -59.11 -5.06 28.99
CA THR J 88 -59.15 -4.17 30.15
C THR J 88 -58.61 -2.79 29.75
N ALA J 89 -58.62 -1.88 30.72
CA ALA J 89 -57.87 -0.62 30.58
C ALA J 89 -56.36 -0.84 30.53
N ALA J 90 -55.86 -1.91 31.16
CA ALA J 90 -54.43 -2.15 31.27
C ALA J 90 -53.77 -2.34 29.90
N ASP J 91 -54.47 -2.97 28.95
CA ASP J 91 -53.86 -3.45 27.71
C ASP J 91 -53.60 -2.34 26.69
N THR J 92 -53.71 -1.08 27.05
CA THR J 92 -53.30 -0.03 26.12
C THR J 92 -51.79 -0.13 25.93
N ALA J 93 -51.35 -0.32 24.69
CA ALA J 93 -49.94 -0.63 24.44
C ALA J 93 -49.56 -0.33 22.99
N VAL J 94 -48.25 -0.41 22.75
CA VAL J 94 -47.71 -0.65 21.42
C VAL J 94 -47.55 -2.15 21.32
N TYR J 95 -48.07 -2.74 20.25
CA TYR J 95 -47.98 -4.17 20.03
C TYR J 95 -46.94 -4.40 18.92
N TYR J 96 -45.96 -5.25 19.23
CA TYR J 96 -44.82 -5.51 18.34
C TYR J 96 -44.85 -6.96 17.88
N CYS J 97 -44.60 -7.17 16.60
CA CYS J 97 -44.40 -8.53 16.13
C CYS J 97 -42.91 -8.76 15.87
N ALA J 98 -42.52 -10.02 15.81
CA ALA J 98 -41.09 -10.24 15.70
C ALA J 98 -40.83 -11.62 15.11
N ARG J 99 -39.67 -11.76 14.47
CA ARG J 99 -39.22 -13.02 13.88
C ARG J 99 -38.18 -13.61 14.83
N HIS J 100 -38.37 -14.85 15.25
CA HIS J 100 -37.33 -15.49 16.07
C HIS J 100 -36.14 -15.86 15.21
N ALA J 101 -35.01 -16.17 15.84
CA ALA J 101 -33.95 -16.84 15.11
C ALA J 101 -34.37 -18.24 14.75
N ALA J 102 -33.63 -18.84 13.83
CA ALA J 102 -34.00 -20.16 13.33
C ALA J 102 -34.01 -21.19 14.45
N ALA J 103 -35.14 -21.86 14.60
CA ALA J 103 -35.28 -22.87 15.63
C ALA J 103 -34.55 -24.14 15.24
N TYR J 104 -33.92 -24.81 16.22
CA TYR J 104 -33.05 -25.96 15.93
C TYR J 104 -33.14 -27.05 16.99
N TYR J 105 -32.59 -28.21 16.64
CA TYR J 105 -32.42 -29.34 17.55
C TYR J 105 -30.94 -29.53 17.84
N ASP J 106 -30.59 -29.88 19.07
CA ASP J 106 -29.20 -30.18 19.43
C ASP J 106 -28.90 -31.67 19.27
N ARG J 107 -27.67 -32.11 19.59
CA ARG J 107 -27.32 -33.52 19.38
C ARG J 107 -28.37 -34.46 19.99
N SER J 108 -28.88 -34.10 21.15
CA SER J 108 -29.76 -34.99 21.90
C SER J 108 -31.22 -34.99 21.43
N GLY J 109 -31.64 -34.01 20.64
CA GLY J 109 -33.02 -33.97 20.20
C GLY J 109 -33.83 -32.87 20.84
N TYR J 110 -33.22 -32.08 21.72
CA TYR J 110 -33.92 -31.02 22.43
C TYR J 110 -34.15 -29.83 21.48
N TYR J 111 -35.36 -29.28 21.50
CA TYR J 111 -35.76 -28.19 20.63
C TYR J 111 -35.53 -26.84 21.29
N PHE J 112 -34.99 -25.88 20.53
CA PHE J 112 -34.86 -24.49 20.99
C PHE J 112 -35.50 -23.56 19.96
N ILE J 113 -36.39 -22.66 20.40
CA ILE J 113 -36.95 -21.70 19.44
C ILE J 113 -36.21 -20.35 19.37
N GLU J 114 -35.16 -20.14 20.17
CA GLU J 114 -34.30 -18.97 20.22
C GLU J 114 -34.94 -17.63 20.55
N TYR J 115 -34.20 -16.55 20.28
CA TYR J 115 -34.48 -15.15 20.63
C TYR J 115 -35.19 -14.39 19.50
N PHE J 116 -35.62 -13.17 19.84
CA PHE J 116 -36.28 -12.29 18.88
C PHE J 116 -35.22 -11.61 17.99
N GLN J 117 -35.11 -12.04 16.74
CA GLN J 117 -34.05 -11.57 15.86
C GLN J 117 -34.42 -10.26 15.16
N HIS J 118 -35.68 -10.10 14.73
CA HIS J 118 -36.15 -8.93 14.01
C HIS J 118 -37.47 -8.47 14.55
N TRP J 119 -37.66 -7.16 14.60
CA TRP J 119 -38.87 -6.56 15.15
C TRP J 119 -39.55 -5.67 14.12
N GLY J 120 -40.87 -5.74 14.07
CA GLY J 120 -41.63 -4.75 13.34
C GLY J 120 -41.67 -3.47 14.11
N GLN J 121 -42.21 -2.42 13.52
CA GLN J 121 -42.12 -1.14 14.20
C GLN J 121 -43.24 -0.91 15.21
N GLY J 122 -44.29 -1.73 15.21
CA GLY J 122 -45.30 -1.66 16.25
C GLY J 122 -46.41 -0.65 16.08
N THR J 123 -47.64 -1.05 16.43
CA THR J 123 -48.81 -0.19 16.31
C THR J 123 -49.42 -0.02 17.69
N LEU J 124 -49.67 1.24 18.06
CA LEU J 124 -50.27 1.54 19.35
C LEU J 124 -51.76 1.25 19.31
N VAL J 125 -52.26 0.64 20.37
CA VAL J 125 -53.68 0.31 20.48
C VAL J 125 -54.19 0.91 21.78
N THR J 126 -55.17 1.81 21.66
CA THR J 126 -55.70 2.51 22.82
C THR J 126 -57.04 1.89 23.20
N VAL J 127 -57.19 1.48 24.46
CA VAL J 127 -58.50 1.04 24.95
C VAL J 127 -59.20 2.28 25.48
N SER J 128 -60.45 2.49 25.04
CA SER J 128 -61.13 3.76 25.25
C SER J 128 -62.57 3.63 24.78
N SER J 129 -63.43 4.49 25.32
CA SER J 129 -64.82 4.62 24.89
C SER J 129 -65.04 5.99 24.26
N ALA J 130 -64.06 6.47 23.52
CA ALA J 130 -64.01 7.84 23.04
C ALA J 130 -64.19 7.91 21.54
N SER J 131 -64.43 9.12 21.07
CA SER J 131 -64.72 9.34 19.68
C SER J 131 -63.42 9.53 18.91
N THR J 132 -63.16 8.62 17.98
CA THR J 132 -62.13 8.82 16.96
C THR J 132 -62.30 10.17 16.30
N LYS J 133 -61.21 10.91 16.15
CA LYS J 133 -61.38 12.26 15.64
C LYS J 133 -60.09 12.74 14.98
N GLY J 134 -60.21 13.16 13.74
CA GLY J 134 -59.08 13.69 13.01
C GLY J 134 -58.67 15.06 13.52
N PRO J 135 -57.44 15.43 13.21
CA PRO J 135 -56.85 16.67 13.73
C PRO J 135 -57.01 17.88 12.81
N SER J 136 -57.05 19.06 13.43
CA SER J 136 -56.93 20.32 12.71
C SER J 136 -55.45 20.66 12.56
N VAL J 137 -55.11 21.19 11.40
CA VAL J 137 -53.72 21.51 11.04
C VAL J 137 -53.65 23.00 10.71
N PHE J 138 -53.10 23.79 11.61
CA PHE J 138 -52.94 25.20 11.40
C PHE J 138 -51.46 25.47 11.24
N PRO J 139 -51.01 26.25 10.25
CA PRO J 139 -49.57 26.49 10.12
C PRO J 139 -49.05 27.49 11.14
N LEU J 140 -47.77 27.33 11.50
CA LEU J 140 -47.04 28.26 12.38
C LEU J 140 -45.96 28.96 11.55
N ALA J 141 -46.28 30.17 11.09
CA ALA J 141 -45.44 30.92 10.16
C ALA J 141 -44.18 31.46 10.84
N PRO J 142 -43.08 31.56 10.10
CA PRO J 142 -41.83 32.06 10.68
C PRO J 142 -41.91 33.52 11.08
N SER J 143 -41.17 33.87 12.13
CA SER J 143 -41.08 35.25 12.59
C SER J 143 -40.44 36.13 11.52
N GLY J 149 -29.93 36.56 13.64
CA GLY J 149 -28.79 35.68 13.55
C GLY J 149 -28.82 34.73 12.37
N GLY J 150 -29.92 34.73 11.63
CA GLY J 150 -30.02 33.89 10.45
C GLY J 150 -30.67 32.53 10.66
N THR J 151 -31.31 32.30 11.81
CA THR J 151 -31.86 31.00 12.20
C THR J 151 -33.37 31.11 12.31
N ALA J 152 -34.08 30.41 11.43
CA ALA J 152 -35.54 30.52 11.32
C ALA J 152 -36.26 29.30 11.86
N ALA J 153 -37.39 29.54 12.51
CA ALA J 153 -38.24 28.49 13.05
C ALA J 153 -39.60 28.55 12.40
N LEU J 154 -40.08 27.42 11.89
CA LEU J 154 -41.42 27.29 11.30
C LEU J 154 -41.95 25.91 11.61
N GLY J 155 -43.27 25.76 11.61
CA GLY J 155 -43.82 24.49 12.05
C GLY J 155 -45.26 24.28 11.66
N CYS J 156 -45.85 23.25 12.28
CA CYS J 156 -47.27 22.91 12.19
C CYS J 156 -47.81 22.77 13.60
N LEU J 157 -49.10 23.02 13.78
CA LEU J 157 -49.76 22.77 15.05
C LEU J 157 -50.88 21.77 14.82
N VAL J 158 -50.76 20.60 15.41
CA VAL J 158 -51.75 19.55 15.26
C VAL J 158 -52.53 19.49 16.57
N LYS J 159 -53.69 20.14 16.59
CA LYS J 159 -54.48 20.34 17.80
C LYS J 159 -55.73 19.47 17.75
N ASP J 160 -56.08 18.88 18.90
CA ASP J 160 -57.38 18.24 19.14
C ASP J 160 -57.68 17.09 18.19
N TYR J 161 -57.05 15.94 18.46
CA TYR J 161 -57.21 14.69 17.73
C TYR J 161 -57.22 13.56 18.74
N PHE J 162 -57.62 12.38 18.29
CA PHE J 162 -57.69 11.27 19.21
C PHE J 162 -57.79 10.02 18.37
N PRO J 163 -57.14 8.91 18.75
CA PRO J 163 -56.16 8.80 19.84
C PRO J 163 -54.76 8.93 19.28
N GLU J 164 -53.80 8.53 20.09
CA GLU J 164 -52.46 8.44 19.59
C GLU J 164 -52.36 7.24 18.65
N PRO J 165 -51.54 7.33 17.60
CA PRO J 165 -50.57 8.40 17.31
C PRO J 165 -50.85 9.27 16.12
N VAL J 166 -50.17 10.40 16.05
CA VAL J 166 -50.03 11.15 14.81
C VAL J 166 -48.59 11.03 14.34
N THR J 167 -48.38 11.23 13.03
CA THR J 167 -47.05 11.11 12.44
C THR J 167 -46.80 12.30 11.52
N VAL J 168 -45.61 12.90 11.63
CA VAL J 168 -45.27 14.13 10.91
C VAL J 168 -43.96 13.96 10.17
N SER J 169 -43.95 14.33 8.89
CA SER J 169 -42.74 14.44 8.09
C SER J 169 -42.72 15.82 7.44
N TRP J 170 -41.57 16.19 6.89
CA TRP J 170 -41.43 17.49 6.26
C TRP J 170 -40.94 17.28 4.83
N ASN J 171 -41.65 17.92 3.87
CA ASN J 171 -41.38 17.79 2.44
C ASN J 171 -41.35 16.32 2.03
N SER J 172 -42.33 15.56 2.56
CA SER J 172 -42.51 14.14 2.24
C SER J 172 -41.26 13.34 2.58
N GLY J 173 -40.61 13.70 3.69
CA GLY J 173 -39.40 13.06 4.12
C GLY J 173 -38.13 13.64 3.54
N ALA J 174 -38.24 14.59 2.61
CA ALA J 174 -37.04 15.26 2.13
C ALA J 174 -36.34 15.96 3.28
N LEU J 175 -37.04 16.87 3.94
CA LEU J 175 -36.50 17.58 5.09
C LEU J 175 -36.63 16.71 6.34
N THR J 176 -35.48 16.34 6.92
CA THR J 176 -35.41 15.57 8.17
C THR J 176 -34.43 16.16 9.18
N SER J 177 -33.42 16.91 8.72
CA SER J 177 -32.40 17.48 9.58
C SER J 177 -32.97 18.66 10.37
N GLY J 178 -32.73 18.68 11.67
CA GLY J 178 -33.16 19.80 12.49
C GLY J 178 -34.61 19.81 12.92
N VAL J 179 -35.34 18.71 12.68
CA VAL J 179 -36.74 18.62 13.05
C VAL J 179 -36.84 18.31 14.54
N HIS J 180 -37.90 18.78 15.17
CA HIS J 180 -38.22 18.35 16.53
C HIS J 180 -39.74 18.19 16.58
N THR J 181 -40.22 16.96 16.67
CA THR J 181 -41.65 16.69 16.77
C THR J 181 -41.96 16.42 18.25
N PHE J 182 -42.93 17.14 18.78
CA PHE J 182 -43.07 17.04 20.23
C PHE J 182 -44.02 15.93 20.65
N PRO J 183 -43.94 15.51 21.90
CA PRO J 183 -44.93 14.58 22.44
C PRO J 183 -46.31 15.21 22.53
N ALA J 184 -47.31 14.35 22.46
CA ALA J 184 -48.67 14.81 22.57
C ALA J 184 -48.96 15.17 24.02
N VAL J 185 -49.65 16.30 24.21
CA VAL J 185 -50.21 16.67 25.49
C VAL J 185 -51.71 16.40 25.41
N LEU J 186 -52.26 15.83 26.47
CA LEU J 186 -53.70 15.56 26.51
C LEU J 186 -54.34 16.78 27.14
N GLN J 187 -54.95 17.62 26.30
CA GLN J 187 -55.69 18.76 26.81
C GLN J 187 -56.87 18.26 27.64
N SER J 188 -57.35 19.11 28.56
CA SER J 188 -58.45 18.69 29.41
C SER J 188 -59.70 18.34 28.60
N SER J 189 -59.77 18.79 27.35
CA SER J 189 -60.84 18.44 26.42
C SER J 189 -60.91 16.95 26.07
N GLY J 190 -59.93 16.13 26.46
CA GLY J 190 -59.92 14.72 26.11
C GLY J 190 -59.28 14.38 24.78
N LEU J 191 -58.83 15.37 24.02
CA LEU J 191 -58.12 15.15 22.76
C LEU J 191 -56.65 15.54 22.91
N TYR J 192 -55.80 14.93 22.08
CA TYR J 192 -54.37 15.18 22.16
C TYR J 192 -53.98 16.39 21.32
N SER J 193 -52.98 17.12 21.80
CA SER J 193 -52.47 18.28 21.11
C SER J 193 -50.96 18.18 21.00
N LEU J 194 -50.43 18.65 19.87
CA LEU J 194 -49.05 18.38 19.54
C LEU J 194 -48.58 19.53 18.67
N SER J 195 -47.27 19.68 18.57
CA SER J 195 -46.70 20.69 17.72
C SER J 195 -45.39 20.17 17.13
N SER J 196 -45.20 20.40 15.84
CA SER J 196 -43.97 19.99 15.15
C SER J 196 -43.28 21.22 14.58
N VAL J 197 -41.96 21.28 14.75
CA VAL J 197 -41.16 22.46 14.41
C VAL J 197 -39.93 22.02 13.64
N VAL J 198 -39.28 22.97 12.96
CA VAL J 198 -38.03 22.67 12.25
C VAL J 198 -37.19 23.94 12.16
N THR J 199 -35.87 23.77 12.28
CA THR J 199 -34.91 24.85 12.09
C THR J 199 -34.50 24.90 10.62
N VAL J 200 -34.49 26.10 10.04
CA VAL J 200 -34.10 26.30 8.65
C VAL J 200 -33.22 27.54 8.54
N PRO J 201 -32.35 27.58 7.52
CA PRO J 201 -31.63 28.82 7.20
C PRO J 201 -32.61 29.94 6.84
N SER J 202 -32.42 31.13 7.42
CA SER J 202 -33.38 32.22 7.21
C SER J 202 -33.40 32.73 5.77
N SER J 203 -32.41 32.35 4.96
CA SER J 203 -32.39 32.60 3.52
C SER J 203 -33.33 31.70 2.73
N SER J 204 -33.98 30.72 3.36
CA SER J 204 -34.92 29.82 2.69
C SER J 204 -36.39 30.23 2.78
N LEU J 205 -36.73 31.25 3.59
CA LEU J 205 -38.14 31.49 3.94
C LEU J 205 -39.01 31.80 2.71
N GLY J 206 -38.43 32.37 1.65
CA GLY J 206 -39.19 32.69 0.46
C GLY J 206 -39.06 31.77 -0.74
N THR J 207 -37.89 31.10 -0.88
CA THR J 207 -37.47 30.37 -2.07
C THR J 207 -37.84 28.88 -2.01
N GLN J 208 -37.57 28.21 -0.89
CA GLN J 208 -37.80 26.78 -0.74
C GLN J 208 -39.16 26.52 -0.10
N THR J 209 -39.87 25.52 -0.62
CA THR J 209 -41.20 25.20 -0.12
C THR J 209 -41.11 24.32 1.12
N TYR J 210 -41.93 24.64 2.12
CA TYR J 210 -41.95 23.90 3.38
C TYR J 210 -43.37 23.44 3.65
N ILE J 211 -43.60 22.13 3.49
CA ILE J 211 -44.91 21.50 3.66
C ILE J 211 -44.76 20.36 4.65
N CYS J 212 -45.60 20.33 5.67
CA CYS J 212 -45.55 19.29 6.69
C CYS J 212 -46.60 18.24 6.33
N ASN J 213 -46.21 16.97 6.38
CA ASN J 213 -47.06 15.86 5.98
C ASN J 213 -47.53 15.17 7.25
N VAL J 214 -48.82 15.37 7.60
CA VAL J 214 -49.43 14.86 8.83
C VAL J 214 -50.25 13.63 8.47
N ASN J 215 -50.27 12.65 9.36
CA ASN J 215 -50.91 11.38 9.10
C ASN J 215 -51.43 10.82 10.43
N HIS J 216 -52.74 10.73 10.56
CA HIS J 216 -53.43 10.22 11.76
C HIS J 216 -54.15 8.93 11.37
N LYS J 217 -53.48 7.80 11.56
CA LYS J 217 -54.05 6.52 11.15
C LYS J 217 -55.44 6.22 11.74
N PRO J 218 -55.73 6.46 13.04
CA PRO J 218 -57.03 5.99 13.59
C PRO J 218 -58.27 6.62 13.00
N SER J 219 -58.17 7.78 12.34
CA SER J 219 -59.32 8.42 11.70
C SER J 219 -59.14 8.53 10.19
N ASN J 220 -58.10 7.92 9.62
CA ASN J 220 -57.85 7.91 8.17
C ASN J 220 -57.68 9.31 7.61
N THR J 221 -56.96 10.15 8.33
CA THR J 221 -56.75 11.55 7.96
C THR J 221 -55.38 11.71 7.31
N LYS J 222 -55.28 12.54 6.28
CA LYS J 222 -54.00 13.07 5.84
C LYS J 222 -54.22 14.53 5.53
N VAL J 223 -53.28 15.37 5.92
CA VAL J 223 -53.34 16.81 5.66
C VAL J 223 -51.94 17.27 5.27
N ASP J 224 -51.86 18.11 4.24
CA ASP J 224 -50.65 18.83 3.92
C ASP J 224 -50.93 20.32 4.09
N LYS J 225 -50.15 20.96 4.95
CA LYS J 225 -50.29 22.38 5.21
C LYS J 225 -48.98 23.02 4.80
N ARG J 226 -49.03 23.94 3.86
CA ARG J 226 -47.84 24.66 3.48
C ARG J 226 -47.65 25.81 4.46
N VAL J 227 -46.38 26.11 4.78
CA VAL J 227 -46.04 27.20 5.70
C VAL J 227 -45.18 28.21 4.94
N GLU J 228 -45.65 29.46 4.87
CA GLU J 228 -45.00 30.57 4.20
C GLU J 228 -44.96 31.78 5.11
N PRO J 229 -43.97 32.68 4.92
CA PRO J 229 -43.89 33.89 5.76
C PRO J 229 -45.14 34.76 5.72
N LYS J 230 -45.59 35.18 6.91
CA LYS J 230 -46.81 35.99 7.03
C LYS J 230 -46.59 37.46 6.67
N ASP K 1 -41.12 -19.98 37.37
CA ASP K 1 -40.88 -18.79 36.54
C ASP K 1 -39.57 -18.05 36.86
N ILE K 2 -38.68 -17.98 35.87
CA ILE K 2 -37.47 -17.18 35.97
C ILE K 2 -37.88 -15.72 35.90
N GLN K 3 -37.37 -14.90 36.81
CA GLN K 3 -37.62 -13.46 36.78
C GLN K 3 -36.30 -12.72 36.78
N MET K 4 -36.22 -11.67 35.94
CA MET K 4 -35.01 -10.92 35.70
C MET K 4 -35.02 -9.57 36.40
N THR K 5 -33.90 -9.23 37.05
CA THR K 5 -33.75 -7.98 37.75
C THR K 5 -32.58 -7.23 37.10
N GLN K 6 -32.83 -6.03 36.63
CA GLN K 6 -31.82 -5.23 35.96
C GLN K 6 -31.40 -4.06 36.83
N SER K 7 -30.10 -3.84 36.96
CA SER K 7 -29.65 -2.66 37.68
C SER K 7 -28.57 -1.97 36.85
N PRO K 8 -28.53 -0.64 36.88
CA PRO K 8 -29.52 0.17 37.57
C PRO K 8 -30.80 0.44 36.79
N SER K 9 -31.72 1.14 37.43
CA SER K 9 -32.92 1.61 36.75
C SER K 9 -32.58 2.76 35.79
N THR K 10 -31.95 3.82 36.31
CA THR K 10 -31.45 4.93 35.50
C THR K 10 -29.94 5.04 35.58
N LEU K 11 -29.45 5.97 34.78
CA LEU K 11 -28.04 6.01 34.50
C LEU K 11 -27.70 7.23 33.69
N SER K 12 -26.93 8.16 34.21
CA SER K 12 -26.43 9.24 33.37
C SER K 12 -24.92 9.11 33.29
N ALA K 13 -24.38 9.42 32.13
CA ALA K 13 -22.93 9.37 32.00
C ALA K 13 -22.54 10.24 30.82
N SER K 14 -21.30 10.68 30.83
CA SER K 14 -20.88 11.63 29.81
C SER K 14 -20.29 10.87 28.64
N VAL K 15 -20.15 11.57 27.50
CA VAL K 15 -19.66 10.90 26.30
C VAL K 15 -18.24 10.43 26.54
N GLY K 16 -17.85 9.33 25.88
CA GLY K 16 -16.53 8.74 26.08
C GLY K 16 -16.38 7.87 27.32
N ASP K 17 -17.27 8.02 28.32
CA ASP K 17 -17.31 7.20 29.55
C ASP K 17 -17.56 5.73 29.21
N SER K 18 -17.36 4.87 30.20
CA SER K 18 -17.73 3.47 30.06
C SER K 18 -18.84 3.14 31.05
N VAL K 19 -19.86 2.44 30.59
CA VAL K 19 -21.03 2.16 31.41
C VAL K 19 -21.31 0.68 31.26
N THR K 20 -21.75 0.06 32.33
CA THR K 20 -22.02 -1.36 32.36
C THR K 20 -23.37 -1.56 33.05
N ILE K 21 -24.22 -2.37 32.44
CA ILE K 21 -25.54 -2.66 32.98
C ILE K 21 -25.57 -4.12 33.40
N THR K 22 -26.31 -4.41 34.46
CA THR K 22 -26.36 -5.72 35.08
C THR K 22 -27.74 -6.33 35.03
N CYS K 23 -27.77 -7.62 34.68
CA CYS K 23 -28.98 -8.44 34.64
C CYS K 23 -28.77 -9.65 35.55
N ARG K 24 -29.58 -9.79 36.59
CA ARG K 24 -29.51 -10.94 37.48
C ARG K 24 -30.73 -11.86 37.28
N ALA K 25 -30.46 -13.14 37.02
CA ALA K 25 -31.51 -14.13 36.74
C ALA K 25 -31.70 -14.99 37.98
N SER K 26 -32.96 -15.18 38.40
CA SER K 26 -33.28 -15.88 39.66
C SER K 26 -32.93 -17.36 39.62
N GLN K 27 -32.80 -17.95 38.43
CA GLN K 27 -32.33 -19.31 38.25
C GLN K 27 -31.34 -19.35 37.11
N SER K 28 -30.58 -20.44 37.01
CA SER K 28 -29.59 -20.54 35.92
C SER K 28 -30.32 -20.48 34.60
N ILE K 29 -29.75 -19.76 33.66
CA ILE K 29 -30.37 -19.68 32.35
C ILE K 29 -29.27 -19.94 31.35
N SER K 30 -28.28 -20.76 31.75
CA SER K 30 -27.16 -21.17 30.89
C SER K 30 -26.55 -19.89 30.30
N SER K 31 -26.38 -19.78 28.99
CA SER K 31 -26.03 -18.50 28.40
C SER K 31 -27.16 -17.94 27.55
N TRP K 32 -28.39 -18.38 27.81
CA TRP K 32 -29.55 -17.97 27.01
C TRP K 32 -30.03 -16.60 27.51
N LEU K 33 -29.21 -15.59 27.28
CA LEU K 33 -29.62 -14.22 27.58
C LEU K 33 -29.29 -13.34 26.38
N ALA K 34 -30.22 -12.43 26.04
CA ALA K 34 -30.09 -11.46 24.97
C ALA K 34 -30.31 -10.05 25.51
N TRP K 35 -29.70 -9.07 24.85
CA TRP K 35 -29.77 -7.67 25.24
C TRP K 35 -30.40 -6.88 24.11
N TYR K 36 -31.34 -5.99 24.43
CA TYR K 36 -32.02 -5.17 23.43
C TYR K 36 -31.84 -3.71 23.75
N GLN K 37 -31.72 -2.89 22.70
CA GLN K 37 -31.64 -1.45 22.78
C GLN K 37 -32.88 -0.84 22.13
N GLN K 38 -33.41 0.22 22.73
CA GLN K 38 -34.63 0.85 22.23
C GLN K 38 -34.49 2.36 22.34
N LYS K 39 -34.14 2.99 21.19
CA LYS K 39 -33.98 4.43 21.11
C LYS K 39 -35.39 5.01 21.10
N PRO K 40 -35.60 6.24 21.57
CA PRO K 40 -36.97 6.73 21.79
C PRO K 40 -37.85 6.59 20.56
N GLY K 41 -39.06 6.07 20.78
CA GLY K 41 -40.00 6.00 19.68
C GLY K 41 -39.71 4.97 18.61
N LYS K 42 -38.90 3.94 18.88
CA LYS K 42 -38.63 2.91 17.89
C LYS K 42 -38.84 1.51 18.47
N ALA K 43 -38.71 0.52 17.61
CA ALA K 43 -38.78 -0.83 18.09
C ALA K 43 -37.47 -1.20 18.74
N PRO K 44 -37.48 -2.16 19.66
CA PRO K 44 -36.23 -2.73 20.16
C PRO K 44 -35.32 -3.28 19.05
N LYS K 45 -34.02 -3.21 19.30
CA LYS K 45 -32.98 -3.68 18.39
C LYS K 45 -32.14 -4.69 19.14
N LEU K 46 -31.93 -5.84 18.55
CA LEU K 46 -31.12 -6.85 19.20
C LEU K 46 -29.66 -6.42 19.20
N LEU K 47 -29.01 -6.40 20.38
CA LEU K 47 -27.58 -6.07 20.50
C LEU K 47 -26.72 -7.32 20.72
N ILE K 48 -27.03 -8.10 21.74
CA ILE K 48 -26.24 -9.27 22.14
C ILE K 48 -27.19 -10.47 22.24
N TYR K 49 -26.72 -11.65 21.81
CA TYR K 49 -27.45 -12.90 22.07
C TYR K 49 -26.50 -14.01 22.52
N LYS K 50 -27.03 -15.06 23.14
CA LYS K 50 -26.22 -16.09 23.83
C LYS K 50 -25.22 -15.42 24.78
N ALA K 51 -25.71 -14.40 25.48
CA ALA K 51 -25.03 -13.70 26.56
C ALA K 51 -23.96 -12.74 26.10
N SER K 52 -23.24 -13.12 25.04
CA SER K 52 -21.97 -12.52 24.64
C SER K 52 -21.73 -12.36 23.14
N SER K 53 -22.52 -12.98 22.27
CA SER K 53 -22.38 -12.83 20.82
C SER K 53 -23.02 -11.52 20.37
N LEU K 54 -22.29 -10.75 19.57
CA LEU K 54 -22.73 -9.44 19.09
C LEU K 54 -23.40 -9.57 17.74
N GLU K 55 -24.64 -9.07 17.63
CA GLU K 55 -25.36 -9.18 16.36
C GLU K 55 -24.71 -8.26 15.34
N SER K 56 -24.66 -8.73 14.09
CA SER K 56 -23.93 -8.04 13.03
C SER K 56 -24.49 -6.65 12.74
N GLY K 57 -23.58 -5.72 12.46
CA GLY K 57 -23.90 -4.34 12.19
C GLY K 57 -24.07 -3.52 13.44
N VAL K 58 -23.99 -4.15 14.61
CA VAL K 58 -23.99 -3.49 15.91
C VAL K 58 -22.55 -3.04 16.17
N PRO K 59 -22.36 -1.82 16.67
CA PRO K 59 -21.02 -1.33 16.97
C PRO K 59 -20.23 -2.27 17.87
N SER K 60 -18.90 -2.25 17.69
CA SER K 60 -17.97 -3.07 18.47
C SER K 60 -17.77 -2.54 19.88
N ARG K 61 -18.28 -1.34 20.22
CA ARG K 61 -18.19 -0.89 21.62
C ARG K 61 -19.13 -1.66 22.53
N PHE K 62 -20.20 -2.23 21.97
CA PHE K 62 -21.12 -3.06 22.76
C PHE K 62 -20.55 -4.46 23.00
N SER K 63 -20.56 -4.88 24.26
CA SER K 63 -20.08 -6.21 24.60
C SER K 63 -20.93 -6.71 25.74
N GLY K 64 -21.19 -7.99 25.75
CA GLY K 64 -21.92 -8.60 26.84
C GLY K 64 -21.18 -9.80 27.37
N SER K 65 -21.33 -10.03 28.66
CA SER K 65 -20.72 -11.22 29.25
C SER K 65 -21.55 -11.71 30.42
N GLY K 66 -21.28 -12.95 30.81
CA GLY K 66 -22.05 -13.58 31.84
C GLY K 66 -22.45 -14.98 31.46
N SER K 67 -22.81 -15.75 32.47
CA SER K 67 -23.33 -17.09 32.30
C SER K 67 -24.02 -17.44 33.60
N GLY K 68 -24.97 -18.37 33.51
CA GLY K 68 -25.64 -18.88 34.67
C GLY K 68 -26.72 -17.95 35.15
N THR K 69 -26.35 -16.99 36.02
CA THR K 69 -27.34 -16.12 36.63
C THR K 69 -26.93 -14.66 36.72
N GLU K 70 -25.71 -14.29 36.36
CA GLU K 70 -25.31 -12.90 36.38
C GLU K 70 -24.69 -12.54 35.04
N PHE K 71 -25.22 -11.50 34.44
CA PHE K 71 -24.81 -11.07 33.12
C PHE K 71 -24.59 -9.56 33.12
N THR K 72 -23.79 -9.10 32.16
CA THR K 72 -23.59 -7.67 31.98
C THR K 72 -23.55 -7.32 30.51
N LEU K 73 -24.08 -6.14 30.23
CA LEU K 73 -23.89 -5.42 28.97
C LEU K 73 -23.03 -4.21 29.26
N THR K 74 -22.05 -3.94 28.39
CA THR K 74 -21.08 -2.88 28.63
C THR K 74 -20.85 -2.10 27.35
N ILE K 75 -21.10 -0.81 27.41
CA ILE K 75 -20.77 0.09 26.33
C ILE K 75 -19.40 0.63 26.66
N SER K 76 -18.41 0.30 25.82
CA SER K 76 -17.02 0.64 26.12
C SER K 76 -16.84 2.16 26.18
N SER K 77 -17.17 2.86 25.10
CA SER K 77 -17.05 4.33 25.03
C SER K 77 -18.38 4.96 24.60
N LEU K 78 -19.12 5.49 25.56
CA LEU K 78 -20.42 6.10 25.32
C LEU K 78 -20.44 7.07 24.14
N GLN K 79 -21.48 6.97 23.32
CA GLN K 79 -21.77 7.91 22.23
C GLN K 79 -23.13 8.54 22.49
N PRO K 80 -23.41 9.71 21.91
CA PRO K 80 -24.73 10.31 22.14
C PRO K 80 -25.85 9.57 21.46
N ASP K 81 -25.57 8.84 20.36
CA ASP K 81 -26.55 7.96 19.72
C ASP K 81 -26.97 6.80 20.64
N ASP K 82 -26.20 6.54 21.69
CA ASP K 82 -26.44 5.39 22.55
C ASP K 82 -27.43 5.73 23.65
N PHE K 83 -28.03 6.91 23.59
CA PHE K 83 -29.12 7.22 24.49
C PHE K 83 -30.28 6.35 24.10
N ALA K 84 -30.75 5.52 25.02
CA ALA K 84 -31.83 4.59 24.74
C ALA K 84 -32.27 3.97 26.04
N THR K 85 -33.24 3.05 25.95
CA THR K 85 -33.53 2.14 27.04
C THR K 85 -33.00 0.77 26.65
N TYR K 86 -32.38 0.07 27.60
CA TYR K 86 -31.74 -1.23 27.35
C TYR K 86 -32.47 -2.29 28.16
N TYR K 87 -32.90 -3.36 27.47
CA TYR K 87 -33.61 -4.47 28.10
C TYR K 87 -32.84 -5.76 27.86
N CYS K 88 -32.85 -6.66 28.87
CA CYS K 88 -32.35 -8.02 28.77
C CYS K 88 -33.50 -9.01 28.77
N GLN K 89 -33.31 -10.14 28.08
CA GLN K 89 -34.34 -11.16 27.99
C GLN K 89 -33.73 -12.54 28.16
N GLN K 90 -34.38 -13.38 28.94
CA GLN K 90 -34.03 -14.79 29.05
C GLN K 90 -34.81 -15.56 28.01
N TYR K 91 -34.16 -16.47 27.29
CA TYR K 91 -34.84 -17.24 26.27
C TYR K 91 -34.45 -18.71 26.40
N ASN K 92 -34.54 -19.22 27.62
CA ASN K 92 -34.16 -20.59 27.94
C ASN K 92 -35.32 -21.53 27.60
N ASN K 93 -35.87 -22.19 28.61
CA ASN K 93 -37.16 -22.83 28.46
C ASN K 93 -38.14 -21.77 27.97
N TYR K 94 -39.04 -22.19 27.07
CA TYR K 94 -40.05 -21.36 26.39
C TYR K 94 -40.96 -20.45 27.24
N ARG K 95 -40.46 -19.94 28.37
CA ARG K 95 -41.13 -18.93 29.20
C ARG K 95 -40.28 -17.68 29.04
N TYR K 96 -40.78 -16.63 28.35
CA TYR K 96 -39.92 -15.50 28.02
C TYR K 96 -40.23 -14.31 28.90
N THR K 97 -39.22 -13.78 29.56
CA THR K 97 -39.41 -12.70 30.52
C THR K 97 -38.30 -11.70 30.36
N PHE K 98 -38.63 -10.42 30.43
CA PHE K 98 -37.67 -9.34 30.25
C PHE K 98 -37.29 -8.72 31.60
N GLY K 99 -36.27 -7.88 31.55
CA GLY K 99 -35.91 -7.05 32.68
C GLY K 99 -36.68 -5.76 32.66
N GLN K 100 -36.64 -5.03 33.78
CA GLN K 100 -37.45 -3.82 33.87
C GLN K 100 -36.93 -2.72 32.98
N GLY K 101 -35.66 -2.81 32.60
CA GLY K 101 -35.09 -1.84 31.70
C GLY K 101 -34.20 -0.82 32.36
N THR K 102 -33.10 -0.50 31.69
CA THR K 102 -32.16 0.51 32.16
C THR K 102 -32.28 1.70 31.21
N LYS K 103 -32.66 2.85 31.74
CA LYS K 103 -32.74 4.03 30.90
C LYS K 103 -31.42 4.77 31.03
N LEU K 104 -30.79 5.00 29.88
CA LEU K 104 -29.48 5.60 29.80
C LEU K 104 -29.62 7.04 29.35
N GLU K 105 -29.33 7.98 30.23
CA GLU K 105 -29.33 9.39 29.88
C GLU K 105 -27.88 9.81 29.58
N ILE K 106 -27.73 10.86 28.78
CA ILE K 106 -26.42 11.43 28.50
C ILE K 106 -26.22 12.69 29.34
N LYS K 107 -25.12 12.75 30.09
CA LYS K 107 -24.67 13.98 30.72
C LYS K 107 -23.83 14.79 29.73
N ARG K 108 -24.10 16.10 29.63
CA ARG K 108 -23.40 16.95 28.67
C ARG K 108 -23.15 18.31 29.29
N THR K 109 -22.46 19.18 28.55
CA THR K 109 -22.20 20.54 29.00
C THR K 109 -23.47 21.40 28.89
N VAL K 110 -23.60 22.36 29.82
CA VAL K 110 -24.75 23.24 29.84
C VAL K 110 -24.90 23.96 28.49
N ALA K 111 -26.14 24.14 28.06
CA ALA K 111 -26.45 24.78 26.77
C ALA K 111 -27.69 25.63 26.91
N ALA K 112 -27.76 26.72 26.12
CA ALA K 112 -28.84 27.67 26.31
C ALA K 112 -29.82 27.63 25.15
N PRO K 113 -31.10 27.94 25.40
CA PRO K 113 -32.14 27.77 24.36
C PRO K 113 -32.19 28.93 23.37
N SER K 114 -32.15 28.58 22.08
CA SER K 114 -32.73 29.46 21.07
C SER K 114 -34.23 29.54 21.36
N VAL K 115 -34.77 30.76 21.45
CA VAL K 115 -36.16 30.97 21.82
C VAL K 115 -36.92 31.52 20.62
N PHE K 116 -38.13 31.00 20.37
CA PHE K 116 -39.00 31.43 19.28
C PHE K 116 -40.44 31.48 19.77
N ILE K 117 -41.22 32.38 19.19
CA ILE K 117 -42.65 32.49 19.50
C ILE K 117 -43.43 32.59 18.19
N PHE K 118 -44.60 31.95 18.16
CA PHE K 118 -45.41 31.82 16.96
C PHE K 118 -46.83 32.30 17.26
N PRO K 119 -47.32 33.31 16.54
CA PRO K 119 -48.69 33.79 16.80
C PRO K 119 -49.71 32.78 16.33
N PRO K 120 -50.92 32.76 16.92
CA PRO K 120 -51.95 31.84 16.45
C PRO K 120 -52.37 32.21 15.04
N SER K 121 -52.36 31.21 14.16
CA SER K 121 -52.51 31.40 12.72
C SER K 121 -53.91 31.93 12.36
N ASP K 122 -54.02 32.45 11.13
CA ASP K 122 -55.29 32.99 10.64
C ASP K 122 -56.36 31.91 10.65
N GLU K 123 -56.05 30.78 10.05
CA GLU K 123 -57.00 29.70 9.87
C GLU K 123 -57.50 29.14 11.20
N GLN K 124 -56.66 29.18 12.25
CA GLN K 124 -57.09 28.71 13.57
C GLN K 124 -57.98 29.71 14.27
N LEU K 125 -57.71 31.01 14.09
CA LEU K 125 -58.55 32.03 14.71
C LEU K 125 -59.97 31.99 14.19
N LYS K 126 -60.16 31.55 12.94
CA LYS K 126 -61.50 31.40 12.37
C LYS K 126 -62.37 30.42 13.17
N SER K 127 -61.76 29.41 13.82
CA SER K 127 -62.48 28.34 14.53
C SER K 127 -62.96 28.73 15.93
N GLY K 128 -62.52 29.89 16.47
CA GLY K 128 -62.92 30.33 17.79
C GLY K 128 -61.94 30.04 18.92
N THR K 129 -60.78 29.46 18.64
CA THR K 129 -59.77 29.16 19.65
C THR K 129 -58.44 29.74 19.18
N ALA K 130 -57.73 30.39 20.10
CA ALA K 130 -56.43 30.98 19.81
C ALA K 130 -55.36 30.31 20.67
N SER K 131 -54.23 29.95 20.04
CA SER K 131 -53.13 29.27 20.71
C SER K 131 -51.81 29.98 20.42
N VAL K 132 -51.07 30.31 21.48
CA VAL K 132 -49.79 30.99 21.37
C VAL K 132 -48.70 29.98 21.72
N VAL K 133 -47.71 29.85 20.84
CA VAL K 133 -46.65 28.85 20.98
C VAL K 133 -45.33 29.54 21.30
N CYS K 134 -44.63 29.03 22.32
CA CYS K 134 -43.31 29.49 22.74
C CYS K 134 -42.37 28.29 22.68
N LEU K 135 -41.28 28.40 21.91
CA LEU K 135 -40.39 27.28 21.64
C LEU K 135 -39.01 27.54 22.22
N LEU K 136 -38.48 26.56 22.96
CA LEU K 136 -37.11 26.58 23.50
C LEU K 136 -36.34 25.45 22.80
N ASN K 137 -35.40 25.80 21.92
CA ASN K 137 -34.79 24.78 21.05
C ASN K 137 -33.34 24.53 21.42
N ASN K 138 -33.02 23.26 21.68
CA ASN K 138 -31.67 22.72 21.88
C ASN K 138 -31.00 23.35 23.09
N PHE K 139 -31.31 22.85 24.29
CA PHE K 139 -30.71 23.35 25.50
C PHE K 139 -30.42 22.17 26.43
N TYR K 140 -29.73 22.47 27.53
CA TYR K 140 -29.38 21.48 28.54
C TYR K 140 -29.01 22.22 29.81
N PRO K 141 -29.41 21.73 30.99
CA PRO K 141 -30.27 20.57 31.19
C PRO K 141 -31.71 20.86 30.82
N ARG K 142 -32.61 19.89 31.01
CA ARG K 142 -34.00 20.02 30.58
C ARG K 142 -34.77 21.02 31.43
N GLU K 143 -34.36 21.19 32.70
CA GLU K 143 -35.10 22.02 33.65
C GLU K 143 -35.14 23.47 33.19
N ALA K 144 -36.35 24.04 33.15
CA ALA K 144 -36.57 25.38 32.63
C ALA K 144 -37.99 25.82 32.99
N LYS K 145 -38.16 27.13 33.19
CA LYS K 145 -39.45 27.73 33.55
C LYS K 145 -39.88 28.68 32.44
N VAL K 146 -41.05 28.41 31.85
CA VAL K 146 -41.66 29.29 30.86
C VAL K 146 -42.85 29.98 31.52
N GLN K 147 -42.87 31.30 31.46
CA GLN K 147 -43.88 32.13 32.08
C GLN K 147 -44.59 32.95 31.01
N TRP K 148 -45.90 32.86 30.94
CA TRP K 148 -46.65 33.69 30.02
C TRP K 148 -47.04 34.99 30.72
N LYS K 149 -46.99 36.07 29.95
CA LYS K 149 -47.49 37.37 30.37
C LYS K 149 -48.29 37.95 29.22
N VAL K 150 -49.55 38.29 29.48
CA VAL K 150 -50.40 38.94 28.50
C VAL K 150 -50.66 40.33 29.06
N ASP K 151 -49.96 41.32 28.49
CA ASP K 151 -49.92 42.67 29.03
C ASP K 151 -49.50 42.64 30.49
N ASN K 152 -48.41 41.91 30.76
CA ASN K 152 -47.87 41.74 32.11
C ASN K 152 -48.89 41.16 33.09
N ALA K 153 -50.02 40.64 32.62
CA ALA K 153 -50.90 39.85 33.46
C ALA K 153 -50.31 38.43 33.50
N LEU K 154 -49.82 38.03 34.67
CA LEU K 154 -49.16 36.73 34.81
C LEU K 154 -50.17 35.59 34.69
N GLN K 155 -49.97 34.71 33.71
CA GLN K 155 -50.92 33.66 33.38
C GLN K 155 -50.74 32.42 34.24
N SER K 156 -51.85 31.78 34.60
CA SER K 156 -51.80 30.56 35.39
C SER K 156 -52.98 29.67 35.03
N GLY K 157 -52.68 28.45 34.57
CA GLY K 157 -53.70 27.46 34.29
C GLY K 157 -54.23 27.44 32.87
N ASN K 158 -53.78 28.33 32.00
CA ASN K 158 -54.21 28.33 30.60
C ASN K 158 -53.11 27.89 29.64
N SER K 159 -52.09 27.17 30.13
CA SER K 159 -51.00 26.68 29.30
C SER K 159 -50.53 25.30 29.78
N GLN K 160 -50.01 24.51 28.83
CA GLN K 160 -49.37 23.22 29.08
C GLN K 160 -48.00 23.20 28.39
N GLU K 161 -47.13 22.28 28.82
CA GLU K 161 -45.81 22.16 28.20
C GLU K 161 -45.48 20.71 27.90
N SER K 162 -44.48 20.52 27.04
CA SER K 162 -44.10 19.20 26.53
C SER K 162 -42.61 19.22 26.18
N VAL K 163 -41.84 18.31 26.79
CA VAL K 163 -40.39 18.27 26.64
CA VAL K 163 -40.38 18.27 26.63
C VAL K 163 -40.01 17.15 25.68
N THR K 164 -39.07 17.41 24.76
CA THR K 164 -38.69 16.32 23.87
C THR K 164 -37.74 15.35 24.58
N GLU K 165 -37.32 14.33 23.86
CA GLU K 165 -36.29 13.46 24.36
C GLU K 165 -34.91 13.99 23.96
N GLN K 166 -33.90 13.58 24.73
CA GLN K 166 -32.54 13.96 24.41
C GLN K 166 -32.25 13.63 22.95
N ASP K 167 -31.52 14.49 22.28
CA ASP K 167 -31.31 14.30 20.86
C ASP K 167 -30.30 13.20 20.60
N SER K 168 -30.55 12.42 19.55
CA SER K 168 -29.62 11.35 19.20
C SER K 168 -28.26 11.90 18.79
N LYS K 169 -28.22 13.16 18.34
CA LYS K 169 -27.04 13.78 17.73
C LYS K 169 -26.29 14.73 18.67
N ASP K 170 -26.97 15.59 19.46
CA ASP K 170 -26.28 16.51 20.38
C ASP K 170 -26.68 16.35 21.85
N SER K 171 -27.56 15.41 22.18
CA SER K 171 -27.91 15.09 23.56
C SER K 171 -28.61 16.26 24.26
N THR K 172 -29.27 17.14 23.49
CA THR K 172 -30.01 18.28 24.01
C THR K 172 -31.51 18.03 24.04
N TYR K 173 -32.20 18.78 24.89
CA TYR K 173 -33.65 18.78 24.96
C TYR K 173 -34.23 19.91 24.11
N SER K 174 -35.54 19.86 23.91
CA SER K 174 -36.32 20.97 23.37
C SER K 174 -37.67 20.98 24.09
N LEU K 175 -38.30 22.15 24.14
CA LEU K 175 -39.46 22.35 25.00
C LEU K 175 -40.52 23.15 24.28
N SER K 176 -41.79 22.81 24.55
CA SER K 176 -42.95 23.46 23.96
C SER K 176 -43.86 23.94 25.07
N SER K 177 -44.11 25.24 25.13
CA SER K 177 -45.19 25.80 25.92
C SER K 177 -46.23 26.39 24.98
N THR K 178 -47.49 26.01 25.19
CA THR K 178 -48.61 26.47 24.36
C THR K 178 -49.68 27.08 25.26
N LEU K 179 -50.11 28.31 24.94
CA LEU K 179 -51.15 29.02 25.69
C LEU K 179 -52.43 29.09 24.85
N THR K 180 -53.51 28.52 25.38
CA THR K 180 -54.83 28.52 24.75
C THR K 180 -55.84 29.32 25.59
N LEU K 181 -56.55 30.24 24.94
CA LEU K 181 -57.76 30.87 25.47
C LEU K 181 -58.76 30.97 24.32
N SER K 182 -60.00 31.34 24.66
CA SER K 182 -61.01 31.61 23.65
C SER K 182 -60.59 32.78 22.75
N LYS K 183 -61.11 32.79 21.51
CA LYS K 183 -60.87 33.92 20.61
C LYS K 183 -61.37 35.23 21.22
N ALA K 184 -62.44 35.14 22.02
CA ALA K 184 -62.97 36.30 22.73
C ALA K 184 -61.88 36.97 23.57
N ASP K 185 -61.25 36.21 24.46
CA ASP K 185 -60.22 36.75 25.34
C ASP K 185 -58.96 37.20 24.58
N TYR K 186 -58.68 36.57 23.42
CA TYR K 186 -57.40 36.79 22.73
C TYR K 186 -57.28 38.21 22.16
N GLU K 187 -58.33 38.73 21.55
CA GLU K 187 -58.25 40.04 20.92
C GLU K 187 -58.42 41.18 21.92
N LYS K 188 -58.84 40.87 23.15
CA LYS K 188 -58.95 41.84 24.23
C LYS K 188 -57.59 42.29 24.76
N HIS K 189 -56.46 41.95 24.11
CA HIS K 189 -55.14 42.33 24.61
C HIS K 189 -54.19 42.53 23.44
N LYS K 190 -53.03 43.09 23.76
CA LYS K 190 -52.01 43.52 22.80
C LYS K 190 -50.69 42.78 22.94
N VAL K 191 -50.09 42.78 24.14
CA VAL K 191 -48.71 42.36 24.37
C VAL K 191 -48.71 40.91 24.85
N TYR K 192 -48.20 40.02 23.99
CA TYR K 192 -47.92 38.62 24.35
C TYR K 192 -46.41 38.43 24.46
N ALA K 193 -45.97 37.87 25.59
CA ALA K 193 -44.54 37.72 25.85
C ALA K 193 -44.33 36.53 26.77
N CYS K 194 -43.72 35.46 26.25
CA CYS K 194 -43.34 34.32 27.07
CA CYS K 194 -43.34 34.32 27.07
C CYS K 194 -41.95 34.56 27.63
N GLU K 195 -41.80 34.37 28.93
CA GLU K 195 -40.57 34.63 29.66
C GLU K 195 -39.83 33.32 29.89
N VAL K 196 -38.65 33.19 29.29
CA VAL K 196 -37.88 31.95 29.34
C VAL K 196 -36.74 32.15 30.33
N THR K 197 -36.76 31.44 31.44
CA THR K 197 -35.68 31.49 32.43
C THR K 197 -34.96 30.14 32.43
N HIS K 198 -33.64 30.15 32.18
CA HIS K 198 -32.87 28.91 32.10
C HIS K 198 -31.45 29.11 32.63
N GLN K 199 -30.89 28.03 33.17
CA GLN K 199 -29.53 28.06 33.71
C GLN K 199 -28.50 28.53 32.66
N GLY K 200 -28.68 28.15 31.41
CA GLY K 200 -27.72 28.54 30.38
C GLY K 200 -27.82 29.97 29.95
N LEU K 201 -28.68 30.74 30.62
CA LEU K 201 -28.92 32.14 30.31
C LEU K 201 -28.43 33.02 31.45
N SER K 202 -27.72 34.10 31.09
CA SER K 202 -27.30 35.09 32.09
C SER K 202 -28.52 35.73 32.76
N SER K 203 -29.50 36.17 31.97
CA SER K 203 -30.74 36.77 32.44
C SER K 203 -31.89 36.24 31.61
N PRO K 204 -33.10 36.08 32.22
CA PRO K 204 -34.24 35.48 31.49
C PRO K 204 -34.56 36.14 30.16
N VAL K 205 -34.40 35.43 29.05
CA VAL K 205 -34.70 35.98 27.73
C VAL K 205 -36.17 35.81 27.45
N THR K 206 -36.83 36.92 27.09
CA THR K 206 -38.25 36.93 26.76
C THR K 206 -38.36 37.31 25.29
N LYS K 207 -39.18 36.56 24.56
CA LYS K 207 -39.50 36.89 23.18
C LYS K 207 -40.99 37.14 23.11
N SER K 208 -41.39 38.13 22.30
CA SER K 208 -42.76 38.60 22.29
C SER K 208 -43.18 39.06 20.90
N PHE K 209 -44.51 39.18 20.74
CA PHE K 209 -45.13 39.86 19.61
C PHE K 209 -46.28 40.69 20.17
N ASN K 210 -46.85 41.53 19.29
CA ASN K 210 -48.10 42.24 19.57
C ASN K 210 -49.11 41.89 18.47
N ARG K 211 -50.38 41.78 18.87
CA ARG K 211 -51.40 41.12 18.04
C ARG K 211 -51.56 41.73 16.65
N GLY K 212 -51.52 40.86 15.64
CA GLY K 212 -51.78 41.23 14.26
C GLY K 212 -50.69 41.94 13.48
N GLU K 213 -49.44 41.46 13.58
CA GLU K 213 -48.28 42.10 12.93
C GLU K 213 -47.97 43.40 13.68
N CYS K 214 -47.73 43.29 14.99
CA CYS K 214 -47.43 44.46 15.82
C CYS K 214 -46.34 44.10 16.82
N ASP L 1 -11.50 19.40 -20.78
CA ASP L 1 -11.72 18.20 -19.99
C ASP L 1 -13.21 18.08 -19.75
N ILE L 2 -13.93 18.85 -20.56
CA ILE L 2 -15.37 18.90 -20.50
C ILE L 2 -15.93 17.52 -20.77
N GLN L 3 -17.00 17.17 -20.08
CA GLN L 3 -17.58 15.84 -20.21
C GLN L 3 -19.01 15.89 -20.77
N MET L 4 -19.29 15.01 -21.73
CA MET L 4 -20.56 14.95 -22.44
C MET L 4 -21.39 13.79 -21.93
N THR L 5 -22.68 14.01 -21.75
CA THR L 5 -23.59 12.97 -21.27
C THR L 5 -24.64 12.70 -22.34
N GLN L 6 -24.71 11.45 -22.80
CA GLN L 6 -25.59 11.06 -23.87
C GLN L 6 -26.75 10.22 -23.36
N SER L 7 -27.95 10.56 -23.79
CA SER L 7 -29.13 9.83 -23.44
C SER L 7 -29.97 9.63 -24.69
N PRO L 8 -30.61 8.47 -24.85
CA PRO L 8 -30.54 7.30 -23.97
C PRO L 8 -29.28 6.42 -24.17
N SER L 9 -29.17 5.33 -23.42
CA SER L 9 -28.12 4.36 -23.69
C SER L 9 -28.45 3.58 -24.95
N THR L 10 -29.56 2.87 -24.95
CA THR L 10 -30.06 2.25 -26.17
C THR L 10 -31.43 2.85 -26.49
N LEU L 11 -32.02 2.36 -27.57
CA LEU L 11 -33.20 2.96 -28.14
C LEU L 11 -33.78 2.01 -29.17
N SER L 12 -35.03 1.63 -28.98
CA SER L 12 -35.72 0.74 -29.91
C SER L 12 -36.70 1.57 -30.71
N ALA L 13 -36.80 1.26 -32.00
CA ALA L 13 -37.72 1.95 -32.89
C ALA L 13 -37.90 1.12 -34.15
N SER L 14 -39.01 1.32 -34.82
CA SER L 14 -39.29 0.65 -36.08
C SER L 14 -39.03 1.62 -37.24
N VAL L 15 -39.02 1.08 -38.46
CA VAL L 15 -38.77 1.92 -39.64
C VAL L 15 -39.87 2.98 -39.73
N GLY L 16 -39.51 4.14 -40.29
CA GLY L 16 -40.43 5.26 -40.41
C GLY L 16 -40.57 6.14 -39.17
N ASP L 17 -40.23 5.63 -37.97
CA ASP L 17 -40.32 6.43 -36.74
C ASP L 17 -39.45 7.69 -36.80
N SER L 18 -39.69 8.57 -35.83
CA SER L 18 -38.79 9.68 -35.54
C SER L 18 -38.18 9.44 -34.17
N VAL L 19 -36.88 9.70 -34.05
CA VAL L 19 -36.12 9.40 -32.85
C VAL L 19 -35.16 10.55 -32.57
N THR L 20 -34.92 10.82 -31.28
CA THR L 20 -34.02 11.92 -30.93
C THR L 20 -33.07 11.49 -29.81
N ILE L 21 -31.79 11.84 -30.01
CA ILE L 21 -30.72 11.60 -29.06
C ILE L 21 -30.25 12.95 -28.54
N THR L 22 -29.95 13.00 -27.26
CA THR L 22 -29.59 14.24 -26.58
C THR L 22 -28.21 14.09 -26.01
N CYS L 23 -27.40 15.14 -26.18
CA CYS L 23 -26.04 15.21 -25.67
C CYS L 23 -25.97 16.44 -24.78
N ARG L 24 -25.70 16.25 -23.49
CA ARG L 24 -25.61 17.36 -22.54
C ARG L 24 -24.18 17.55 -22.06
N ALA L 25 -23.68 18.78 -22.14
CA ALA L 25 -22.30 19.11 -21.85
C ALA L 25 -22.15 19.76 -20.48
N SER L 26 -21.12 19.34 -19.73
CA SER L 26 -20.93 19.86 -18.37
C SER L 26 -20.57 21.35 -18.36
N GLN L 27 -20.02 21.90 -19.45
CA GLN L 27 -19.80 23.33 -19.56
C GLN L 27 -20.21 23.77 -20.97
N SER L 28 -20.48 25.07 -21.15
CA SER L 28 -20.85 25.55 -22.47
C SER L 28 -19.67 25.42 -23.41
N ILE L 29 -19.98 24.97 -24.61
CA ILE L 29 -18.97 24.68 -25.61
C ILE L 29 -19.40 25.35 -26.89
N SER L 30 -20.11 26.46 -26.76
CA SER L 30 -20.54 27.21 -27.94
C SER L 30 -21.33 26.28 -28.85
N SER L 31 -21.01 26.19 -30.14
CA SER L 31 -21.62 25.25 -31.08
C SER L 31 -20.64 24.22 -31.59
N TRP L 32 -19.53 24.01 -30.89
CA TRP L 32 -18.47 23.09 -31.33
C TRP L 32 -18.78 21.66 -30.90
N LEU L 33 -19.83 21.10 -31.50
CA LEU L 33 -20.20 19.70 -31.28
C LEU L 33 -20.44 19.04 -32.61
N ALA L 34 -19.95 17.80 -32.75
CA ALA L 34 -20.12 17.02 -33.96
C ALA L 34 -20.85 15.73 -33.61
N TRP L 35 -21.55 15.17 -34.60
CA TRP L 35 -22.29 13.92 -34.42
C TRP L 35 -21.74 12.89 -35.39
N TYR L 36 -21.44 11.70 -34.87
CA TYR L 36 -20.87 10.62 -35.68
C TYR L 36 -21.76 9.39 -35.64
N GLN L 37 -21.85 8.68 -36.76
CA GLN L 37 -22.58 7.43 -36.83
C GLN L 37 -21.54 6.35 -37.03
N GLN L 38 -21.75 5.16 -36.44
CA GLN L 38 -20.77 4.08 -36.57
C GLN L 38 -21.46 2.74 -36.65
N LYS L 39 -21.51 2.14 -37.87
CA LYS L 39 -22.09 0.80 -37.90
C LYS L 39 -21.06 -0.26 -37.50
N PRO L 40 -21.51 -1.41 -36.99
CA PRO L 40 -20.58 -2.36 -36.37
C PRO L 40 -19.46 -2.77 -37.31
N GLY L 41 -18.23 -2.70 -36.77
CA GLY L 41 -17.03 -3.07 -37.46
C GLY L 41 -16.54 -2.09 -38.49
N LYS L 42 -17.01 -0.85 -38.45
CA LYS L 42 -16.54 0.14 -39.39
C LYS L 42 -16.09 1.37 -38.62
N ALA L 43 -15.52 2.31 -39.34
CA ALA L 43 -15.09 3.56 -38.76
C ALA L 43 -16.27 4.48 -38.52
N PRO L 44 -16.14 5.41 -37.58
CA PRO L 44 -17.15 6.47 -37.46
C PRO L 44 -17.31 7.23 -38.77
N LYS L 45 -18.53 7.75 -38.99
CA LYS L 45 -18.85 8.56 -40.17
C LYS L 45 -19.47 9.88 -39.72
N LEU L 46 -18.88 11.00 -40.14
CA LEU L 46 -19.35 12.33 -39.71
C LEU L 46 -20.71 12.66 -40.30
N LEU L 47 -21.67 13.02 -39.43
CA LEU L 47 -23.02 13.42 -39.82
C LEU L 47 -23.24 14.92 -39.75
N ILE L 48 -23.03 15.51 -38.56
CA ILE L 48 -23.34 16.91 -38.26
C ILE L 48 -22.10 17.54 -37.67
N TYR L 49 -21.80 18.79 -38.04
CA TYR L 49 -20.73 19.55 -37.38
C TYR L 49 -21.19 20.96 -37.14
N LYS L 50 -20.48 21.68 -36.26
CA LYS L 50 -20.88 23.02 -35.82
C LYS L 50 -22.31 22.98 -35.31
N ALA L 51 -22.67 21.87 -34.66
CA ALA L 51 -23.94 21.61 -33.98
C ALA L 51 -25.10 21.33 -34.93
N SER L 52 -25.13 21.99 -36.10
CA SER L 52 -26.30 21.99 -36.97
C SER L 52 -26.02 21.90 -38.47
N SER L 53 -24.77 22.04 -38.93
CA SER L 53 -24.41 21.85 -40.33
C SER L 53 -24.30 20.38 -40.67
N LEU L 54 -24.97 19.98 -41.74
CA LEU L 54 -25.00 18.60 -42.22
C LEU L 54 -23.88 18.39 -43.23
N GLU L 55 -23.05 17.36 -43.02
CA GLU L 55 -21.93 17.10 -43.92
C GLU L 55 -22.41 16.64 -45.29
N SER L 56 -21.63 16.96 -46.32
CA SER L 56 -22.03 16.69 -47.69
C SER L 56 -22.31 15.21 -47.88
N GLY L 57 -23.40 14.90 -48.59
CA GLY L 57 -23.69 13.50 -48.81
C GLY L 57 -24.39 12.80 -47.67
N VAL L 58 -24.69 13.50 -46.59
CA VAL L 58 -25.49 12.89 -45.53
C VAL L 58 -26.95 13.01 -45.94
N PRO L 59 -27.75 11.95 -45.81
CA PRO L 59 -29.19 12.08 -46.05
C PRO L 59 -29.78 13.24 -45.26
N SER L 60 -30.84 13.83 -45.80
CA SER L 60 -31.48 15.03 -45.23
C SER L 60 -32.30 14.78 -43.97
N ARG L 61 -32.65 13.52 -43.65
CA ARG L 61 -33.42 13.23 -42.44
C ARG L 61 -32.67 13.53 -41.16
N PHE L 62 -31.34 13.55 -41.21
CA PHE L 62 -30.52 13.90 -40.06
C PHE L 62 -30.54 15.40 -39.88
N SER L 63 -30.85 15.83 -38.66
CA SER L 63 -30.81 17.24 -38.35
C SER L 63 -30.35 17.38 -36.91
N GLY L 64 -29.53 18.38 -36.68
CA GLY L 64 -29.06 18.66 -35.34
C GLY L 64 -29.27 20.11 -35.01
N SER L 65 -29.55 20.36 -33.74
CA SER L 65 -29.61 21.73 -33.26
C SER L 65 -29.27 21.72 -31.79
N GLY L 66 -28.99 22.91 -31.26
CA GLY L 66 -28.57 23.07 -29.89
C GLY L 66 -27.41 24.05 -29.77
N SER L 67 -27.21 24.58 -28.56
CA SER L 67 -26.12 25.50 -28.28
C SER L 67 -25.88 25.56 -26.77
N GLY L 68 -24.64 25.88 -26.41
CA GLY L 68 -24.29 26.01 -25.01
C GLY L 68 -24.01 24.67 -24.37
N THR L 69 -25.05 24.01 -23.84
CA THR L 69 -24.86 22.74 -23.16
C THR L 69 -25.93 21.70 -23.47
N GLU L 70 -26.94 22.01 -24.28
CA GLU L 70 -27.93 21.00 -24.64
C GLU L 70 -28.02 20.93 -26.15
N PHE L 71 -27.84 19.73 -26.70
CA PHE L 71 -27.83 19.49 -28.14
C PHE L 71 -28.71 18.30 -28.45
N THR L 72 -29.15 18.22 -29.70
CA THR L 72 -29.89 17.05 -30.15
C THR L 72 -29.58 16.70 -31.59
N LEU L 73 -29.53 15.39 -31.81
CA LEU L 73 -29.55 14.78 -33.12
C LEU L 73 -30.96 14.25 -33.31
N THR L 74 -31.52 14.45 -34.49
CA THR L 74 -32.90 14.09 -34.77
C THR L 74 -32.96 13.39 -36.11
N ILE L 75 -33.36 12.13 -36.10
CA ILE L 75 -33.59 11.41 -37.35
C ILE L 75 -35.06 11.51 -37.68
N SER L 76 -35.39 12.19 -38.79
CA SER L 76 -36.80 12.42 -39.05
C SER L 76 -37.54 11.11 -39.33
N SER L 77 -37.22 10.42 -40.42
CA SER L 77 -37.95 9.21 -40.78
C SER L 77 -36.96 8.08 -40.94
N LEU L 78 -36.84 7.27 -39.90
CA LEU L 78 -35.86 6.18 -39.84
C LEU L 78 -35.92 5.31 -41.09
N GLN L 79 -34.75 4.96 -41.62
CA GLN L 79 -34.57 4.01 -42.70
C GLN L 79 -33.74 2.83 -42.16
N PRO L 80 -33.79 1.68 -42.83
CA PRO L 80 -33.05 0.52 -42.28
C PRO L 80 -31.54 0.72 -42.20
N ASP L 81 -30.96 1.58 -43.03
CA ASP L 81 -29.55 1.90 -42.90
C ASP L 81 -29.19 2.60 -41.60
N ASP L 82 -30.17 3.17 -40.92
CA ASP L 82 -29.86 4.06 -39.80
C ASP L 82 -29.76 3.37 -38.45
N PHE L 83 -29.89 2.06 -38.37
CA PHE L 83 -29.62 1.40 -37.11
C PHE L 83 -28.11 1.30 -36.91
N ALA L 84 -27.61 2.00 -35.90
CA ALA L 84 -26.18 2.05 -35.61
C ALA L 84 -26.01 2.72 -34.27
N THR L 85 -24.77 2.92 -33.86
CA THR L 85 -24.49 3.64 -32.64
C THR L 85 -24.09 5.06 -32.99
N TYR L 86 -24.58 6.02 -32.21
CA TYR L 86 -24.39 7.43 -32.48
C TYR L 86 -23.60 8.04 -31.34
N TYR L 87 -22.55 8.76 -31.69
CA TYR L 87 -21.70 9.45 -30.73
C TYR L 87 -21.73 10.94 -31.05
N CYS L 88 -21.67 11.74 -30.00
CA CYS L 88 -21.46 13.18 -30.13
C CYS L 88 -20.04 13.49 -29.67
N GLN L 89 -19.45 14.53 -30.24
CA GLN L 89 -18.09 14.88 -29.87
C GLN L 89 -18.00 16.37 -29.68
N GLN L 90 -17.40 16.80 -28.58
CA GLN L 90 -17.08 18.20 -28.38
C GLN L 90 -15.67 18.48 -28.88
N TYR L 91 -15.50 19.60 -29.58
CA TYR L 91 -14.19 19.97 -30.09
C TYR L 91 -13.88 21.46 -29.75
N ASN L 92 -14.14 21.79 -28.48
CA ASN L 92 -13.90 23.12 -27.94
C ASN L 92 -12.51 23.21 -27.31
N ASN L 93 -11.71 24.17 -27.78
CA ASN L 93 -10.43 24.56 -27.17
C ASN L 93 -9.46 23.39 -27.12
N TYR L 94 -9.16 22.84 -28.30
CA TYR L 94 -8.19 21.77 -28.45
C TYR L 94 -8.32 20.65 -27.41
N ARG L 95 -9.51 20.45 -26.86
CA ARG L 95 -9.81 19.30 -26.01
C ARG L 95 -10.95 18.53 -26.66
N TYR L 96 -10.72 17.28 -27.05
CA TYR L 96 -11.70 16.49 -27.77
C TYR L 96 -12.27 15.41 -26.87
N THR L 97 -13.59 15.31 -26.79
CA THR L 97 -14.30 14.38 -25.92
C THR L 97 -15.53 13.81 -26.61
N PHE L 98 -15.79 12.53 -26.40
CA PHE L 98 -16.93 11.87 -27.01
C PHE L 98 -17.99 11.62 -25.96
N GLY L 99 -19.20 11.27 -26.43
CA GLY L 99 -20.26 10.80 -25.56
C GLY L 99 -20.21 9.32 -25.42
N GLN L 100 -20.93 8.81 -24.43
CA GLN L 100 -20.84 7.36 -24.18
C GLN L 100 -21.49 6.54 -25.27
N GLY L 101 -22.35 7.15 -26.09
CA GLY L 101 -22.89 6.46 -27.25
C GLY L 101 -24.30 5.94 -27.13
N THR L 102 -25.11 6.12 -28.18
CA THR L 102 -26.49 5.67 -28.21
C THR L 102 -26.69 4.63 -29.29
N LYS L 103 -27.08 3.43 -28.90
CA LYS L 103 -27.26 2.36 -29.87
C LYS L 103 -28.73 2.30 -30.28
N LEU L 104 -28.97 2.35 -31.57
CA LEU L 104 -30.30 2.39 -32.11
C LEU L 104 -30.62 0.99 -32.60
N GLU L 105 -31.46 0.28 -31.85
CA GLU L 105 -31.86 -1.09 -32.10
C GLU L 105 -33.23 -1.15 -32.75
N ILE L 106 -33.51 -2.25 -33.44
CA ILE L 106 -34.83 -2.42 -34.07
C ILE L 106 -35.80 -2.88 -33.00
N LYS L 107 -36.89 -2.12 -32.81
CA LYS L 107 -37.95 -2.53 -31.90
C LYS L 107 -38.79 -3.61 -32.57
N ARG L 108 -39.06 -4.69 -31.83
CA ARG L 108 -39.86 -5.80 -32.34
C ARG L 108 -40.70 -6.36 -31.21
N THR L 109 -41.52 -7.36 -31.56
CA THR L 109 -42.40 -8.01 -30.60
C THR L 109 -41.61 -8.95 -29.68
N VAL L 110 -42.07 -9.04 -28.43
CA VAL L 110 -41.40 -9.92 -27.46
C VAL L 110 -41.39 -11.35 -27.95
N ALA L 111 -40.29 -12.05 -27.67
CA ALA L 111 -40.10 -13.45 -28.08
C ALA L 111 -39.35 -14.17 -26.97
N ALA L 112 -39.57 -15.45 -26.89
CA ALA L 112 -38.93 -16.14 -25.79
C ALA L 112 -37.86 -17.08 -26.33
N PRO L 113 -36.85 -17.39 -25.52
CA PRO L 113 -35.69 -18.15 -26.03
C PRO L 113 -35.95 -19.65 -26.13
N SER L 114 -35.65 -20.22 -27.29
CA SER L 114 -35.35 -21.65 -27.32
C SER L 114 -34.10 -21.88 -26.47
N VAL L 115 -34.18 -22.79 -25.50
CA VAL L 115 -33.07 -23.00 -24.57
C VAL L 115 -32.53 -24.41 -24.71
N PHE L 116 -31.20 -24.53 -24.76
CA PHE L 116 -30.53 -25.79 -24.95
C PHE L 116 -29.30 -25.84 -24.05
N ILE L 117 -28.94 -27.05 -23.62
CA ILE L 117 -27.76 -27.29 -22.80
C ILE L 117 -26.93 -28.41 -23.43
N PHE L 118 -25.62 -28.30 -23.34
CA PHE L 118 -24.70 -29.22 -24.02
C PHE L 118 -23.70 -29.77 -23.02
N PRO L 119 -23.62 -31.08 -22.84
CA PRO L 119 -22.63 -31.63 -21.95
C PRO L 119 -21.25 -31.51 -22.56
N PRO L 120 -20.19 -31.45 -21.76
CA PRO L 120 -18.85 -31.38 -22.33
C PRO L 120 -18.52 -32.67 -23.05
N SER L 121 -17.96 -32.53 -24.26
CA SER L 121 -17.68 -33.67 -25.12
C SER L 121 -16.62 -34.59 -24.52
N ASP L 122 -16.66 -35.84 -24.96
CA ASP L 122 -15.68 -36.83 -24.52
C ASP L 122 -14.27 -36.43 -24.92
N GLU L 123 -14.12 -35.95 -26.16
CA GLU L 123 -12.79 -35.60 -26.65
C GLU L 123 -12.14 -34.53 -25.79
N GLN L 124 -12.95 -33.62 -25.25
CA GLN L 124 -12.44 -32.54 -24.42
C GLN L 124 -12.08 -33.02 -23.04
N LEU L 125 -12.84 -33.96 -22.51
CA LEU L 125 -12.61 -34.41 -21.16
C LEU L 125 -11.22 -35.00 -20.99
N LYS L 126 -10.70 -35.66 -22.04
CA LYS L 126 -9.35 -36.21 -21.95
C LYS L 126 -8.32 -35.12 -21.64
N SER L 127 -8.61 -33.88 -22.02
CA SER L 127 -7.67 -32.78 -21.89
C SER L 127 -7.58 -32.23 -20.47
N GLY L 128 -8.48 -32.64 -19.58
CA GLY L 128 -8.48 -32.16 -18.22
C GLY L 128 -9.40 -30.99 -17.97
N THR L 129 -10.16 -30.57 -18.98
CA THR L 129 -11.06 -29.45 -18.90
C THR L 129 -12.43 -29.86 -19.39
N ALA L 130 -13.47 -29.44 -18.67
CA ALA L 130 -14.84 -29.65 -19.08
C ALA L 130 -15.54 -28.31 -19.23
N SER L 131 -16.29 -28.15 -20.31
CA SER L 131 -17.03 -26.92 -20.58
C SER L 131 -18.48 -27.26 -20.84
N VAL L 132 -19.38 -26.59 -20.16
CA VAL L 132 -20.81 -26.79 -20.35
C VAL L 132 -21.36 -25.55 -21.01
N VAL L 133 -22.06 -25.72 -22.11
CA VAL L 133 -22.56 -24.60 -22.86
C VAL L 133 -24.06 -24.58 -22.70
N CYS L 134 -24.60 -23.38 -22.48
CA CYS L 134 -26.03 -23.13 -22.38
C CYS L 134 -26.37 -22.14 -23.48
N LEU L 135 -27.37 -22.46 -24.30
CA LEU L 135 -27.69 -21.64 -25.46
C LEU L 135 -29.10 -21.11 -25.35
N LEU L 136 -29.25 -19.80 -25.53
CA LEU L 136 -30.53 -19.12 -25.59
C LEU L 136 -30.72 -18.60 -27.01
N ASN L 137 -31.65 -19.18 -27.75
CA ASN L 137 -31.73 -18.91 -29.18
C ASN L 137 -32.94 -18.04 -29.52
N ASN L 138 -32.67 -16.91 -30.15
CA ASN L 138 -33.68 -16.09 -30.84
C ASN L 138 -34.76 -15.57 -29.91
N PHE L 139 -34.44 -14.50 -29.23
CA PHE L 139 -35.34 -13.90 -28.28
C PHE L 139 -35.27 -12.39 -28.43
N TYR L 140 -36.10 -11.71 -27.67
CA TYR L 140 -36.16 -10.25 -27.64
C TYR L 140 -36.94 -9.95 -26.37
N PRO L 141 -36.61 -8.88 -25.63
CA PRO L 141 -35.50 -7.96 -25.80
C PRO L 141 -34.23 -8.65 -25.35
N ARG L 142 -33.09 -7.95 -25.35
CA ARG L 142 -31.84 -8.67 -25.10
C ARG L 142 -31.73 -9.12 -23.65
N GLU L 143 -32.40 -8.42 -22.73
CA GLU L 143 -32.23 -8.70 -21.29
C GLU L 143 -32.65 -10.13 -20.98
N ALA L 144 -31.76 -10.86 -20.31
CA ALA L 144 -31.99 -12.24 -19.97
C ALA L 144 -30.90 -12.63 -19.01
N LYS L 145 -31.22 -13.47 -18.04
CA LYS L 145 -30.27 -13.88 -17.01
C LYS L 145 -30.18 -15.40 -17.01
N VAL L 146 -28.95 -15.92 -17.15
CA VAL L 146 -28.66 -17.34 -17.09
C VAL L 146 -27.95 -17.65 -15.79
N GLN L 147 -28.50 -18.58 -15.03
CA GLN L 147 -27.96 -18.99 -13.74
C GLN L 147 -27.64 -20.48 -13.82
N TRP L 148 -26.40 -20.83 -13.51
CA TRP L 148 -25.94 -22.21 -13.50
C TRP L 148 -26.17 -22.87 -12.15
N LYS L 149 -26.41 -24.18 -12.17
CA LYS L 149 -26.53 -24.98 -10.95
C LYS L 149 -25.76 -26.28 -11.09
N VAL L 150 -24.88 -26.57 -10.14
CA VAL L 150 -24.19 -27.87 -10.08
C VAL L 150 -24.54 -28.57 -8.76
N ASP L 151 -25.40 -29.59 -8.85
CA ASP L 151 -26.02 -30.27 -7.70
C ASP L 151 -26.76 -29.26 -6.81
N ASN L 152 -27.61 -28.47 -7.46
CA ASN L 152 -28.43 -27.43 -6.87
C ASN L 152 -27.64 -26.34 -6.17
N ALA L 153 -26.30 -26.35 -6.28
CA ALA L 153 -25.45 -25.25 -5.85
C ALA L 153 -25.36 -24.22 -6.98
N LEU L 154 -25.88 -23.01 -6.77
CA LEU L 154 -25.82 -21.99 -7.80
C LEU L 154 -24.39 -21.52 -7.95
N GLN L 155 -23.83 -21.68 -9.16
CA GLN L 155 -22.45 -21.31 -9.46
C GLN L 155 -22.39 -19.87 -9.92
N SER L 156 -21.31 -19.18 -9.57
CA SER L 156 -21.16 -17.77 -9.94
C SER L 156 -19.70 -17.42 -10.15
N GLY L 157 -19.37 -16.87 -11.32
CA GLY L 157 -18.01 -16.42 -11.55
C GLY L 157 -17.09 -17.43 -12.22
N ASN L 158 -17.56 -18.63 -12.52
CA ASN L 158 -16.83 -19.56 -13.36
C ASN L 158 -17.55 -19.75 -14.69
N SER L 159 -18.29 -18.75 -15.12
CA SER L 159 -19.00 -18.82 -16.39
C SER L 159 -18.82 -17.51 -17.12
N GLN L 160 -18.81 -17.57 -18.45
CA GLN L 160 -18.79 -16.36 -19.27
C GLN L 160 -19.87 -16.47 -20.32
N GLU L 161 -20.36 -15.31 -20.78
CA GLU L 161 -21.40 -15.32 -21.79
C GLU L 161 -21.13 -14.29 -22.86
N SER L 162 -21.86 -14.45 -23.96
CA SER L 162 -21.61 -13.73 -25.20
C SER L 162 -22.94 -13.60 -25.94
N VAL L 163 -23.28 -12.40 -26.40
CA VAL L 163 -24.54 -12.12 -27.06
CA VAL L 163 -24.54 -12.12 -27.06
C VAL L 163 -24.27 -11.75 -28.51
N THR L 164 -25.08 -12.28 -29.43
CA THR L 164 -24.92 -11.84 -30.80
C THR L 164 -25.51 -10.46 -30.97
N GLU L 165 -25.39 -9.96 -32.19
CA GLU L 165 -26.08 -8.74 -32.58
C GLU L 165 -27.49 -9.06 -33.04
N GLN L 166 -28.32 -8.03 -33.07
CA GLN L 166 -29.67 -8.23 -33.57
C GLN L 166 -29.63 -8.93 -34.92
N ASP L 167 -30.51 -9.89 -35.08
CA ASP L 167 -30.47 -10.71 -36.27
C ASP L 167 -31.01 -9.97 -37.49
N SER L 168 -30.40 -10.24 -38.64
CA SER L 168 -30.78 -9.52 -39.86
C SER L 168 -32.21 -9.80 -40.27
N LYS L 169 -32.70 -11.01 -40.02
CA LYS L 169 -33.97 -11.44 -40.58
C LYS L 169 -35.13 -11.25 -39.63
N ASP L 170 -34.95 -11.56 -38.34
CA ASP L 170 -36.04 -11.44 -37.37
C ASP L 170 -35.73 -10.52 -36.19
N SER L 171 -34.58 -9.86 -36.18
CA SER L 171 -34.22 -8.86 -35.16
C SER L 171 -34.14 -9.40 -33.72
N THR L 172 -33.89 -10.70 -33.54
CA THR L 172 -33.75 -11.29 -32.22
C THR L 172 -32.29 -11.51 -31.83
N TYR L 173 -32.04 -11.53 -30.53
CA TYR L 173 -30.71 -11.82 -30.03
C TYR L 173 -30.56 -13.29 -29.74
N SER L 174 -29.32 -13.71 -29.53
CA SER L 174 -29.02 -15.06 -29.11
C SER L 174 -27.88 -14.98 -28.13
N LEU L 175 -27.76 -15.98 -27.28
CA LEU L 175 -26.86 -15.88 -26.15
C LEU L 175 -26.26 -17.24 -25.81
N SER L 176 -24.98 -17.24 -25.46
CA SER L 176 -24.23 -18.44 -25.12
C SER L 176 -23.58 -18.19 -23.77
N SER L 177 -23.90 -19.03 -22.79
CA SER L 177 -23.21 -19.06 -21.51
C SER L 177 -22.39 -20.35 -21.41
N THR L 178 -21.13 -20.22 -21.03
CA THR L 178 -20.23 -21.36 -20.99
C THR L 178 -19.70 -21.47 -19.58
N LEU L 179 -19.85 -22.66 -18.99
CA LEU L 179 -19.38 -22.98 -17.66
C LEU L 179 -18.14 -23.83 -17.80
N THR L 180 -17.03 -23.36 -17.24
CA THR L 180 -15.77 -24.08 -17.32
C THR L 180 -15.42 -24.67 -15.96
N LEU L 181 -15.08 -25.96 -15.94
CA LEU L 181 -14.51 -26.62 -14.77
C LEU L 181 -13.32 -27.48 -15.17
N SER L 182 -12.54 -27.86 -14.16
CA SER L 182 -11.53 -28.88 -14.35
C SER L 182 -12.21 -30.22 -14.60
N LYS L 183 -11.48 -31.14 -15.23
CA LYS L 183 -12.03 -32.49 -15.35
C LYS L 183 -12.28 -33.10 -13.97
N ALA L 184 -11.35 -32.85 -13.05
CA ALA L 184 -11.44 -33.34 -11.68
C ALA L 184 -12.75 -32.92 -11.03
N ASP L 185 -12.99 -31.60 -10.98
CA ASP L 185 -14.21 -31.08 -10.36
C ASP L 185 -15.44 -31.53 -11.15
N TYR L 186 -15.32 -31.71 -12.46
CA TYR L 186 -16.50 -32.02 -13.24
C TYR L 186 -17.04 -33.39 -12.87
N GLU L 187 -16.15 -34.36 -12.62
CA GLU L 187 -16.63 -35.69 -12.29
C GLU L 187 -17.04 -35.83 -10.84
N LYS L 188 -16.65 -34.88 -9.98
CA LYS L 188 -17.13 -34.89 -8.59
C LYS L 188 -18.63 -34.49 -8.47
N HIS L 189 -19.43 -34.36 -9.52
CA HIS L 189 -20.81 -33.90 -9.40
C HIS L 189 -21.68 -34.56 -10.46
N LYS L 190 -23.00 -34.47 -10.27
CA LYS L 190 -23.91 -35.18 -11.16
C LYS L 190 -24.82 -34.27 -11.97
N VAL L 191 -25.58 -33.40 -11.32
CA VAL L 191 -26.64 -32.68 -12.00
C VAL L 191 -26.12 -31.31 -12.41
N TYR L 192 -26.03 -31.10 -13.71
CA TYR L 192 -25.72 -29.79 -14.29
C TYR L 192 -26.99 -29.22 -14.90
N ALA L 193 -27.28 -27.93 -14.62
CA ALA L 193 -28.43 -27.26 -15.19
C ALA L 193 -28.21 -25.76 -15.25
N CYS L 194 -28.71 -25.14 -16.33
CA CYS L 194 -28.74 -23.68 -16.43
CA CYS L 194 -28.74 -23.68 -16.43
C CYS L 194 -30.19 -23.24 -16.43
N GLU L 195 -30.45 -22.11 -15.79
CA GLU L 195 -31.80 -21.69 -15.48
C GLU L 195 -32.01 -20.30 -16.04
N VAL L 196 -32.90 -20.20 -17.01
CA VAL L 196 -33.05 -19.02 -17.83
C VAL L 196 -34.27 -18.25 -17.39
N THR L 197 -34.09 -17.03 -16.92
CA THR L 197 -35.22 -16.19 -16.60
C THR L 197 -35.28 -15.09 -17.67
N HIS L 198 -36.44 -14.96 -18.34
CA HIS L 198 -36.59 -13.98 -19.40
C HIS L 198 -37.99 -13.38 -19.36
N GLN L 199 -38.05 -12.11 -19.78
CA GLN L 199 -39.32 -11.39 -19.86
C GLN L 199 -40.34 -12.13 -20.70
N GLY L 200 -39.92 -12.84 -21.71
CA GLY L 200 -40.89 -13.58 -22.49
C GLY L 200 -41.31 -14.90 -21.89
N LEU L 201 -40.84 -15.22 -20.68
CA LEU L 201 -41.20 -16.47 -20.05
C LEU L 201 -42.03 -16.20 -18.81
N SER L 202 -43.13 -16.95 -18.68
CA SER L 202 -44.01 -16.88 -17.52
C SER L 202 -43.27 -17.24 -16.23
N SER L 203 -42.49 -18.32 -16.26
CA SER L 203 -41.69 -18.80 -15.15
C SER L 203 -40.32 -19.26 -15.63
N PRO L 204 -39.28 -19.13 -14.79
CA PRO L 204 -37.91 -19.52 -15.20
C PRO L 204 -37.75 -20.92 -15.81
N VAL L 205 -37.25 -21.00 -17.05
CA VAL L 205 -37.03 -22.29 -17.71
C VAL L 205 -35.71 -22.89 -17.28
N THR L 206 -35.75 -24.16 -16.88
CA THR L 206 -34.57 -24.89 -16.47
C THR L 206 -34.40 -26.08 -17.39
N LYS L 207 -33.21 -26.25 -17.93
CA LYS L 207 -32.83 -27.43 -18.69
C LYS L 207 -31.62 -28.05 -18.01
N SER L 208 -31.56 -29.37 -17.99
CA SER L 208 -30.48 -30.02 -17.26
C SER L 208 -30.10 -31.34 -17.94
N PHE L 209 -28.95 -31.88 -17.51
CA PHE L 209 -28.56 -33.22 -17.87
C PHE L 209 -27.99 -33.87 -16.62
N ASN L 210 -27.66 -35.16 -16.72
CA ASN L 210 -26.95 -35.87 -15.67
C ASN L 210 -25.64 -36.38 -16.25
N ARG L 211 -24.59 -36.38 -15.44
CA ARG L 211 -23.28 -36.79 -15.95
C ARG L 211 -23.36 -38.25 -16.40
N GLY L 212 -22.79 -38.55 -17.57
CA GLY L 212 -22.78 -39.92 -18.03
C GLY L 212 -24.10 -40.40 -18.61
N GLU L 213 -24.75 -39.55 -19.41
CA GLU L 213 -26.09 -39.78 -20.01
C GLU L 213 -27.28 -39.66 -19.02
C1 NAG M . 31.85 -28.55 8.21
C2 NAG M . 33.36 -28.52 8.14
C3 NAG M . 33.88 -29.43 7.03
C4 NAG M . 33.22 -30.81 7.04
C5 NAG M . 31.70 -30.76 7.25
C6 NAG M . 31.06 -32.12 7.52
C7 NAG M . 34.86 -26.62 8.61
C8 NAG M . 35.20 -25.19 8.27
N2 NAG M . 33.82 -27.14 7.95
O3 NAG M . 35.29 -29.55 7.21
O4 NAG M . 33.45 -31.43 5.78
O5 NAG M . 31.40 -29.92 8.36
O6 NAG M . 31.28 -32.65 8.82
O7 NAG M . 35.49 -27.25 9.44
C1 NAG M . 34.17 -32.66 6.04
C2 NAG M . 34.54 -33.34 4.73
C3 NAG M . 35.28 -34.64 5.02
C4 NAG M . 36.44 -34.41 5.98
C5 NAG M . 36.07 -33.54 7.18
C6 NAG M . 37.27 -33.07 7.98
C7 NAG M . 33.04 -32.86 2.83
C8 NAG M . 31.81 -33.29 2.08
N2 NAG M . 33.37 -33.59 3.89
O3 NAG M . 35.70 -35.20 3.79
O4 NAG M . 36.94 -35.66 6.48
O5 NAG M . 35.36 -32.36 6.77
O6 NAG M . 37.89 -31.94 7.38
O7 NAG M . 33.71 -31.87 2.49
C1 BMA M . 37.86 -36.15 5.46
C2 BMA M . 39.40 -36.01 5.89
C3 BMA M . 40.23 -36.29 4.63
C4 BMA M . 39.54 -37.29 3.52
C5 BMA M . 38.01 -37.75 3.76
C6 BMA M . 37.73 -39.22 3.43
O2 BMA M . 39.85 -36.88 6.97
O3 BMA M . 41.57 -36.69 4.97
O4 BMA M . 39.66 -36.69 2.20
O5 BMA M . 37.57 -37.52 5.10
O6 BMA M . 38.84 -39.74 2.68
C1 NAG N . -12.56 -39.89 11.93
C2 NAG N . -13.89 -40.59 12.21
C3 NAG N . -14.01 -40.95 13.69
C4 NAG N . -12.78 -41.68 14.21
C5 NAG N . -11.47 -40.97 13.85
C6 NAG N . -10.21 -41.75 14.21
C7 NAG N . -16.03 -40.19 11.06
C8 NAG N . -17.08 -39.18 10.72
N2 NAG N . -15.00 -39.75 11.79
O3 NAG N . -15.17 -41.75 13.85
O4 NAG N . -12.86 -41.74 15.64
O5 NAG N . -11.45 -40.72 12.44
O6 NAG N . -9.94 -42.91 13.44
O7 NAG N . -16.12 -41.36 10.68
C1 NAG N . -12.87 -43.12 16.06
C2 NAG N . -13.02 -43.15 17.59
C3 NAG N . -13.03 -44.60 18.07
C4 NAG N . -14.10 -45.41 17.34
C5 NAG N . -13.99 -45.23 15.82
C6 NAG N . -15.14 -45.85 15.06
C7 NAG N . -12.15 -41.18 18.75
C8 NAG N . -10.95 -40.54 19.41
N2 NAG N . -11.96 -42.40 18.24
O3 NAG N . -13.25 -44.64 19.47
O4 NAG N . -13.97 -46.79 17.66
O5 NAG N . -13.95 -43.84 15.46
O6 NAG N . -16.19 -44.91 14.84
O7 NAG N . -13.23 -40.60 18.68
C1 BMA N . -14.84 -47.24 18.74
C2 BMA N . -14.14 -48.46 19.39
C3 BMA N . -14.97 -48.92 20.62
C4 BMA N . -15.24 -47.74 21.61
C5 BMA N . -15.99 -46.61 20.86
C6 BMA N . -16.29 -45.37 21.72
O2 BMA N . -12.79 -48.13 19.81
O3 BMA N . -14.42 -50.06 21.30
O4 BMA N . -15.99 -48.20 22.75
O5 BMA N . -15.18 -46.19 19.71
O6 BMA N . -17.41 -45.65 22.57
C1 NAG O . -41.03 -54.54 -18.66
C2 NAG O . -41.85 -53.98 -19.83
C3 NAG O . -42.70 -55.10 -20.45
C4 NAG O . -41.80 -56.25 -20.90
C5 NAG O . -40.99 -56.77 -19.72
C6 NAG O . -40.04 -57.87 -20.11
C7 NAG O . -42.42 -51.60 -19.72
C8 NAG O . -43.41 -50.58 -19.24
N2 NAG O . -42.70 -52.88 -19.42
O3 NAG O . -43.41 -54.58 -21.57
O4 NAG O . -42.54 -57.33 -21.48
O5 NAG O . -40.22 -55.70 -19.12
O6 NAG O . -40.66 -58.79 -21.00
O7 NAG O . -41.42 -51.29 -20.36
C1 NAG P . 59.16 -9.91 37.37
C2 NAG P . 58.97 -8.48 37.84
C3 NAG P . 60.22 -8.01 38.57
C4 NAG P . 60.37 -8.89 39.81
C5 NAG P . 60.55 -10.36 39.40
C6 NAG P . 60.65 -11.28 40.60
C7 NAG P . 57.84 -6.47 36.95
C8 NAG P . 57.38 -5.73 35.71
N2 NAG P . 58.56 -7.59 36.76
O3 NAG P . 60.09 -6.64 38.93
O4 NAG P . 61.45 -8.49 40.66
O5 NAG P . 59.45 -10.80 38.57
O6 NAG P . 61.70 -10.90 41.48
O7 NAG P . 57.58 -6.04 38.08
#